data_8BCH
#
_entry.id   8BCH
#
_cell.length_a   146.290
_cell.length_b   149.530
_cell.length_c   141.490
_cell.angle_alpha   90.000
_cell.angle_beta   120.320
_cell.angle_gamma   90.000
#
_symmetry.space_group_name_H-M   'C 1 2 1'
#
loop_
_entity.id
_entity.type
_entity.pdbx_description
1 polymer 'U5 small nuclear ribonucleoprotein 200 kDa helicase'
2 non-polymer 1-(4-aminophenyl)sulfonylguanidine
3 water water
#
_entity_poly.entity_id   1
_entity_poly.type   'polypeptide(L)'
_entity_poly.pdbx_seq_one_letter_code
;GAEFMDLDQGGEALAPRQVLDLEDLVFTQGSHFMANKRCQLPDGSFRRQRKGYEEVHVPALKPKPFGSEEQLLPVEKLPK
YAQAGFEGFKTLNRIQSKLYRAALETDENLLLCAPTGAGKTNVALMCMLREIGKHINMDGTINVDDFKIIYIAPMRSLVQ
EMVGSFGKRLATYGITVAELTGDHQLCKEEISATQIIVCTPEKWDIITRKGGERTYTQLVRLIILDEIHLLHDDRGPVLE
ALVARAIRNIEMTQEDVRLIGLSATLPNYEDVATFLRVDPAKGLFYFDNSFRPVPLEQTYVGITEKKAIKRFQIMNEIVY
EKIMEHAGKNQVLVFVHSRKETGKTARAIRDMCLEKDTLGLFLREGSASTEVLRTEAEQCKNLELKDLLPYGFAIHHAGM
TRVDRTLVEDLFADKHIQVLVSTATLAWGVNLPAHTVIIKGTQVYSPEKGRWTELGALDILQMLGRAGRPQYDTKGEGIL
ITSHGELQYYLSLLNQQLPIESQMVSKLPDMLNAEIVLGNVQNAKDAVNWLGYAYLYIRMLRSPTLYGISHDDLKGDPLL
DQRRLDLVHTAALMLDKNNLVKYDKKTGNFQVTELGRIASHYYITNDTVQTYNQLLKPTLSEIELFRVFSLSSEFKNITV
REEEKLELQKLLERVPIPVKESIEEPSAKINVLLQAFISQLKLEGFALMADMVYVTQSAGRLMRAIFEIVLNRGWAQLTD
KTLNLCKMIDKRMWQSMCPLRQFRKLPEEVVKKIEKKNFPFERLYDLNHNEIGELIRMPKMGKTIHKYVHLFPKLELSVH
LQPITRSTLKVELTITPDFQWDEKVHGSSEAFWILVEDVDSEVILHHEYFLLKAKYAQDEHLITFFVPVFEPLPPQYFIR
VVSDRWLSCETQLPVSFRHLILPEKYPPPTELLDLQPLPVSALRNSAFESLYQDKFPFFNPIQTQVFNTVYNSDDNVFVG
APTGSGKTICAEFAILRMLLQSSEGRCVYITPMEALAEQVYMDWYEKFQDRLNKKVVLLTGETSTDLKLLGKGNIIISTP
EKWDILSRRWKQRKNVQNINLFVVDEVHLIGGENGPVLEVICSRMRYISSQIERPIRIVALSSSLSNAKDVAHWLGCSAT
STFNFHPNVRPVPLELHIQGFNISHTQTRLLSMAKPVYHAITKHSPKKPVIVFVPSRKQTRLTAIDILTTCAADIQRQRF
LHCTEKDLIPYLEKLSDSTLKETLLNGVGYLHEGLSPMERRLVEQLFSSGAIQVVVASRSLCWGMNVAAHLVIIMDTQYY
NGKIHAYVDYPIYDVLQMVGHANRPLQDDEGRCVIMCQGSKKDFFKKFLYEPLPVESHLDHCMHDHFNAEIVTKTIENKQ
DAVDYLTWTFLYRRMTQNPNYYNLQGISHRHLSDHLSELVEQTLSDLEQSKCISIEDEMDVAPLNLGMIAAYYYINYTTI
ELFSMSLNAKTKVRGLIEIISNAAEYENIPIRHHEDNLLRQLAQKVPHKLNNPKFNDPHVKTNLLLQAHLSRMQLSAELQ
SDTEEILSKAIRLIQACVDVLSSNGWLSPALAAMELAQMVTQAMWSKDSYLKQLPHFTSEHIKRCTDKGVESVFDIMEME
DEERNALLQLTDSQIADVARFCNRYPNIELSYEVVDKDSIRSGGPVVVLVQLEREEEVTGPVIAPLFPQKREEGWWVVIG
DAKSNSLISIKRLTLQQKAKVKLDFVAPATGAHNYTLYFMSDAYMGCDQEYKFSVDVKEAETDSDSD
;
_entity_poly.pdbx_strand_id   B
#
# COMPACT_ATOMS: atom_id res chain seq x y z
N ALA A 13 -23.56 -25.03 -13.64
CA ALA A 13 -24.30 -25.07 -12.38
C ALA A 13 -25.80 -24.99 -12.63
N LEU A 14 -26.29 -25.82 -13.54
CA LEU A 14 -27.71 -25.84 -13.86
C LEU A 14 -28.47 -26.59 -12.78
N ALA A 15 -29.54 -25.97 -12.27
CA ALA A 15 -30.40 -26.59 -11.27
C ALA A 15 -31.78 -25.98 -11.38
N PRO A 16 -32.85 -26.73 -11.16
CA PRO A 16 -34.18 -26.14 -11.27
C PRO A 16 -34.40 -25.04 -10.25
N ARG A 17 -34.92 -23.90 -10.71
CA ARG A 17 -35.15 -22.75 -9.85
C ARG A 17 -36.25 -21.88 -10.44
N GLN A 18 -37.01 -21.25 -9.56
CA GLN A 18 -38.14 -20.42 -9.96
C GLN A 18 -38.02 -19.04 -9.34
N VAL A 19 -38.40 -18.02 -10.10
CA VAL A 19 -38.36 -16.64 -9.61
C VAL A 19 -39.45 -16.46 -8.56
N LEU A 20 -39.19 -15.58 -7.59
CA LEU A 20 -40.03 -15.40 -6.42
C LEU A 20 -40.43 -13.94 -6.29
N ASP A 21 -41.67 -13.73 -5.81
CA ASP A 21 -42.11 -12.41 -5.41
C ASP A 21 -41.64 -12.17 -3.98
N LEU A 22 -40.50 -11.49 -3.85
CA LEU A 22 -39.90 -11.28 -2.54
C LEU A 22 -40.81 -10.50 -1.60
N GLU A 23 -41.81 -9.80 -2.13
CA GLU A 23 -42.72 -9.04 -1.28
C GLU A 23 -43.57 -9.95 -0.40
N ASP A 24 -43.87 -11.16 -0.86
CA ASP A 24 -44.69 -12.08 -0.07
C ASP A 24 -43.94 -12.61 1.15
N LEU A 25 -42.62 -12.77 1.04
CA LEU A 25 -41.82 -13.40 2.07
C LEU A 25 -41.15 -12.41 3.02
N VAL A 26 -41.34 -11.11 2.81
CA VAL A 26 -40.72 -10.10 3.65
C VAL A 26 -41.74 -9.60 4.66
N PHE A 27 -41.29 -9.42 5.90
CA PHE A 27 -42.12 -8.87 6.96
C PHE A 27 -42.27 -7.38 6.73
N THR A 28 -43.40 -6.99 6.11
CA THR A 28 -43.56 -5.62 5.60
C THR A 28 -43.37 -4.59 6.70
N GLN A 29 -43.90 -4.85 7.90
CA GLN A 29 -43.79 -3.87 8.98
C GLN A 29 -42.33 -3.63 9.35
N GLY A 30 -41.58 -4.71 9.56
CA GLY A 30 -40.22 -4.58 10.06
C GLY A 30 -40.21 -4.11 11.50
N SER A 31 -39.04 -4.21 12.15
CA SER A 31 -38.89 -3.83 13.55
C SER A 31 -39.81 -4.61 14.47
N HIS A 32 -41.09 -4.74 14.10
CA HIS A 32 -42.07 -5.43 14.92
C HIS A 32 -43.05 -6.23 14.05
N PHE A 33 -42.52 -7.24 13.37
CA PHE A 33 -43.34 -8.29 12.80
C PHE A 33 -43.71 -9.23 13.94
N MET A 34 -44.92 -9.08 14.46
CA MET A 34 -45.36 -9.80 15.65
C MET A 34 -45.48 -11.29 15.32
N ALA A 35 -44.44 -12.05 15.66
CA ALA A 35 -44.52 -13.50 15.55
C ALA A 35 -45.23 -14.10 16.76
N ASN A 36 -45.16 -13.42 17.91
CA ASN A 36 -45.87 -13.86 19.11
C ASN A 36 -47.37 -13.70 18.90
N LYS A 37 -48.11 -14.82 18.91
CA LYS A 37 -49.55 -14.75 18.70
C LYS A 37 -50.22 -14.02 19.85
N ARG A 38 -49.89 -14.40 21.09
CA ARG A 38 -50.45 -13.76 22.27
C ARG A 38 -49.37 -13.66 23.34
N CYS A 39 -49.34 -12.53 24.02
CA CYS A 39 -48.43 -12.30 25.13
C CYS A 39 -49.06 -12.78 26.42
N GLN A 40 -48.39 -13.68 27.12
CA GLN A 40 -48.85 -14.16 28.42
C GLN A 40 -48.47 -13.12 29.47
N LEU A 41 -49.47 -12.37 29.92
CA LEU A 41 -49.25 -11.35 30.95
C LEU A 41 -48.78 -12.02 32.24
N PRO A 42 -47.78 -11.47 32.92
CA PRO A 42 -47.21 -12.13 34.10
C PRO A 42 -48.22 -12.22 35.23
N ASP A 43 -47.83 -12.95 36.26
CA ASP A 43 -48.65 -13.04 37.47
C ASP A 43 -48.67 -11.70 38.18
N GLY A 44 -49.83 -11.35 38.73
CA GLY A 44 -50.01 -10.06 39.36
C GLY A 44 -50.43 -8.98 38.39
N SER A 45 -51.28 -9.35 37.43
CA SER A 45 -51.70 -8.45 36.36
C SER A 45 -53.18 -8.11 36.54
N PHE A 46 -53.48 -6.81 36.56
CA PHE A 46 -54.85 -6.33 36.63
C PHE A 46 -55.08 -5.31 35.53
N ARG A 47 -56.26 -5.34 34.93
CA ARG A 47 -56.64 -4.44 33.84
C ARG A 47 -57.83 -3.61 34.29
N ARG A 48 -57.56 -2.35 34.67
CA ARG A 48 -58.59 -1.41 35.12
C ARG A 48 -59.02 -0.58 33.91
N GLN A 49 -60.19 -0.90 33.36
CA GLN A 49 -60.71 -0.16 32.22
C GLN A 49 -61.36 1.14 32.67
N ARG A 50 -61.09 2.21 31.92
CA ARG A 50 -61.69 3.51 32.17
C ARG A 50 -62.17 4.14 30.87
N LYS A 51 -62.56 3.31 29.91
CA LYS A 51 -62.86 3.78 28.55
C LYS A 51 -61.71 4.62 28.00
N GLY A 52 -60.61 3.98 27.56
CA GLY A 52 -59.37 4.69 27.29
C GLY A 52 -58.66 4.82 28.62
N TYR A 53 -57.37 5.19 28.70
CA TYR A 53 -56.73 5.36 30.02
C TYR A 53 -56.70 4.03 30.81
N GLU A 54 -56.77 2.91 30.10
CA GLU A 54 -56.68 1.59 30.71
C GLU A 54 -55.31 1.38 31.33
N GLU A 55 -55.23 0.42 32.26
CA GLU A 55 -53.99 0.19 33.03
C GLU A 55 -53.79 -1.32 33.17
N VAL A 56 -53.10 -1.91 32.19
CA VAL A 56 -52.66 -3.30 32.28
C VAL A 56 -51.37 -3.31 33.08
N HIS A 57 -51.49 -3.44 34.39
CA HIS A 57 -50.39 -3.16 35.30
C HIS A 57 -49.82 -4.48 35.82
N VAL A 58 -48.52 -4.69 35.63
CA VAL A 58 -47.84 -5.88 36.10
C VAL A 58 -46.89 -5.44 37.21
N PRO A 59 -46.54 -6.32 38.15
CA PRO A 59 -45.74 -5.88 39.30
C PRO A 59 -44.25 -5.91 39.03
N ALA A 60 -43.47 -5.47 40.00
CA ALA A 60 -42.02 -5.57 39.93
C ALA A 60 -41.59 -6.96 40.36
N LEU A 61 -40.68 -7.56 39.58
CA LEU A 61 -40.26 -8.93 39.88
C LEU A 61 -39.40 -8.94 41.13
N LYS A 62 -39.81 -9.72 42.13
CA LYS A 62 -39.16 -9.69 43.43
C LYS A 62 -37.71 -10.20 43.30
N PRO A 63 -36.83 -9.80 44.22
CA PRO A 63 -35.43 -10.23 44.13
C PRO A 63 -35.26 -11.74 44.29
N LYS A 64 -34.11 -12.22 43.83
CA LYS A 64 -33.72 -13.63 43.85
C LYS A 64 -32.49 -13.83 44.75
N PRO A 65 -32.28 -15.06 45.24
CA PRO A 65 -31.19 -15.28 46.20
C PRO A 65 -29.82 -15.44 45.53
N PHE A 66 -28.80 -15.62 46.37
CA PHE A 66 -27.42 -15.83 45.95
C PHE A 66 -26.97 -17.28 46.12
N GLY A 67 -27.92 -18.22 46.04
CA GLY A 67 -27.68 -19.60 46.42
C GLY A 67 -26.44 -20.28 45.89
N SER A 68 -26.43 -20.59 44.58
CA SER A 68 -25.38 -21.42 43.98
C SER A 68 -24.14 -20.58 43.71
N GLU A 69 -23.37 -20.36 44.79
CA GLU A 69 -22.05 -19.72 44.72
C GLU A 69 -22.13 -18.27 44.22
N GLU A 70 -23.31 -17.85 43.77
CA GLU A 70 -23.47 -16.49 43.27
C GLU A 70 -23.08 -15.47 44.33
N GLN A 71 -22.34 -14.45 43.90
CA GLN A 71 -21.79 -13.45 44.80
C GLN A 71 -21.29 -12.27 43.98
N LEU A 72 -21.51 -11.07 44.51
CA LEU A 72 -20.91 -9.88 43.91
C LEU A 72 -19.40 -9.93 44.14
N LEU A 73 -18.66 -10.17 43.07
CA LEU A 73 -17.22 -10.40 43.20
C LEU A 73 -16.52 -9.11 43.60
N PRO A 74 -15.61 -9.15 44.57
CA PRO A 74 -14.84 -7.96 44.89
C PRO A 74 -13.91 -7.59 43.74
N VAL A 75 -13.74 -6.29 43.53
CA VAL A 75 -12.85 -5.82 42.47
C VAL A 75 -11.41 -6.24 42.75
N GLU A 76 -11.04 -6.34 44.04
CA GLU A 76 -9.71 -6.82 44.39
C GLU A 76 -9.53 -8.29 44.03
N LYS A 77 -10.62 -9.06 44.00
CA LYS A 77 -10.54 -10.47 43.64
C LYS A 77 -10.28 -10.67 42.15
N LEU A 78 -10.59 -9.68 41.32
CA LEU A 78 -10.36 -9.76 39.89
C LEU A 78 -8.86 -9.97 39.60
N PRO A 79 -8.54 -10.39 38.38
CA PRO A 79 -7.13 -10.34 37.95
C PRO A 79 -6.57 -8.93 38.13
N LYS A 80 -5.33 -8.86 38.60
CA LYS A 80 -4.80 -7.62 39.16
C LYS A 80 -4.81 -6.48 38.14
N TYR A 81 -4.48 -6.77 36.88
CA TYR A 81 -4.45 -5.70 35.89
C TYR A 81 -5.85 -5.21 35.57
N ALA A 82 -6.80 -6.13 35.39
CA ALA A 82 -8.19 -5.76 35.08
C ALA A 82 -8.84 -4.92 36.17
N GLN A 83 -8.23 -4.83 37.35
CA GLN A 83 -8.74 -3.95 38.40
C GLN A 83 -8.65 -2.49 38.02
N ALA A 84 -7.85 -2.14 37.00
CA ALA A 84 -7.72 -0.74 36.63
C ALA A 84 -8.99 -0.21 35.98
N GLY A 85 -9.65 -1.03 35.16
CA GLY A 85 -10.86 -0.59 34.48
C GLY A 85 -12.06 -0.44 35.40
N PHE A 86 -12.12 -1.26 36.45
CA PHE A 86 -13.23 -1.23 37.39
C PHE A 86 -12.98 -0.35 38.60
N GLU A 87 -11.97 0.52 38.54
CA GLU A 87 -11.76 1.47 39.63
C GLU A 87 -12.95 2.42 39.72
N GLY A 88 -13.23 2.88 40.93
CA GLY A 88 -14.45 3.59 41.23
C GLY A 88 -15.60 2.70 41.64
N PHE A 89 -15.54 1.42 41.29
CA PHE A 89 -16.49 0.42 41.75
C PHE A 89 -15.77 -0.48 42.74
N LYS A 90 -16.41 -0.73 43.88
CA LYS A 90 -15.86 -1.61 44.91
C LYS A 90 -16.48 -3.00 44.86
N THR A 91 -17.26 -3.29 43.82
CA THR A 91 -17.85 -4.61 43.60
C THR A 91 -18.30 -4.66 42.15
N LEU A 92 -18.87 -5.80 41.76
CA LEU A 92 -19.45 -5.92 40.43
C LEU A 92 -20.73 -6.74 40.52
N ASN A 93 -21.53 -6.68 39.46
CA ASN A 93 -22.85 -7.27 39.45
C ASN A 93 -22.75 -8.81 39.46
N ARG A 94 -23.90 -9.45 39.70
CA ARG A 94 -23.97 -10.90 39.68
C ARG A 94 -23.71 -11.44 38.27
N ILE A 95 -24.44 -10.92 37.30
CA ILE A 95 -24.23 -11.15 35.88
C ILE A 95 -22.76 -10.90 35.61
N GLN A 96 -22.26 -9.80 36.16
CA GLN A 96 -20.87 -9.44 35.99
C GLN A 96 -19.93 -10.45 36.63
N SER A 97 -20.37 -11.20 37.65
CA SER A 97 -19.48 -12.19 38.25
C SER A 97 -19.40 -13.48 37.43
N LYS A 98 -20.57 -14.06 37.11
CA LYS A 98 -20.59 -15.22 36.23
C LYS A 98 -19.84 -14.92 34.93
N LEU A 99 -20.10 -13.75 34.36
CA LEU A 99 -19.42 -13.35 33.14
C LEU A 99 -17.97 -12.95 33.41
N TYR A 100 -17.61 -12.56 34.62
CA TYR A 100 -16.21 -12.37 34.95
C TYR A 100 -15.44 -13.65 34.71
N ARG A 101 -15.88 -14.73 35.37
CA ARG A 101 -15.27 -16.03 35.11
C ARG A 101 -15.19 -16.30 33.61
N ALA A 102 -16.36 -16.34 32.96
CA ALA A 102 -16.43 -16.75 31.56
C ALA A 102 -15.53 -15.88 30.67
N ALA A 103 -15.75 -14.57 30.68
CA ALA A 103 -15.10 -13.67 29.72
C ALA A 103 -13.64 -13.46 30.03
N LEU A 104 -13.31 -13.13 31.30
CA LEU A 104 -11.92 -12.83 31.62
C LEU A 104 -11.03 -14.06 31.52
N GLU A 105 -11.57 -15.27 31.71
CA GLU A 105 -10.70 -16.44 31.71
C GLU A 105 -10.83 -17.32 30.48
N THR A 106 -11.64 -16.94 29.48
CA THR A 106 -11.78 -17.73 28.27
C THR A 106 -11.85 -16.83 27.05
N ASP A 107 -11.47 -17.38 25.90
CA ASP A 107 -11.60 -16.72 24.61
C ASP A 107 -12.83 -17.18 23.85
N GLU A 108 -13.75 -17.88 24.50
CA GLU A 108 -14.92 -18.43 23.84
C GLU A 108 -15.85 -17.30 23.39
N ASN A 109 -16.55 -17.55 22.28
CA ASN A 109 -17.57 -16.61 21.82
C ASN A 109 -18.68 -16.52 22.86
N LEU A 110 -19.18 -15.31 23.09
CA LEU A 110 -20.11 -15.06 24.17
C LEU A 110 -21.39 -14.45 23.63
N LEU A 111 -22.49 -14.71 24.34
CA LEU A 111 -23.75 -14.03 24.06
C LEU A 111 -24.47 -13.82 25.37
N LEU A 112 -24.62 -12.56 25.77
CA LEU A 112 -25.23 -12.20 27.05
C LEU A 112 -26.62 -11.64 26.77
N CYS A 113 -27.64 -12.40 27.18
CA CYS A 113 -29.01 -11.90 27.21
C CYS A 113 -29.30 -11.41 28.62
N ALA A 114 -29.43 -10.09 28.77
CA ALA A 114 -29.68 -9.45 30.04
C ALA A 114 -30.64 -8.29 29.83
N PRO A 115 -31.46 -7.97 30.82
CA PRO A 115 -32.39 -6.84 30.66
C PRO A 115 -31.65 -5.54 30.46
N THR A 116 -32.38 -4.55 29.95
CA THR A 116 -31.78 -3.24 29.72
C THR A 116 -31.26 -2.66 31.04
N GLY A 117 -30.07 -2.05 30.97
CA GLY A 117 -29.48 -1.44 32.14
C GLY A 117 -28.90 -2.42 33.15
N ALA A 118 -28.92 -3.71 32.87
CA ALA A 118 -28.37 -4.69 33.80
C ALA A 118 -26.86 -4.57 33.95
N GLY A 119 -26.22 -3.74 33.14
CA GLY A 119 -24.77 -3.60 33.17
C GLY A 119 -24.21 -3.58 31.76
N LYS A 120 -24.00 -4.78 31.21
CA LYS A 120 -23.61 -4.96 29.81
C LYS A 120 -22.28 -4.29 29.48
N THR A 121 -22.15 -3.01 29.81
CA THR A 121 -20.93 -2.26 29.48
C THR A 121 -19.70 -2.90 30.13
N ASN A 122 -19.80 -3.22 31.42
CA ASN A 122 -18.62 -3.71 32.14
C ASN A 122 -18.23 -5.12 31.72
N VAL A 123 -19.20 -5.93 31.27
CA VAL A 123 -18.85 -7.29 30.84
C VAL A 123 -18.15 -7.26 29.49
N ALA A 124 -18.59 -6.36 28.60
CA ALA A 124 -17.85 -6.14 27.36
C ALA A 124 -16.49 -5.54 27.64
N LEU A 125 -16.38 -4.72 28.70
CA LEU A 125 -15.08 -4.21 29.11
C LEU A 125 -14.16 -5.33 29.57
N MET A 126 -14.70 -6.32 30.29
CA MET A 126 -13.91 -7.49 30.67
C MET A 126 -13.46 -8.27 29.44
N CYS A 127 -14.36 -8.44 28.47
CA CYS A 127 -13.97 -9.10 27.22
C CYS A 127 -12.84 -8.34 26.52
N MET A 128 -12.90 -7.01 26.55
CA MET A 128 -11.81 -6.20 25.98
C MET A 128 -10.52 -6.37 26.75
N LEU A 129 -10.62 -6.39 28.09
CA LEU A 129 -9.44 -6.53 28.93
C LEU A 129 -8.77 -7.88 28.73
N ARG A 130 -9.54 -8.91 28.36
CA ARG A 130 -8.94 -10.17 27.95
C ARG A 130 -7.84 -9.94 26.91
N GLU A 131 -8.21 -9.28 25.80
CA GLU A 131 -7.25 -9.03 24.73
C GLU A 131 -6.18 -8.02 25.17
N ILE A 132 -6.58 -7.00 25.93
CA ILE A 132 -5.63 -5.97 26.34
C ILE A 132 -4.52 -6.58 27.19
N GLY A 133 -4.88 -7.48 28.10
CA GLY A 133 -3.89 -8.15 28.92
C GLY A 133 -3.20 -9.31 28.24
N LYS A 134 -3.77 -9.83 27.15
CA LYS A 134 -3.05 -10.83 26.37
C LYS A 134 -1.75 -10.25 25.80
N HIS A 135 -1.77 -8.98 25.41
CA HIS A 135 -0.59 -8.33 24.84
C HIS A 135 0.06 -7.42 25.88
N ILE A 136 0.64 -8.06 26.89
CA ILE A 136 1.39 -7.36 27.93
C ILE A 136 2.88 -7.54 27.66
N ASN A 137 3.65 -6.49 27.94
CA ASN A 137 5.11 -6.57 27.96
C ASN A 137 5.57 -6.65 29.42
N MET A 138 6.80 -7.17 29.60
CA MET A 138 7.32 -7.36 30.95
C MET A 138 7.32 -6.07 31.74
N ASP A 139 7.87 -5.00 31.14
CA ASP A 139 7.76 -3.67 31.72
C ASP A 139 7.21 -2.63 30.75
N GLY A 140 7.16 -2.93 29.45
CA GLY A 140 6.36 -2.12 28.56
C GLY A 140 4.89 -2.25 28.90
N THR A 141 4.17 -1.14 28.83
CA THR A 141 2.78 -1.13 29.30
C THR A 141 1.88 -1.96 28.41
N ILE A 142 1.90 -1.70 27.10
CA ILE A 142 1.00 -2.34 26.16
C ILE A 142 1.68 -2.47 24.81
N ASN A 143 1.03 -3.21 23.90
CA ASN A 143 1.46 -3.35 22.50
C ASN A 143 0.32 -2.83 21.63
N VAL A 144 0.18 -1.51 21.57
CA VAL A 144 -0.95 -0.91 20.86
C VAL A 144 -0.92 -1.25 19.38
N ASP A 145 0.26 -1.37 18.79
CA ASP A 145 0.38 -1.71 17.37
C ASP A 145 0.16 -3.20 17.10
N ASP A 146 -0.43 -3.94 18.04
CA ASP A 146 -0.60 -5.38 17.92
C ASP A 146 -2.05 -5.86 18.02
N PHE A 147 -2.92 -5.14 18.73
CA PHE A 147 -4.30 -5.57 18.89
C PHE A 147 -5.24 -4.41 18.60
N LYS A 148 -6.30 -4.71 17.84
CA LYS A 148 -7.33 -3.74 17.50
C LYS A 148 -8.69 -4.30 17.93
N ILE A 149 -9.38 -3.57 18.80
CA ILE A 149 -10.71 -3.95 19.28
C ILE A 149 -11.73 -2.99 18.65
N ILE A 150 -12.93 -3.51 18.40
CA ILE A 150 -14.01 -2.70 17.87
C ILE A 150 -15.30 -3.00 18.62
N TYR A 151 -16.21 -2.03 18.56
CA TYR A 151 -17.46 -2.06 19.33
C TYR A 151 -18.57 -1.53 18.43
N ILE A 152 -19.46 -2.42 18.02
CA ILE A 152 -20.59 -2.06 17.18
C ILE A 152 -21.75 -1.67 18.08
N ALA A 153 -22.24 -0.44 17.90
CA ALA A 153 -23.38 0.09 18.62
C ALA A 153 -24.44 0.58 17.64
N PRO A 154 -25.73 0.47 18.00
CA PRO A 154 -26.80 0.75 17.04
C PRO A 154 -27.04 2.22 16.72
N MET A 155 -26.81 3.11 17.68
CA MET A 155 -27.10 4.53 17.51
C MET A 155 -25.82 5.34 17.71
N ARG A 156 -25.80 6.54 17.09
CA ARG A 156 -24.60 7.38 17.10
C ARG A 156 -24.35 7.96 18.48
N SER A 157 -25.40 8.44 19.15
CA SER A 157 -25.26 8.94 20.51
C SER A 157 -24.68 7.88 21.43
N LEU A 158 -25.10 6.62 21.25
CA LEU A 158 -24.53 5.53 22.03
C LEU A 158 -23.05 5.36 21.72
N VAL A 159 -22.66 5.52 20.46
CA VAL A 159 -21.25 5.43 20.09
C VAL A 159 -20.43 6.48 20.83
N GLN A 160 -20.94 7.72 20.87
CA GLN A 160 -20.21 8.80 21.54
C GLN A 160 -20.12 8.58 23.04
N GLU A 161 -21.24 8.21 23.66
CA GLU A 161 -21.23 7.87 25.09
C GLU A 161 -20.24 6.74 25.38
N MET A 162 -20.22 5.72 24.53
CA MET A 162 -19.34 4.58 24.73
C MET A 162 -17.88 4.96 24.61
N VAL A 163 -17.52 5.74 23.59
CA VAL A 163 -16.11 6.11 23.43
C VAL A 163 -15.67 6.95 24.62
N GLY A 164 -16.51 7.89 25.07
CA GLY A 164 -16.14 8.67 26.25
C GLY A 164 -15.93 7.82 27.49
N SER A 165 -16.92 6.99 27.82
CA SER A 165 -16.83 6.19 29.03
C SER A 165 -15.67 5.20 28.97
N PHE A 166 -15.51 4.53 27.83
CA PHE A 166 -14.42 3.55 27.70
C PHE A 166 -13.06 4.22 27.79
N GLY A 167 -12.91 5.39 27.17
CA GLY A 167 -11.68 6.15 27.36
C GLY A 167 -11.41 6.41 28.83
N LYS A 168 -12.40 6.94 29.55
CA LYS A 168 -12.23 7.20 30.97
C LYS A 168 -11.82 5.94 31.73
N ARG A 169 -12.43 4.80 31.38
CA ARG A 169 -12.19 3.58 32.15
C ARG A 169 -10.79 3.03 31.90
N LEU A 170 -10.42 2.82 30.63
CA LEU A 170 -9.21 2.10 30.29
C LEU A 170 -8.08 3.02 29.81
N ALA A 171 -8.13 4.31 30.11
CA ALA A 171 -7.01 5.18 29.78
C ALA A 171 -5.75 4.81 30.55
N THR A 172 -5.91 4.27 31.76
CA THR A 172 -4.74 3.94 32.59
C THR A 172 -3.83 2.93 31.88
N TYR A 173 -4.41 2.02 31.10
CA TYR A 173 -3.61 1.02 30.40
C TYR A 173 -2.75 1.62 29.30
N GLY A 174 -3.08 2.82 28.82
CA GLY A 174 -2.42 3.39 27.68
C GLY A 174 -3.08 3.09 26.36
N ILE A 175 -4.37 2.75 26.37
CA ILE A 175 -5.12 2.46 25.15
C ILE A 175 -5.77 3.74 24.65
N THR A 176 -6.13 3.75 23.38
CA THR A 176 -6.82 4.89 22.77
C THR A 176 -8.08 4.37 22.07
N VAL A 177 -9.23 4.92 22.47
CA VAL A 177 -10.53 4.56 21.89
C VAL A 177 -11.06 5.76 21.12
N ALA A 178 -11.75 5.51 20.02
CA ALA A 178 -12.26 6.62 19.24
C ALA A 178 -13.47 6.19 18.42
N GLU A 179 -14.22 7.20 17.97
CA GLU A 179 -15.41 7.01 17.14
C GLU A 179 -15.04 7.33 15.70
N LEU A 180 -15.32 6.39 14.81
CA LEU A 180 -15.14 6.65 13.38
C LEU A 180 -16.43 7.13 12.72
N THR A 181 -17.58 6.92 13.36
CA THR A 181 -18.86 7.31 12.79
C THR A 181 -18.94 8.82 12.63
N GLY A 182 -19.09 9.27 11.39
CA GLY A 182 -19.24 10.68 11.08
C GLY A 182 -19.50 10.87 9.61
N ASP A 183 -19.84 12.12 9.25
CA ASP A 183 -20.06 12.44 7.84
C ASP A 183 -18.79 12.34 7.02
N HIS A 184 -17.62 12.45 7.64
CA HIS A 184 -16.36 12.29 6.94
C HIS A 184 -16.14 10.83 6.57
N GLN A 185 -15.45 10.61 5.45
CA GLN A 185 -15.03 9.27 5.08
C GLN A 185 -13.74 9.35 4.28
N LEU A 186 -13.09 8.20 4.12
CA LEU A 186 -11.80 8.07 3.44
C LEU A 186 -10.70 8.72 4.28
N CYS A 187 -11.06 9.22 5.46
CA CYS A 187 -10.11 9.79 6.41
C CYS A 187 -9.82 8.73 7.47
N LYS A 188 -8.61 8.19 7.43
CA LYS A 188 -8.29 7.01 8.22
C LYS A 188 -6.94 7.12 8.90
N GLU A 189 -6.54 8.34 9.28
CA GLU A 189 -5.40 8.46 10.18
C GLU A 189 -5.76 8.10 11.61
N GLU A 190 -7.04 8.14 11.97
CA GLU A 190 -7.45 7.72 13.32
C GLU A 190 -7.57 6.21 13.42
N ILE A 191 -7.98 5.53 12.35
CA ILE A 191 -8.03 4.07 12.39
C ILE A 191 -6.64 3.49 12.63
N SER A 192 -5.58 4.26 12.35
CA SER A 192 -4.23 3.74 12.53
C SER A 192 -3.79 3.84 13.98
N ALA A 193 -4.21 4.90 14.69
CA ALA A 193 -3.74 5.20 16.03
C ALA A 193 -4.84 5.05 17.08
N THR A 194 -5.81 4.18 16.82
CA THR A 194 -6.90 3.94 17.78
C THR A 194 -7.10 2.43 17.91
N GLN A 195 -7.01 1.95 19.15
CA GLN A 195 -7.06 0.51 19.39
C GLN A 195 -8.48 0.00 19.61
N ILE A 196 -9.43 0.87 19.96
CA ILE A 196 -10.82 0.48 20.16
C ILE A 196 -11.67 1.44 19.35
N ILE A 197 -12.14 0.97 18.20
CA ILE A 197 -13.00 1.75 17.32
C ILE A 197 -14.45 1.45 17.68
N VAL A 198 -15.21 2.49 18.00
CA VAL A 198 -16.64 2.36 18.23
C VAL A 198 -17.37 2.90 17.01
N CYS A 199 -18.29 2.11 16.46
CA CYS A 199 -18.97 2.52 15.24
C CYS A 199 -20.34 1.89 15.15
N THR A 200 -21.15 2.41 14.24
CA THR A 200 -22.46 1.86 13.92
C THR A 200 -22.33 0.72 12.92
N PRO A 201 -23.29 -0.20 12.90
CA PRO A 201 -23.19 -1.35 11.97
C PRO A 201 -23.03 -0.93 10.52
N GLU A 202 -23.71 0.13 10.11
CA GLU A 202 -23.62 0.56 8.71
C GLU A 202 -22.29 1.24 8.42
N LYS A 203 -21.70 1.89 9.43
CA LYS A 203 -20.33 2.39 9.29
C LYS A 203 -19.35 1.25 9.02
N TRP A 204 -19.35 0.24 9.89
CA TRP A 204 -18.47 -0.90 9.69
C TRP A 204 -18.79 -1.63 8.39
N ASP A 205 -20.04 -1.62 7.98
CA ASP A 205 -20.42 -2.23 6.71
C ASP A 205 -19.75 -1.52 5.53
N ILE A 206 -19.87 -0.19 5.48
CA ILE A 206 -19.25 0.55 4.37
C ILE A 206 -17.73 0.47 4.45
N ILE A 207 -17.17 0.33 5.65
CA ILE A 207 -15.72 0.24 5.78
C ILE A 207 -15.22 -1.11 5.26
N THR A 208 -15.86 -2.20 5.68
CA THR A 208 -15.41 -3.54 5.37
C THR A 208 -15.93 -4.06 4.04
N ARG A 209 -16.80 -3.33 3.34
CA ARG A 209 -17.03 -3.66 1.94
C ARG A 209 -16.14 -2.88 1.00
N LYS A 210 -15.33 -1.94 1.52
CA LYS A 210 -14.31 -1.29 0.72
C LYS A 210 -13.19 -2.28 0.40
N GLY A 211 -12.66 -2.19 -0.81
CA GLY A 211 -11.50 -2.98 -1.16
C GLY A 211 -10.35 -2.71 -0.21
N GLY A 212 -9.59 -3.76 0.10
CA GLY A 212 -8.51 -3.59 1.07
C GLY A 212 -9.05 -3.50 2.48
N GLU A 213 -10.12 -4.23 2.77
CA GLU A 213 -10.68 -4.22 4.12
C GLU A 213 -9.68 -4.71 5.15
N ARG A 214 -8.75 -5.59 4.74
CA ARG A 214 -7.76 -6.12 5.68
C ARG A 214 -6.95 -5.02 6.35
N THR A 215 -6.63 -3.95 5.62
CA THR A 215 -5.94 -2.80 6.23
C THR A 215 -6.56 -2.42 7.56
N TYR A 216 -7.87 -2.61 7.72
CA TYR A 216 -8.56 -2.41 8.98
C TYR A 216 -8.82 -3.70 9.73
N THR A 217 -9.12 -4.78 9.01
CA THR A 217 -9.55 -6.04 9.62
C THR A 217 -8.39 -6.96 9.99
N GLN A 218 -7.15 -6.57 9.69
CA GLN A 218 -6.02 -7.48 9.91
C GLN A 218 -5.76 -7.69 11.39
N LEU A 219 -5.73 -6.59 12.17
CA LEU A 219 -5.44 -6.67 13.58
C LEU A 219 -6.69 -6.76 14.45
N VAL A 220 -7.84 -7.06 13.84
CA VAL A 220 -9.07 -7.22 14.61
C VAL A 220 -9.02 -8.53 15.37
N ARG A 221 -9.03 -8.45 16.70
CA ARG A 221 -9.07 -9.63 17.55
C ARG A 221 -10.40 -9.84 18.24
N LEU A 222 -11.18 -8.77 18.44
CA LEU A 222 -12.39 -8.83 19.25
C LEU A 222 -13.47 -7.97 18.59
N ILE A 223 -14.60 -8.59 18.24
CA ILE A 223 -15.75 -7.89 17.67
C ILE A 223 -16.89 -7.99 18.66
N ILE A 224 -17.32 -6.84 19.18
CA ILE A 224 -18.46 -6.75 20.08
C ILE A 224 -19.66 -6.23 19.31
N LEU A 225 -20.81 -6.84 19.53
CA LEU A 225 -22.07 -6.40 18.92
C LEU A 225 -23.05 -6.12 20.06
N ASP A 226 -23.25 -4.84 20.36
CA ASP A 226 -24.18 -4.42 21.39
C ASP A 226 -25.56 -4.24 20.80
N GLU A 227 -26.58 -4.58 21.59
CA GLU A 227 -27.99 -4.52 21.16
C GLU A 227 -28.19 -5.32 19.87
N ILE A 228 -27.93 -6.62 19.97
CA ILE A 228 -28.10 -7.49 18.81
C ILE A 228 -29.55 -7.59 18.36
N HIS A 229 -30.53 -7.27 19.22
CA HIS A 229 -31.92 -7.25 18.77
C HIS A 229 -32.15 -6.39 17.54
N LEU A 230 -31.17 -5.56 17.15
CA LEU A 230 -31.24 -4.88 15.86
C LEU A 230 -31.52 -5.83 14.72
N LEU A 231 -31.23 -7.13 14.87
CA LEU A 231 -31.51 -8.11 13.82
C LEU A 231 -32.97 -8.04 13.40
N HIS A 232 -33.86 -7.79 14.36
CA HIS A 232 -35.28 -7.69 14.05
C HIS A 232 -35.59 -6.39 13.29
N ASP A 233 -34.81 -5.35 13.53
CA ASP A 233 -35.06 -4.04 12.91
C ASP A 233 -34.78 -4.10 11.41
N ASP A 234 -35.25 -3.07 10.70
CA ASP A 234 -34.97 -2.97 9.27
C ASP A 234 -33.47 -2.84 9.01
N ARG A 235 -32.74 -2.29 9.99
CA ARG A 235 -31.29 -2.28 9.96
C ARG A 235 -30.68 -3.64 10.31
N GLY A 236 -31.50 -4.64 10.59
CA GLY A 236 -31.04 -5.98 10.91
C GLY A 236 -30.05 -6.59 9.92
N PRO A 237 -30.38 -6.58 8.63
CA PRO A 237 -29.50 -7.24 7.64
C PRO A 237 -28.02 -6.89 7.76
N VAL A 238 -27.67 -5.59 7.84
CA VAL A 238 -26.25 -5.21 7.86
C VAL A 238 -25.51 -5.98 8.95
N LEU A 239 -26.09 -6.05 10.15
CA LEU A 239 -25.54 -6.87 11.23
C LEU A 239 -25.19 -8.26 10.73
N GLU A 240 -26.20 -9.01 10.28
CA GLU A 240 -25.97 -10.31 9.65
C GLU A 240 -24.79 -10.22 8.70
N ALA A 241 -24.89 -9.33 7.71
CA ALA A 241 -23.81 -9.17 6.73
C ALA A 241 -22.46 -9.08 7.42
N LEU A 242 -22.31 -8.12 8.35
CA LEU A 242 -21.08 -8.00 9.11
C LEU A 242 -20.60 -9.36 9.60
N VAL A 243 -21.40 -9.98 10.48
CA VAL A 243 -21.01 -11.25 11.07
C VAL A 243 -20.59 -12.22 10.00
N ALA A 244 -21.42 -12.38 8.96
CA ALA A 244 -21.10 -13.34 7.92
C ALA A 244 -19.68 -13.14 7.42
N ARG A 245 -19.40 -11.93 6.91
CA ARG A 245 -18.06 -11.65 6.41
C ARG A 245 -17.03 -12.00 7.46
N ALA A 246 -17.17 -11.44 8.67
CA ALA A 246 -16.19 -11.68 9.72
C ALA A 246 -15.93 -13.17 9.85
N ILE A 247 -16.99 -13.95 10.02
CA ILE A 247 -16.81 -15.38 10.26
C ILE A 247 -16.12 -16.03 9.06
N ARG A 248 -16.61 -15.74 7.86
CA ARG A 248 -15.97 -16.32 6.68
C ARG A 248 -14.50 -15.91 6.63
N ASN A 249 -14.20 -14.66 7.00
CA ASN A 249 -12.81 -14.22 6.98
C ASN A 249 -11.98 -14.94 8.03
N ILE A 250 -12.55 -15.18 9.22
CA ILE A 250 -11.75 -15.91 10.21
C ILE A 250 -11.55 -17.35 9.77
N GLU A 251 -12.31 -17.81 8.77
CA GLU A 251 -11.99 -19.07 8.12
C GLU A 251 -10.89 -18.89 7.10
N MET A 252 -11.00 -17.84 6.26
CA MET A 252 -10.04 -17.66 5.19
C MET A 252 -8.69 -17.18 5.70
N THR A 253 -8.68 -16.45 6.82
CA THR A 253 -7.41 -15.99 7.38
C THR A 253 -6.78 -16.99 8.35
N GLN A 254 -7.56 -17.93 8.89
CA GLN A 254 -7.12 -18.85 9.93
C GLN A 254 -6.65 -18.11 11.18
N GLU A 255 -7.06 -16.85 11.33
CA GLU A 255 -6.77 -16.04 12.51
C GLU A 255 -8.08 -15.83 13.24
N ASP A 256 -8.21 -16.44 14.42
CA ASP A 256 -9.47 -16.41 15.13
C ASP A 256 -9.72 -15.04 15.76
N VAL A 257 -10.95 -14.56 15.64
CA VAL A 257 -11.41 -13.37 16.34
C VAL A 257 -12.55 -13.79 17.27
N ARG A 258 -12.70 -13.06 18.37
CA ARG A 258 -13.68 -13.39 19.40
C ARG A 258 -14.93 -12.54 19.23
N LEU A 259 -16.08 -13.19 19.15
CA LEU A 259 -17.36 -12.52 18.97
C LEU A 259 -18.06 -12.42 20.31
N ILE A 260 -18.35 -11.19 20.74
CA ILE A 260 -19.14 -10.94 21.93
C ILE A 260 -20.48 -10.38 21.50
N GLY A 261 -21.55 -10.90 22.05
CA GLY A 261 -22.90 -10.44 21.75
C GLY A 261 -23.59 -9.93 23.00
N LEU A 262 -24.29 -8.82 22.87
CA LEU A 262 -25.03 -8.21 23.97
C LEU A 262 -26.45 -7.96 23.49
N SER A 263 -27.42 -8.66 24.08
CA SER A 263 -28.81 -8.52 23.71
C SER A 263 -29.66 -8.34 24.95
N ALA A 264 -30.89 -7.88 24.74
CA ALA A 264 -31.85 -7.75 25.81
C ALA A 264 -32.62 -9.06 25.97
N THR A 265 -33.46 -9.11 27.00
CA THR A 265 -34.20 -10.33 27.32
C THR A 265 -35.36 -10.45 26.35
N LEU A 266 -35.09 -11.10 25.21
CA LEU A 266 -36.09 -11.34 24.17
C LEU A 266 -35.91 -12.75 23.64
N PRO A 267 -37.00 -13.38 23.16
CA PRO A 267 -36.90 -14.76 22.68
C PRO A 267 -36.10 -14.90 21.38
N ASN A 268 -35.96 -16.14 20.92
CA ASN A 268 -35.11 -16.52 19.79
C ASN A 268 -33.63 -16.27 20.05
N TYR A 269 -33.24 -16.18 21.32
CA TYR A 269 -31.84 -15.95 21.68
C TYR A 269 -30.95 -17.12 21.29
N GLU A 270 -31.47 -18.35 21.37
CA GLU A 270 -30.66 -19.50 21.00
C GLU A 270 -30.28 -19.45 19.52
N ASP A 271 -31.15 -18.90 18.68
CA ASP A 271 -30.85 -18.82 17.26
C ASP A 271 -29.71 -17.85 16.97
N VAL A 272 -29.67 -16.72 17.68
CA VAL A 272 -28.53 -15.82 17.51
C VAL A 272 -27.29 -16.38 18.19
N ALA A 273 -27.46 -17.27 19.17
CA ALA A 273 -26.31 -17.99 19.71
C ALA A 273 -25.69 -18.89 18.64
N THR A 274 -26.52 -19.64 17.92
CA THR A 274 -26.02 -20.40 16.77
C THR A 274 -25.42 -19.47 15.73
N PHE A 275 -26.04 -18.30 15.53
CA PHE A 275 -25.54 -17.34 14.55
C PHE A 275 -24.16 -16.82 14.95
N LEU A 276 -23.96 -16.52 16.23
CA LEU A 276 -22.71 -15.98 16.73
C LEU A 276 -21.69 -17.05 17.09
N ARG A 277 -22.01 -18.33 16.85
CA ARG A 277 -21.09 -19.44 17.12
C ARG A 277 -20.66 -19.45 18.58
N VAL A 278 -21.63 -19.36 19.48
CA VAL A 278 -21.36 -19.47 20.91
C VAL A 278 -21.78 -20.86 21.37
N ASP A 279 -20.94 -21.47 22.20
CA ASP A 279 -21.26 -22.77 22.76
C ASP A 279 -22.34 -22.58 23.81
N PRO A 280 -23.55 -23.13 23.61
CA PRO A 280 -24.64 -22.89 24.56
C PRO A 280 -24.31 -23.28 25.99
N ALA A 281 -23.36 -24.19 26.20
CA ALA A 281 -22.96 -24.58 27.54
C ALA A 281 -21.89 -23.67 28.13
N LYS A 282 -21.18 -22.91 27.30
CA LYS A 282 -20.03 -22.13 27.75
C LYS A 282 -20.17 -20.63 27.53
N GLY A 283 -20.86 -20.19 26.47
CA GLY A 283 -20.90 -18.78 26.16
C GLY A 283 -22.30 -18.17 26.11
N LEU A 284 -23.34 -18.98 26.30
CA LEU A 284 -24.71 -18.51 26.26
C LEU A 284 -25.20 -18.24 27.68
N PHE A 285 -25.60 -17.00 27.93
CA PHE A 285 -26.09 -16.56 29.23
C PHE A 285 -27.42 -15.84 29.04
N TYR A 286 -28.41 -16.23 29.84
CA TYR A 286 -29.75 -15.65 29.77
C TYR A 286 -30.20 -15.28 31.17
N PHE A 287 -30.63 -14.03 31.34
CA PHE A 287 -31.13 -13.54 32.62
C PHE A 287 -32.50 -12.93 32.38
N ASP A 288 -33.52 -13.48 33.01
CA ASP A 288 -34.86 -12.90 32.91
C ASP A 288 -34.94 -11.66 33.78
N ASN A 289 -36.07 -10.95 33.69
CA ASN A 289 -36.19 -9.63 34.28
C ASN A 289 -36.17 -9.65 35.81
N SER A 290 -36.02 -10.81 36.44
CA SER A 290 -35.72 -10.82 37.88
C SER A 290 -34.31 -10.36 38.16
N PHE A 291 -33.43 -10.41 37.16
CA PHE A 291 -32.10 -9.83 37.23
C PHE A 291 -32.05 -8.39 36.72
N ARG A 292 -33.21 -7.75 36.61
CA ARG A 292 -33.25 -6.35 36.22
C ARG A 292 -32.47 -5.52 37.23
N PRO A 293 -31.72 -4.50 36.78
CA PRO A 293 -30.94 -3.68 37.73
C PRO A 293 -31.78 -3.11 38.86
N VAL A 294 -32.97 -2.62 38.54
CA VAL A 294 -33.90 -2.14 39.55
C VAL A 294 -35.27 -2.74 39.22
N PRO A 295 -35.90 -3.47 40.16
CA PRO A 295 -37.19 -4.09 39.85
C PRO A 295 -38.21 -3.08 39.38
N LEU A 296 -38.86 -3.39 38.26
CA LEU A 296 -39.67 -2.42 37.52
C LEU A 296 -41.14 -2.81 37.58
N GLU A 297 -41.98 -1.86 37.99
CA GLU A 297 -43.42 -2.01 37.94
C GLU A 297 -43.95 -1.15 36.81
N GLN A 298 -44.60 -1.78 35.84
CA GLN A 298 -44.91 -1.15 34.56
C GLN A 298 -46.42 -1.10 34.31
N THR A 299 -46.84 -0.06 33.58
CA THR A 299 -48.25 0.12 33.24
C THR A 299 -48.37 0.55 31.78
N TYR A 300 -49.33 -0.06 31.08
CA TYR A 300 -49.59 0.23 29.67
C TYR A 300 -51.01 0.76 29.54
N VAL A 301 -51.19 1.74 28.65
CA VAL A 301 -52.50 2.37 28.47
C VAL A 301 -52.91 2.28 27.00
N GLY A 302 -54.21 2.33 26.78
CA GLY A 302 -54.76 2.32 25.43
C GLY A 302 -55.64 3.52 25.15
N ILE A 303 -55.89 3.80 23.87
CA ILE A 303 -56.72 4.92 23.45
C ILE A 303 -58.01 4.38 22.84
N THR A 304 -59.12 5.03 23.16
CA THR A 304 -60.43 4.57 22.70
C THR A 304 -60.66 4.90 21.23
N GLU A 305 -60.66 6.19 20.89
CA GLU A 305 -61.01 6.61 19.53
C GLU A 305 -60.16 7.82 19.13
N LYS A 306 -60.42 8.31 17.92
CA LYS A 306 -59.67 9.40 17.29
C LYS A 306 -60.20 10.73 17.81
N LYS A 307 -59.62 11.17 18.92
CA LYS A 307 -59.90 12.51 19.47
C LYS A 307 -58.56 13.06 19.94
N ALA A 308 -57.98 13.95 19.15
CA ALA A 308 -56.65 14.49 19.46
C ALA A 308 -56.65 15.16 20.82
N ILE A 309 -57.62 16.04 21.07
CA ILE A 309 -57.74 16.71 22.36
C ILE A 309 -57.72 15.68 23.49
N LYS A 310 -58.51 14.62 23.35
CA LYS A 310 -58.58 13.60 24.39
C LYS A 310 -57.24 12.92 24.60
N ARG A 311 -56.59 12.51 23.50
CA ARG A 311 -55.29 11.85 23.61
C ARG A 311 -54.29 12.71 24.37
N PHE A 312 -54.09 13.95 23.91
CA PHE A 312 -53.06 14.80 24.51
C PHE A 312 -53.41 15.16 25.95
N GLN A 313 -54.68 15.47 26.23
CA GLN A 313 -55.05 15.83 27.59
C GLN A 313 -54.94 14.65 28.54
N ILE A 314 -55.26 13.44 28.07
CA ILE A 314 -55.13 12.26 28.93
C ILE A 314 -53.66 11.96 29.20
N MET A 315 -52.81 12.11 28.18
CA MET A 315 -51.37 12.01 28.40
C MET A 315 -50.93 12.97 29.51
N ASN A 316 -51.35 14.23 29.40
CA ASN A 316 -50.97 15.23 30.39
C ASN A 316 -51.51 14.89 31.78
N GLU A 317 -52.72 14.33 31.84
CA GLU A 317 -53.31 13.97 33.13
C GLU A 317 -52.51 12.87 33.81
N ILE A 318 -52.20 11.80 33.05
CA ILE A 318 -51.38 10.72 33.60
C ILE A 318 -50.05 11.27 34.08
N VAL A 319 -49.45 12.15 33.29
CA VAL A 319 -48.14 12.70 33.64
C VAL A 319 -48.22 13.49 34.95
N TYR A 320 -49.22 14.35 35.07
CA TYR A 320 -49.35 15.15 36.27
C TYR A 320 -49.57 14.27 37.50
N GLU A 321 -50.48 13.28 37.39
CA GLU A 321 -50.73 12.39 38.52
C GLU A 321 -49.45 11.70 38.97
N LYS A 322 -48.76 11.03 38.03
CA LYS A 322 -47.60 10.24 38.42
C LYS A 322 -46.42 11.10 38.85
N ILE A 323 -46.30 12.32 38.31
CA ILE A 323 -45.23 13.21 38.76
C ILE A 323 -45.51 13.68 40.18
N MET A 324 -46.75 14.04 40.49
CA MET A 324 -47.08 14.45 41.84
C MET A 324 -46.88 13.31 42.83
N GLU A 325 -47.17 12.07 42.40
CA GLU A 325 -46.99 10.93 43.28
C GLU A 325 -45.54 10.78 43.72
N HIS A 326 -44.59 11.11 42.85
CA HIS A 326 -43.17 11.08 43.19
C HIS A 326 -42.65 12.50 43.39
N ALA A 327 -43.06 13.10 44.51
CA ALA A 327 -42.82 14.51 44.74
C ALA A 327 -41.40 14.78 45.24
N GLY A 328 -41.02 14.14 46.34
CA GLY A 328 -39.76 14.44 47.01
C GLY A 328 -38.69 13.42 46.71
N LYS A 329 -37.50 13.92 46.35
CA LYS A 329 -36.32 13.11 46.05
C LYS A 329 -36.60 12.04 44.99
N ASN A 330 -37.51 12.33 44.07
CA ASN A 330 -37.79 11.42 42.96
C ASN A 330 -37.89 12.24 41.68
N GLN A 331 -37.62 11.58 40.55
CA GLN A 331 -37.58 12.24 39.25
C GLN A 331 -38.39 11.42 38.25
N VAL A 332 -39.54 11.96 37.86
CA VAL A 332 -40.42 11.33 36.88
C VAL A 332 -40.10 11.95 35.53
N LEU A 333 -39.51 11.15 34.64
CA LEU A 333 -39.06 11.64 33.36
C LEU A 333 -40.05 11.30 32.25
N VAL A 334 -40.09 12.17 31.25
CA VAL A 334 -41.02 12.03 30.14
C VAL A 334 -40.22 12.00 28.84
N PHE A 335 -40.65 11.15 27.91
CA PHE A 335 -39.98 11.00 26.62
C PHE A 335 -40.92 11.35 25.49
N VAL A 336 -40.51 12.30 24.65
CA VAL A 336 -41.29 12.71 23.50
C VAL A 336 -40.56 12.31 22.23
N HIS A 337 -41.31 12.34 21.12
CA HIS A 337 -40.80 11.87 19.83
C HIS A 337 -40.40 13.02 18.91
N SER A 338 -40.39 14.25 19.39
CA SER A 338 -40.01 15.39 18.56
C SER A 338 -39.57 16.53 19.46
N ARG A 339 -38.79 17.44 18.87
CA ARG A 339 -38.37 18.64 19.60
C ARG A 339 -39.51 19.65 19.71
N LYS A 340 -40.53 19.55 18.87
CA LYS A 340 -41.73 20.35 19.04
C LYS A 340 -42.65 19.78 20.12
N GLU A 341 -42.41 18.54 20.56
CA GLU A 341 -43.24 17.91 21.58
C GLU A 341 -42.66 18.03 22.98
N THR A 342 -41.36 18.26 23.13
CA THR A 342 -40.81 18.51 24.47
C THR A 342 -41.23 19.88 24.98
N GLY A 343 -41.19 20.89 24.11
CA GLY A 343 -41.72 22.19 24.47
C GLY A 343 -43.22 22.14 24.73
N LYS A 344 -43.94 21.37 23.92
CA LYS A 344 -45.39 21.22 24.13
C LYS A 344 -45.67 20.53 25.46
N THR A 345 -44.86 19.54 25.83
CA THR A 345 -45.05 18.86 27.11
C THR A 345 -44.74 19.80 28.28
N ALA A 346 -43.66 20.56 28.18
CA ALA A 346 -43.37 21.58 29.20
C ALA A 346 -44.54 22.54 29.33
N ARG A 347 -45.02 23.06 28.20
CA ARG A 347 -46.16 23.97 28.19
C ARG A 347 -47.36 23.35 28.87
N ALA A 348 -47.74 22.13 28.47
CA ALA A 348 -48.97 21.52 28.95
C ALA A 348 -48.88 21.22 30.45
N ILE A 349 -47.72 20.71 30.90
CA ILE A 349 -47.55 20.46 32.33
C ILE A 349 -47.67 21.76 33.11
N ARG A 350 -46.94 22.79 32.69
CA ARG A 350 -47.02 24.09 33.36
C ARG A 350 -48.46 24.61 33.39
N ASP A 351 -49.16 24.50 32.26
CA ASP A 351 -50.49 25.09 32.13
C ASP A 351 -51.50 24.35 33.00
N MET A 352 -51.63 23.03 32.83
CA MET A 352 -52.59 22.28 33.62
C MET A 352 -52.21 22.22 35.09
N CYS A 353 -50.95 22.47 35.43
CA CYS A 353 -50.62 22.78 36.81
C CYS A 353 -51.28 24.08 37.23
N LEU A 354 -51.07 25.15 36.44
CA LEU A 354 -51.68 26.44 36.74
C LEU A 354 -53.20 26.36 36.73
N GLU A 355 -53.77 25.65 35.75
CA GLU A 355 -55.22 25.63 35.60
C GLU A 355 -55.90 25.01 36.81
N LYS A 356 -55.26 24.01 37.42
CA LYS A 356 -55.83 23.37 38.62
C LYS A 356 -55.14 23.92 39.87
N ASP A 357 -55.50 25.17 40.18
CA ASP A 357 -55.11 25.86 41.42
C ASP A 357 -53.61 26.07 41.55
N THR A 358 -52.86 26.00 40.44
CA THR A 358 -51.40 26.13 40.44
C THR A 358 -50.74 25.16 41.43
N LEU A 359 -51.45 24.10 41.79
CA LEU A 359 -50.93 23.13 42.74
C LEU A 359 -49.87 22.27 42.06
N GLY A 360 -49.17 21.46 42.86
CA GLY A 360 -47.98 20.79 42.40
C GLY A 360 -46.73 21.63 42.48
N LEU A 361 -46.86 22.95 42.65
CA LEU A 361 -45.72 23.82 42.84
C LEU A 361 -45.00 23.45 44.13
N PHE A 362 -43.78 23.98 44.27
CA PHE A 362 -42.90 23.67 45.40
C PHE A 362 -42.62 22.17 45.46
N LEU A 363 -42.36 21.56 44.30
CA LEU A 363 -41.87 20.19 44.25
C LEU A 363 -40.62 20.05 45.10
N ARG A 364 -39.79 21.07 45.12
CA ARG A 364 -38.67 21.18 46.04
C ARG A 364 -39.15 22.01 47.23
N GLU A 365 -39.54 21.31 48.30
CA GLU A 365 -40.18 21.95 49.43
C GLU A 365 -39.29 23.00 50.10
N GLY A 366 -37.98 22.94 49.86
CA GLY A 366 -37.12 24.06 50.21
C GLY A 366 -37.34 25.19 49.23
N SER A 367 -38.53 25.81 49.28
CA SER A 367 -38.92 26.78 48.26
C SER A 367 -38.06 28.03 48.32
N ALA A 368 -37.58 28.39 49.50
CA ALA A 368 -36.74 29.58 49.63
C ALA A 368 -35.42 29.41 48.88
N SER A 369 -34.75 28.28 49.08
CA SER A 369 -33.49 28.03 48.41
C SER A 369 -33.32 26.55 48.07
N THR A 370 -32.49 25.86 48.85
CA THR A 370 -32.07 24.48 48.58
C THR A 370 -31.60 24.35 47.14
N GLU A 371 -32.36 23.64 46.30
CA GLU A 371 -32.00 23.46 44.90
C GLU A 371 -32.42 24.65 44.05
N VAL A 372 -33.49 25.36 44.43
CA VAL A 372 -33.89 26.56 43.70
C VAL A 372 -32.80 27.60 43.76
N LEU A 373 -32.08 27.65 44.89
CA LEU A 373 -30.90 28.51 45.02
C LEU A 373 -29.92 28.28 43.89
N ARG A 374 -29.47 27.03 43.72
CA ARG A 374 -28.48 26.72 42.70
C ARG A 374 -29.04 26.91 41.30
N THR A 375 -30.33 26.57 41.09
CA THR A 375 -30.92 26.77 39.77
C THR A 375 -30.86 28.24 39.37
N GLU A 376 -31.40 29.12 40.23
CA GLU A 376 -31.37 30.55 39.92
C GLU A 376 -29.94 31.07 39.80
N ALA A 377 -29.02 30.57 40.63
CA ALA A 377 -27.65 31.06 40.57
C ALA A 377 -27.00 30.71 39.23
N GLU A 378 -27.28 29.51 38.71
CA GLU A 378 -26.71 29.08 37.43
C GLU A 378 -27.57 29.48 36.24
N GLN A 379 -28.47 30.45 36.39
CA GLN A 379 -29.40 30.84 35.33
C GLN A 379 -28.75 31.88 34.42
N CYS A 380 -28.05 31.38 33.40
CA CYS A 380 -27.51 32.20 32.32
C CYS A 380 -27.72 31.42 31.02
N LYS A 381 -28.98 31.04 30.79
CA LYS A 381 -29.32 30.09 29.76
C LYS A 381 -30.20 30.75 28.69
N ASN A 382 -30.69 29.92 27.78
CA ASN A 382 -31.45 30.37 26.62
C ASN A 382 -32.62 29.44 26.38
N LEU A 383 -33.46 29.82 25.44
CA LEU A 383 -34.67 29.09 25.03
C LEU A 383 -35.56 28.94 26.27
N GLU A 384 -36.19 27.78 26.47
CA GLU A 384 -37.11 27.57 27.58
C GLU A 384 -36.43 26.98 28.82
N LEU A 385 -35.14 27.27 29.02
CA LEU A 385 -34.43 26.78 30.19
C LEU A 385 -34.58 27.74 31.37
N LYS A 386 -34.53 29.04 31.10
CA LYS A 386 -34.47 30.02 32.18
C LYS A 386 -35.77 30.08 32.98
N ASP A 387 -36.90 29.72 32.36
CA ASP A 387 -38.19 29.76 33.07
C ASP A 387 -38.50 28.46 33.81
N LEU A 388 -38.24 27.31 33.17
CA LEU A 388 -38.54 26.03 33.78
C LEU A 388 -37.46 25.54 34.75
N LEU A 389 -36.27 26.16 34.75
CA LEU A 389 -35.20 25.66 35.61
C LEU A 389 -35.45 25.97 37.09
N PRO A 390 -35.78 27.20 37.49
CA PRO A 390 -36.16 27.40 38.90
C PRO A 390 -37.49 26.77 39.25
N TYR A 391 -38.37 26.57 38.26
CA TYR A 391 -39.65 25.93 38.51
C TYR A 391 -39.49 24.45 38.85
N GLY A 392 -38.43 23.82 38.35
CA GLY A 392 -38.16 22.41 38.61
C GLY A 392 -38.10 21.56 37.36
N PHE A 393 -38.62 22.04 36.23
CA PHE A 393 -38.67 21.26 35.00
C PHE A 393 -37.34 21.37 34.26
N ALA A 394 -37.30 20.74 33.08
CA ALA A 394 -36.14 20.80 32.20
C ALA A 394 -36.53 20.16 30.87
N ILE A 395 -35.74 20.48 29.84
CA ILE A 395 -35.87 19.86 28.53
C ILE A 395 -34.47 19.47 28.05
N HIS A 396 -34.43 18.55 27.09
CA HIS A 396 -33.16 18.03 26.59
C HIS A 396 -33.36 17.44 25.21
N HIS A 397 -32.71 18.02 24.20
CA HIS A 397 -32.71 17.45 22.87
C HIS A 397 -31.47 17.93 22.14
N ALA A 398 -31.38 17.60 20.84
CA ALA A 398 -30.15 17.83 20.10
C ALA A 398 -29.97 19.29 19.71
N GLY A 399 -31.06 20.04 19.60
CA GLY A 399 -30.99 21.43 19.17
C GLY A 399 -30.54 22.39 20.25
N MET A 400 -29.68 21.93 21.16
CA MET A 400 -29.16 22.75 22.23
C MET A 400 -27.63 22.74 22.22
N THR A 401 -27.04 23.72 22.87
CA THR A 401 -25.60 23.80 22.98
C THR A 401 -25.05 22.69 23.87
N ARG A 402 -23.75 22.46 23.76
CA ARG A 402 -23.10 21.50 24.64
C ARG A 402 -23.16 21.94 26.09
N VAL A 403 -22.98 23.25 26.32
CA VAL A 403 -22.93 23.76 27.69
C VAL A 403 -24.28 23.58 28.38
N ASP A 404 -25.37 23.98 27.72
CA ASP A 404 -26.66 23.90 28.38
C ASP A 404 -27.13 22.45 28.53
N ARG A 405 -26.84 21.60 27.55
CA ARG A 405 -27.17 20.19 27.67
C ARG A 405 -26.43 19.56 28.84
N THR A 406 -25.11 19.76 28.91
CA THR A 406 -24.34 19.22 30.02
C THR A 406 -24.74 19.85 31.34
N LEU A 407 -25.25 21.09 31.33
CA LEU A 407 -25.69 21.71 32.57
C LEU A 407 -26.98 21.09 33.08
N VAL A 408 -27.94 20.85 32.18
CA VAL A 408 -29.14 20.12 32.56
C VAL A 408 -28.78 18.73 33.08
N GLU A 409 -27.86 18.05 32.40
CA GLU A 409 -27.44 16.73 32.85
C GLU A 409 -26.79 16.79 34.23
N ASP A 410 -25.94 17.79 34.46
CA ASP A 410 -25.28 17.93 35.76
C ASP A 410 -26.29 18.20 36.87
N LEU A 411 -27.12 19.23 36.69
CA LEU A 411 -28.10 19.58 37.72
C LEU A 411 -29.12 18.46 37.92
N PHE A 412 -29.30 17.59 36.94
CA PHE A 412 -30.11 16.40 37.16
C PHE A 412 -29.35 15.36 37.96
N ALA A 413 -28.05 15.19 37.68
CA ALA A 413 -27.22 14.32 38.50
C ALA A 413 -27.03 14.90 39.90
N ASP A 414 -27.01 16.22 40.03
CA ASP A 414 -27.06 16.86 41.34
C ASP A 414 -28.39 16.66 42.02
N LYS A 415 -29.37 16.07 41.32
CA LYS A 415 -30.71 15.81 41.86
C LYS A 415 -31.42 17.10 42.29
N HIS A 416 -31.03 18.21 41.66
CA HIS A 416 -31.67 19.50 41.88
C HIS A 416 -32.74 19.80 40.84
N ILE A 417 -32.48 19.46 39.58
CA ILE A 417 -33.56 19.39 38.60
C ILE A 417 -34.44 18.19 38.92
N GLN A 418 -35.76 18.37 38.87
CA GLN A 418 -36.68 17.30 39.21
C GLN A 418 -37.27 16.65 37.97
N VAL A 419 -38.08 17.39 37.22
CA VAL A 419 -38.76 16.85 36.04
C VAL A 419 -37.94 17.19 34.81
N LEU A 420 -37.88 16.26 33.86
CA LEU A 420 -37.15 16.46 32.62
C LEU A 420 -37.87 15.70 31.51
N VAL A 421 -38.24 16.40 30.44
CA VAL A 421 -38.80 15.80 29.24
C VAL A 421 -37.74 15.88 28.14
N SER A 422 -37.53 14.77 27.44
CA SER A 422 -36.48 14.72 26.44
C SER A 422 -36.90 13.75 25.34
N THR A 423 -35.97 13.46 24.44
CA THR A 423 -36.16 12.55 23.33
C THR A 423 -35.28 11.32 23.51
N ALA A 424 -35.23 10.47 22.48
CA ALA A 424 -34.48 9.23 22.59
C ALA A 424 -32.97 9.47 22.64
N THR A 425 -32.52 10.60 22.08
CA THR A 425 -31.09 10.89 22.04
C THR A 425 -30.50 10.93 23.44
N LEU A 426 -31.25 11.45 24.42
CA LEU A 426 -30.77 11.45 25.80
C LEU A 426 -30.68 10.04 26.34
N ALA A 427 -31.63 9.17 25.99
CA ALA A 427 -31.60 7.80 26.45
C ALA A 427 -30.46 7.01 25.82
N TRP A 428 -29.97 7.43 24.65
CA TRP A 428 -28.90 6.70 23.98
C TRP A 428 -27.50 7.22 24.32
N GLY A 429 -27.34 8.54 24.41
CA GLY A 429 -26.02 9.13 24.54
C GLY A 429 -25.61 9.68 25.88
N VAL A 430 -26.42 9.53 26.93
CA VAL A 430 -26.08 10.06 28.25
C VAL A 430 -26.53 9.07 29.31
N ASN A 431 -25.65 8.76 30.28
CA ASN A 431 -26.00 7.89 31.39
C ASN A 431 -26.75 8.74 32.42
N LEU A 432 -28.07 8.83 32.23
CA LEU A 432 -28.91 9.69 33.07
C LEU A 432 -30.18 8.94 33.42
N PRO A 433 -30.19 8.27 34.58
CA PRO A 433 -31.37 7.49 34.96
C PRO A 433 -32.37 8.30 35.79
N ALA A 434 -33.52 7.70 36.09
CA ALA A 434 -34.55 8.37 36.87
C ALA A 434 -35.39 7.32 37.57
N HIS A 435 -36.10 7.76 38.62
CA HIS A 435 -36.95 6.84 39.37
C HIS A 435 -38.14 6.39 38.54
N THR A 436 -38.76 7.30 37.80
CA THR A 436 -39.92 7.00 36.97
C THR A 436 -39.67 7.49 35.56
N VAL A 437 -40.17 6.75 34.57
CA VAL A 437 -40.07 7.11 33.16
C VAL A 437 -41.44 6.98 32.52
N ILE A 438 -41.87 8.02 31.83
CA ILE A 438 -43.17 8.07 31.16
C ILE A 438 -42.95 8.20 29.66
N ILE A 439 -43.37 7.19 28.91
CA ILE A 439 -43.29 7.22 27.45
C ILE A 439 -44.56 7.91 26.95
N LYS A 440 -44.43 9.16 26.56
CA LYS A 440 -45.56 9.97 26.10
C LYS A 440 -45.80 9.68 24.62
N GLY A 441 -46.76 8.81 24.33
CA GLY A 441 -47.06 8.45 22.95
C GLY A 441 -45.99 7.55 22.37
N THR A 442 -46.32 6.82 21.30
CA THR A 442 -45.37 5.92 20.67
C THR A 442 -45.35 6.06 19.15
N GLN A 443 -45.94 7.11 18.61
CA GLN A 443 -45.94 7.36 17.17
C GLN A 443 -44.82 8.34 16.82
N VAL A 444 -43.96 7.94 15.89
CA VAL A 444 -42.86 8.78 15.44
C VAL A 444 -42.98 8.95 13.93
N TYR A 445 -42.19 9.86 13.37
CA TYR A 445 -42.20 10.13 11.94
C TYR A 445 -40.97 9.56 11.28
N SER A 446 -41.17 8.84 10.17
CA SER A 446 -40.10 8.21 9.41
C SER A 446 -40.02 8.87 8.04
N PRO A 447 -38.93 9.58 7.72
CA PRO A 447 -38.78 10.09 6.35
C PRO A 447 -38.53 9.00 5.33
N GLU A 448 -37.89 7.89 5.74
CA GLU A 448 -37.68 6.77 4.83
C GLU A 448 -39.01 6.23 4.32
N LYS A 449 -39.89 5.84 5.23
CA LYS A 449 -41.25 5.47 4.85
C LYS A 449 -42.10 6.67 4.48
N GLY A 450 -41.62 7.89 4.76
CA GLY A 450 -42.39 9.08 4.45
C GLY A 450 -43.73 9.13 5.14
N ARG A 451 -43.82 8.64 6.37
CA ARG A 451 -45.09 8.53 7.06
C ARG A 451 -44.82 8.40 8.55
N TRP A 452 -45.89 8.48 9.33
CA TRP A 452 -45.79 8.23 10.77
C TRP A 452 -45.93 6.75 11.03
N THR A 453 -45.00 6.18 11.80
CA THR A 453 -44.97 4.76 12.12
C THR A 453 -44.89 4.60 13.63
N GLU A 454 -44.86 3.33 14.06
CA GLU A 454 -44.64 2.99 15.45
C GLU A 454 -43.14 2.95 15.73
N LEU A 455 -42.80 3.13 17.01
CA LEU A 455 -41.40 3.22 17.42
C LEU A 455 -40.68 1.89 17.20
N GLY A 456 -39.36 1.95 17.29
CA GLY A 456 -38.54 0.75 17.20
C GLY A 456 -38.32 0.10 18.56
N ALA A 457 -37.88 -1.16 18.51
CA ALA A 457 -37.69 -1.93 19.74
C ALA A 457 -36.59 -1.32 20.61
N LEU A 458 -35.45 -0.98 20.01
CA LEU A 458 -34.31 -0.52 20.78
C LEU A 458 -34.64 0.75 21.54
N ASP A 459 -35.37 1.68 20.91
CA ASP A 459 -35.74 2.92 21.58
C ASP A 459 -36.61 2.63 22.80
N ILE A 460 -37.69 1.88 22.61
CA ILE A 460 -38.60 1.57 23.72
C ILE A 460 -37.86 0.90 24.85
N LEU A 461 -37.00 -0.08 24.52
CA LEU A 461 -36.32 -0.84 25.57
C LEU A 461 -35.30 0.01 26.30
N GLN A 462 -34.52 0.82 25.57
CA GLN A 462 -33.54 1.68 26.22
C GLN A 462 -34.22 2.72 27.10
N MET A 463 -35.37 3.24 26.66
CA MET A 463 -36.07 4.24 27.45
C MET A 463 -36.66 3.63 28.72
N LEU A 464 -37.40 2.53 28.58
CA LEU A 464 -37.99 1.91 29.76
C LEU A 464 -36.97 1.22 30.64
N GLY A 465 -35.74 1.04 30.16
CA GLY A 465 -34.65 0.61 31.02
C GLY A 465 -34.00 1.74 31.81
N ARG A 466 -34.27 2.98 31.43
CA ARG A 466 -33.76 4.12 32.19
C ARG A 466 -34.49 4.30 33.51
N ALA A 467 -35.65 3.67 33.68
CA ALA A 467 -36.41 3.78 34.92
C ALA A 467 -35.65 3.08 36.04
N GLY A 468 -35.54 3.75 37.18
CA GLY A 468 -34.81 3.22 38.31
C GLY A 468 -33.34 3.58 38.26
N ARG A 469 -32.93 4.59 39.03
CA ARG A 469 -31.52 4.92 39.15
C ARG A 469 -30.77 3.74 39.77
N PRO A 470 -29.52 3.52 39.38
CA PRO A 470 -28.81 2.31 39.79
C PRO A 470 -28.65 2.18 41.30
N GLN A 471 -27.97 3.15 41.92
CA GLN A 471 -27.66 3.08 43.34
C GLN A 471 -28.60 3.90 44.21
N TYR A 472 -29.52 4.65 43.62
CA TYR A 472 -30.39 5.54 44.39
C TYR A 472 -31.85 5.09 44.41
N ASP A 473 -32.14 3.88 43.95
CA ASP A 473 -33.52 3.41 43.87
C ASP A 473 -33.64 1.97 44.36
N THR A 474 -34.74 1.69 45.06
CA THR A 474 -35.12 0.33 45.39
C THR A 474 -36.12 -0.26 44.41
N LYS A 475 -36.94 0.58 43.79
CA LYS A 475 -37.86 0.14 42.74
C LYS A 475 -38.02 1.27 41.73
N GLY A 476 -38.28 0.90 40.49
CA GLY A 476 -38.56 1.84 39.43
C GLY A 476 -40.01 1.74 38.97
N GLU A 477 -40.41 2.72 38.17
CA GLU A 477 -41.77 2.76 37.62
C GLU A 477 -41.69 3.21 36.17
N GLY A 478 -42.00 2.31 35.25
CA GLY A 478 -42.08 2.64 33.84
C GLY A 478 -43.54 2.75 33.43
N ILE A 479 -43.85 3.84 32.75
CA ILE A 479 -45.21 4.12 32.29
C ILE A 479 -45.16 4.37 30.79
N LEU A 480 -45.97 3.63 30.04
CA LEU A 480 -45.97 3.69 28.59
C LEU A 480 -47.36 4.05 28.10
N ILE A 481 -47.44 5.04 27.22
CA ILE A 481 -48.71 5.56 26.70
C ILE A 481 -48.72 5.33 25.20
N THR A 482 -49.74 4.63 24.71
CA THR A 482 -49.84 4.27 23.31
C THR A 482 -51.31 4.15 22.93
N SER A 483 -51.57 3.50 21.81
CA SER A 483 -52.93 3.16 21.40
C SER A 483 -53.31 1.79 21.94
N HIS A 484 -54.62 1.51 21.96
CA HIS A 484 -55.10 0.24 22.47
C HIS A 484 -54.64 -0.92 21.61
N GLY A 485 -54.81 -0.79 20.29
CA GLY A 485 -54.49 -1.87 19.36
C GLY A 485 -53.03 -2.29 19.35
N GLU A 486 -52.19 -1.58 20.10
CA GLU A 486 -50.78 -1.91 20.21
C GLU A 486 -50.40 -2.54 21.54
N LEU A 487 -51.30 -2.55 22.52
CA LEU A 487 -50.98 -3.00 23.87
C LEU A 487 -50.32 -4.38 23.86
N GLN A 488 -51.03 -5.38 23.34
CA GLN A 488 -50.52 -6.75 23.35
C GLN A 488 -49.12 -6.85 22.77
N TYR A 489 -48.75 -5.93 21.87
CA TYR A 489 -47.43 -5.99 21.28
C TYR A 489 -46.37 -5.45 22.24
N TYR A 490 -46.64 -4.32 22.90
CA TYR A 490 -45.67 -3.78 23.84
C TYR A 490 -45.50 -4.71 25.05
N LEU A 491 -46.59 -5.35 25.47
CA LEU A 491 -46.49 -6.39 26.50
C LEU A 491 -45.50 -7.46 26.08
N SER A 492 -45.45 -7.77 24.79
CA SER A 492 -44.49 -8.75 24.29
C SER A 492 -43.08 -8.16 24.28
N LEU A 493 -42.97 -6.86 23.97
CA LEU A 493 -41.64 -6.28 23.80
C LEU A 493 -40.91 -6.14 25.13
N LEU A 494 -41.64 -6.04 26.23
CA LEU A 494 -41.05 -5.78 27.54
C LEU A 494 -41.12 -6.97 28.48
N ASN A 495 -41.63 -8.11 28.04
CA ASN A 495 -41.75 -9.28 28.89
C ASN A 495 -41.22 -10.53 28.17
N GLN A 496 -40.10 -10.37 27.47
CA GLN A 496 -39.36 -11.47 26.86
C GLN A 496 -40.23 -12.31 25.94
N GLN A 497 -41.12 -11.66 25.19
CA GLN A 497 -42.02 -12.43 24.34
C GLN A 497 -42.16 -11.91 22.91
N LEU A 498 -41.43 -10.87 22.52
CA LEU A 498 -41.42 -10.45 21.12
C LEU A 498 -40.25 -11.15 20.42
N PRO A 499 -40.49 -12.06 19.49
CA PRO A 499 -39.39 -12.84 18.92
C PRO A 499 -38.53 -12.00 17.99
N ILE A 500 -37.28 -12.45 17.84
CA ILE A 500 -36.31 -11.82 16.95
C ILE A 500 -36.32 -12.55 15.62
N GLU A 501 -36.59 -11.81 14.56
CA GLU A 501 -36.69 -12.37 13.21
C GLU A 501 -35.57 -11.79 12.35
N SER A 502 -35.62 -12.09 11.05
CA SER A 502 -34.63 -11.62 10.09
C SER A 502 -35.32 -10.88 8.96
N GLN A 503 -34.87 -9.66 8.70
CA GLN A 503 -35.42 -8.82 7.64
C GLN A 503 -34.55 -8.87 6.38
N MET A 504 -33.86 -9.99 6.17
CA MET A 504 -32.88 -10.07 5.09
C MET A 504 -33.53 -10.06 3.71
N VAL A 505 -34.74 -10.60 3.58
CA VAL A 505 -35.28 -10.84 2.25
C VAL A 505 -35.55 -9.54 1.50
N SER A 506 -35.88 -8.45 2.22
CA SER A 506 -36.09 -7.17 1.54
C SER A 506 -34.78 -6.51 1.15
N LYS A 507 -33.70 -6.80 1.89
CA LYS A 507 -32.38 -6.26 1.61
C LYS A 507 -31.48 -7.27 0.90
N LEU A 508 -32.07 -8.35 0.38
CA LEU A 508 -31.24 -9.41 -0.21
C LEU A 508 -30.49 -8.97 -1.45
N PRO A 509 -31.10 -8.29 -2.45
CA PRO A 509 -30.35 -7.94 -3.66
C PRO A 509 -29.13 -7.09 -3.35
N ASP A 510 -29.37 -5.94 -2.71
CA ASP A 510 -28.28 -5.04 -2.34
C ASP A 510 -27.15 -5.79 -1.65
N MET A 511 -27.48 -6.46 -0.54
CA MET A 511 -26.49 -7.26 0.18
C MET A 511 -25.75 -8.22 -0.76
N LEU A 512 -26.48 -8.96 -1.59
CA LEU A 512 -25.84 -9.90 -2.50
C LEU A 512 -24.84 -9.20 -3.40
N ASN A 513 -25.22 -8.03 -3.94
CA ASN A 513 -24.30 -7.28 -4.78
C ASN A 513 -23.03 -6.93 -4.01
N ALA A 514 -23.19 -6.50 -2.76
CA ALA A 514 -22.02 -6.13 -1.97
C ALA A 514 -21.07 -7.31 -1.82
N GLU A 515 -21.59 -8.53 -1.89
CA GLU A 515 -20.72 -9.70 -1.84
C GLU A 515 -20.19 -10.09 -3.21
N ILE A 516 -20.95 -9.83 -4.27
CA ILE A 516 -20.42 -10.05 -5.62
C ILE A 516 -19.27 -9.08 -5.88
N VAL A 517 -19.46 -7.81 -5.52
CA VAL A 517 -18.42 -6.81 -5.70
C VAL A 517 -17.20 -7.15 -4.87
N LEU A 518 -17.40 -7.66 -3.66
CA LEU A 518 -16.31 -7.97 -2.75
C LEU A 518 -15.55 -9.23 -3.14
N GLY A 519 -15.97 -9.91 -4.21
CA GLY A 519 -15.28 -11.11 -4.65
C GLY A 519 -15.48 -12.33 -3.79
N ASN A 520 -16.23 -12.22 -2.68
CA ASN A 520 -16.53 -13.36 -1.83
C ASN A 520 -17.63 -14.25 -2.38
N VAL A 521 -18.28 -13.84 -3.46
CA VAL A 521 -19.35 -14.61 -4.08
C VAL A 521 -19.21 -14.50 -5.59
N GLN A 522 -18.63 -15.51 -6.22
CA GLN A 522 -18.42 -15.50 -7.67
C GLN A 522 -19.47 -16.27 -8.44
N ASN A 523 -20.14 -17.23 -7.79
CA ASN A 523 -21.20 -18.01 -8.41
C ASN A 523 -22.48 -17.86 -7.58
N ALA A 524 -23.53 -18.54 -8.04
CA ALA A 524 -24.71 -18.68 -7.20
C ALA A 524 -24.48 -19.67 -6.07
N LYS A 525 -23.52 -20.57 -6.23
CA LYS A 525 -23.29 -21.60 -5.22
C LYS A 525 -22.73 -21.03 -3.93
N ASP A 526 -21.60 -20.33 -4.00
CA ASP A 526 -21.08 -19.70 -2.79
C ASP A 526 -22.00 -18.58 -2.32
N ALA A 527 -22.86 -18.05 -3.21
CA ALA A 527 -23.94 -17.19 -2.75
C ALA A 527 -24.87 -17.94 -1.80
N VAL A 528 -25.25 -19.17 -2.18
CA VAL A 528 -26.13 -19.98 -1.34
C VAL A 528 -25.43 -20.31 -0.02
N ASN A 529 -24.14 -20.63 -0.08
CA ASN A 529 -23.38 -20.89 1.14
C ASN A 529 -23.36 -19.66 2.05
N TRP A 530 -23.09 -18.49 1.47
CA TRP A 530 -23.14 -17.25 2.22
C TRP A 530 -24.51 -17.06 2.88
N LEU A 531 -25.58 -17.27 2.12
CA LEU A 531 -26.92 -17.19 2.69
C LEU A 531 -27.08 -18.12 3.88
N GLY A 532 -26.49 -19.32 3.78
CA GLY A 532 -26.43 -20.20 4.93
C GLY A 532 -25.70 -19.58 6.10
N TYR A 533 -24.70 -18.74 5.84
CA TYR A 533 -24.00 -18.07 6.94
C TYR A 533 -24.86 -17.04 7.65
N ALA A 534 -26.03 -16.70 7.12
CA ALA A 534 -26.83 -15.60 7.64
C ALA A 534 -27.78 -16.06 8.74
N TYR A 535 -28.30 -15.08 9.49
CA TYR A 535 -29.31 -15.36 10.52
C TYR A 535 -30.62 -15.82 9.90
N LEU A 536 -30.90 -15.40 8.67
CA LEU A 536 -32.11 -15.81 7.98
C LEU A 536 -32.17 -17.34 7.84
N TYR A 537 -31.03 -17.98 7.59
CA TYR A 537 -31.00 -19.42 7.44
C TYR A 537 -31.45 -20.13 8.71
N ILE A 538 -30.80 -19.81 9.84
CA ILE A 538 -31.17 -20.42 11.11
C ILE A 538 -32.63 -20.13 11.45
N ARG A 539 -33.06 -18.88 11.26
CA ARG A 539 -34.42 -18.52 11.65
C ARG A 539 -35.46 -19.20 10.76
N MET A 540 -35.14 -19.41 9.47
CA MET A 540 -36.04 -20.18 8.60
C MET A 540 -36.07 -21.64 9.00
N LEU A 541 -34.93 -22.19 9.44
CA LEU A 541 -34.87 -23.61 9.79
C LEU A 541 -35.76 -23.94 10.98
N ARG A 542 -35.97 -22.98 11.89
CA ARG A 542 -36.60 -23.25 13.18
C ARG A 542 -37.97 -22.57 13.30
N SER A 543 -38.55 -22.13 12.19
CA SER A 543 -39.90 -21.57 12.14
C SER A 543 -40.33 -21.36 10.69
N PRO A 544 -40.22 -22.38 9.82
CA PRO A 544 -40.39 -22.14 8.38
C PRO A 544 -41.75 -21.59 7.99
N THR A 545 -42.79 -21.81 8.80
CA THR A 545 -44.14 -21.39 8.40
C THR A 545 -44.23 -19.87 8.23
N LEU A 546 -43.61 -19.11 9.15
CA LEU A 546 -43.64 -17.66 9.00
C LEU A 546 -42.63 -17.16 7.98
N TYR A 547 -41.86 -18.05 7.36
CA TYR A 547 -40.93 -17.67 6.30
C TYR A 547 -41.37 -18.16 4.93
N GLY A 548 -42.59 -18.66 4.81
CA GLY A 548 -43.14 -19.09 3.54
C GLY A 548 -42.86 -20.52 3.15
N ILE A 549 -42.34 -21.34 4.06
CA ILE A 549 -41.94 -22.71 3.77
C ILE A 549 -42.92 -23.67 4.41
N SER A 550 -43.26 -24.73 3.68
CA SER A 550 -44.13 -25.78 4.23
C SER A 550 -43.29 -26.82 4.96
N HIS A 551 -43.96 -27.60 5.81
CA HIS A 551 -43.26 -28.63 6.57
C HIS A 551 -42.81 -29.79 5.70
N ASP A 552 -43.39 -29.95 4.51
CA ASP A 552 -42.98 -31.03 3.61
C ASP A 552 -41.77 -30.62 2.77
N ASP A 553 -41.75 -29.38 2.29
CA ASP A 553 -40.58 -28.89 1.56
C ASP A 553 -39.34 -28.88 2.45
N LEU A 554 -39.53 -28.68 3.77
CA LEU A 554 -38.41 -28.81 4.70
C LEU A 554 -37.89 -30.24 4.71
N LYS A 555 -38.78 -31.23 4.63
CA LYS A 555 -38.34 -32.61 4.47
C LYS A 555 -37.57 -32.79 3.17
N GLY A 556 -38.05 -32.17 2.09
CA GLY A 556 -37.36 -32.27 0.81
C GLY A 556 -35.94 -31.72 0.86
N ASP A 557 -35.79 -30.50 1.39
CA ASP A 557 -34.50 -29.84 1.52
C ASP A 557 -34.31 -29.45 2.98
N PRO A 558 -33.82 -30.36 3.82
CA PRO A 558 -33.53 -30.00 5.20
C PRO A 558 -32.54 -28.86 5.33
N LEU A 559 -31.59 -28.77 4.40
CA LEU A 559 -30.65 -27.66 4.35
C LEU A 559 -31.17 -26.49 3.53
N LEU A 560 -32.39 -26.58 3.01
CA LEU A 560 -33.05 -25.48 2.30
C LEU A 560 -32.23 -25.03 1.09
N ASP A 561 -31.77 -26.01 0.30
CA ASP A 561 -31.06 -25.69 -0.92
C ASP A 561 -31.95 -24.92 -1.89
N GLN A 562 -33.18 -25.38 -2.07
CA GLN A 562 -34.05 -24.80 -3.08
C GLN A 562 -34.44 -23.37 -2.74
N ARG A 563 -34.78 -23.10 -1.48
CA ARG A 563 -35.20 -21.76 -1.11
C ARG A 563 -34.04 -20.76 -1.22
N ARG A 564 -32.86 -21.14 -0.75
CA ARG A 564 -31.71 -20.25 -0.86
C ARG A 564 -31.33 -20.03 -2.32
N LEU A 565 -31.44 -21.07 -3.15
CA LEU A 565 -31.14 -20.92 -4.57
C LEU A 565 -32.15 -20.02 -5.25
N ASP A 566 -33.45 -20.19 -4.95
CA ASP A 566 -34.46 -19.31 -5.51
C ASP A 566 -34.24 -17.87 -5.07
N LEU A 567 -33.87 -17.66 -3.81
CA LEU A 567 -33.65 -16.31 -3.32
C LEU A 567 -32.47 -15.64 -4.01
N VAL A 568 -31.33 -16.34 -4.10
CA VAL A 568 -30.18 -15.75 -4.76
C VAL A 568 -30.44 -15.59 -6.26
N HIS A 569 -31.27 -16.45 -6.85
CA HIS A 569 -31.61 -16.29 -8.25
C HIS A 569 -32.46 -15.05 -8.49
N THR A 570 -33.44 -14.80 -7.62
CA THR A 570 -34.23 -13.58 -7.74
C THR A 570 -33.36 -12.35 -7.56
N ALA A 571 -32.50 -12.35 -6.54
CA ALA A 571 -31.62 -11.21 -6.34
C ALA A 571 -30.71 -11.00 -7.54
N ALA A 572 -30.21 -12.09 -8.13
CA ALA A 572 -29.31 -11.96 -9.27
C ALA A 572 -30.04 -11.46 -10.50
N LEU A 573 -31.30 -11.86 -10.69
CA LEU A 573 -32.10 -11.33 -11.78
C LEU A 573 -32.38 -9.85 -11.58
N MET A 574 -32.62 -9.43 -10.35
CA MET A 574 -32.77 -8.01 -10.05
C MET A 574 -31.50 -7.23 -10.39
N LEU A 575 -30.35 -7.75 -9.97
CA LEU A 575 -29.09 -7.06 -10.22
C LEU A 575 -28.72 -7.07 -11.69
N ASP A 576 -29.14 -8.09 -12.44
CA ASP A 576 -28.92 -8.10 -13.88
C ASP A 576 -29.82 -7.08 -14.57
N LYS A 577 -31.06 -6.96 -14.11
CA LYS A 577 -31.95 -5.94 -14.67
C LYS A 577 -31.38 -4.55 -14.47
N ASN A 578 -30.89 -4.24 -13.27
CA ASN A 578 -30.34 -2.93 -12.96
C ASN A 578 -28.89 -2.77 -13.39
N ASN A 579 -28.29 -3.80 -13.98
CA ASN A 579 -26.95 -3.76 -14.57
C ASN A 579 -25.84 -3.50 -13.54
N LEU A 580 -26.09 -3.75 -12.26
CA LEU A 580 -25.00 -3.75 -11.29
C LEU A 580 -24.15 -5.01 -11.43
N VAL A 581 -24.74 -6.11 -11.88
CA VAL A 581 -24.06 -7.39 -12.00
C VAL A 581 -24.60 -8.08 -13.24
N LYS A 582 -23.71 -8.71 -14.01
CA LYS A 582 -24.12 -9.57 -15.10
C LYS A 582 -24.22 -11.00 -14.58
N TYR A 583 -25.40 -11.61 -14.74
CA TYR A 583 -25.69 -12.94 -14.21
C TYR A 583 -26.23 -13.80 -15.33
N ASP A 584 -25.58 -14.92 -15.60
CA ASP A 584 -26.01 -15.84 -16.65
C ASP A 584 -26.87 -16.94 -16.05
N LYS A 585 -27.92 -17.32 -16.78
CA LYS A 585 -28.88 -18.29 -16.26
C LYS A 585 -28.24 -19.67 -16.12
N LYS A 586 -27.42 -20.07 -17.08
CA LYS A 586 -26.93 -21.45 -17.13
C LYS A 586 -25.88 -21.74 -16.06
N THR A 587 -24.70 -21.14 -16.19
CA THR A 587 -23.61 -21.44 -15.27
C THR A 587 -23.78 -20.80 -13.90
N GLY A 588 -24.70 -19.85 -13.76
CA GLY A 588 -24.91 -19.19 -12.48
C GLY A 588 -23.76 -18.32 -12.03
N ASN A 589 -22.90 -17.88 -12.94
CA ASN A 589 -21.72 -17.10 -12.61
C ASN A 589 -22.06 -15.61 -12.59
N PHE A 590 -21.37 -14.88 -11.72
CA PHE A 590 -21.53 -13.44 -11.58
C PHE A 590 -20.34 -12.72 -12.19
N GLN A 591 -20.60 -11.56 -12.81
CA GLN A 591 -19.54 -10.67 -13.25
C GLN A 591 -19.87 -9.24 -12.82
N VAL A 592 -18.93 -8.63 -12.10
CA VAL A 592 -19.17 -7.34 -11.48
C VAL A 592 -19.18 -6.23 -12.53
N THR A 593 -20.09 -5.29 -12.38
CA THR A 593 -20.10 -4.04 -13.14
C THR A 593 -19.47 -2.94 -12.28
N GLU A 594 -18.85 -1.97 -12.94
CA GLU A 594 -18.38 -0.79 -12.22
C GLU A 594 -19.55 -0.06 -11.56
N LEU A 595 -20.73 -0.11 -12.18
CA LEU A 595 -21.94 0.39 -11.52
C LEU A 595 -22.18 -0.31 -10.20
N GLY A 596 -22.10 -1.65 -10.20
CA GLY A 596 -22.30 -2.38 -8.96
C GLY A 596 -21.20 -2.12 -7.95
N ARG A 597 -19.96 -1.95 -8.41
CA ARG A 597 -18.85 -1.68 -7.50
C ARG A 597 -19.04 -0.34 -6.81
N ILE A 598 -19.41 0.68 -7.58
CA ILE A 598 -19.70 1.99 -6.99
C ILE A 598 -20.89 1.90 -6.05
N ALA A 599 -21.94 1.18 -6.46
CA ALA A 599 -23.13 1.05 -5.63
C ALA A 599 -22.79 0.47 -4.27
N SER A 600 -22.07 -0.65 -4.27
CA SER A 600 -21.62 -1.27 -3.02
C SER A 600 -20.79 -0.28 -2.21
N HIS A 601 -19.69 0.21 -2.78
CA HIS A 601 -18.76 1.04 -2.01
C HIS A 601 -19.42 2.29 -1.46
N TYR A 602 -20.48 2.78 -2.11
CA TYR A 602 -21.16 3.98 -1.67
C TYR A 602 -22.54 3.71 -1.10
N TYR A 603 -22.90 2.43 -0.93
CA TYR A 603 -24.06 2.03 -0.14
C TYR A 603 -25.35 2.67 -0.68
N ILE A 604 -25.67 2.31 -1.93
CA ILE A 604 -26.85 2.84 -2.60
C ILE A 604 -27.58 1.68 -3.27
N THR A 605 -28.88 1.88 -3.50
CA THR A 605 -29.79 0.82 -3.94
C THR A 605 -29.77 0.66 -5.45
N ASN A 606 -29.99 -0.59 -5.90
CA ASN A 606 -29.85 -0.93 -7.31
C ASN A 606 -30.81 -0.14 -8.21
N ASP A 607 -32.03 0.13 -7.72
CA ASP A 607 -32.95 0.93 -8.52
C ASP A 607 -32.39 2.33 -8.78
N THR A 608 -31.74 2.91 -7.77
CA THR A 608 -31.07 4.19 -7.95
C THR A 608 -29.97 4.09 -9.00
N VAL A 609 -29.23 2.98 -9.01
CA VAL A 609 -28.23 2.75 -10.05
C VAL A 609 -28.88 2.77 -11.42
N GLN A 610 -30.02 2.08 -11.56
CA GLN A 610 -30.65 2.02 -12.88
C GLN A 610 -31.13 3.40 -13.33
N THR A 611 -31.73 4.17 -12.41
CA THR A 611 -32.17 5.51 -12.77
C THR A 611 -30.98 6.37 -13.19
N TYR A 612 -29.87 6.29 -12.46
CA TYR A 612 -28.67 7.03 -12.83
C TYR A 612 -28.18 6.63 -14.22
N ASN A 613 -28.02 5.32 -14.44
CA ASN A 613 -27.50 4.83 -15.71
C ASN A 613 -28.42 5.20 -16.87
N GLN A 614 -29.71 5.36 -16.62
CA GLN A 614 -30.60 5.74 -17.71
C GLN A 614 -30.74 7.25 -17.86
N LEU A 615 -30.32 8.04 -16.87
CA LEU A 615 -30.44 9.49 -16.93
C LEU A 615 -29.11 10.22 -17.08
N LEU A 616 -28.07 9.83 -16.35
CA LEU A 616 -26.80 10.54 -16.40
C LEU A 616 -26.22 10.52 -17.81
N LYS A 617 -25.77 11.69 -18.26
CA LYS A 617 -25.31 11.89 -19.64
C LYS A 617 -24.22 12.96 -19.61
N PRO A 618 -23.31 12.96 -20.58
CA PRO A 618 -22.25 13.98 -20.57
C PRO A 618 -22.77 15.40 -20.65
N THR A 619 -23.83 15.63 -21.42
CA THR A 619 -24.41 16.96 -21.62
C THR A 619 -25.37 17.37 -20.51
N LEU A 620 -25.38 16.64 -19.39
CA LEU A 620 -26.31 16.95 -18.30
C LEU A 620 -25.98 18.30 -17.67
N SER A 621 -27.00 19.08 -17.40
CA SER A 621 -26.85 20.38 -16.75
C SER A 621 -26.91 20.20 -15.23
N GLU A 622 -26.61 21.30 -14.52
CA GLU A 622 -26.72 21.27 -13.07
C GLU A 622 -28.17 21.24 -12.62
N ILE A 623 -29.08 21.82 -13.41
CA ILE A 623 -30.50 21.70 -13.11
C ILE A 623 -30.94 20.25 -13.24
N GLU A 624 -30.63 19.62 -14.38
CA GLU A 624 -30.90 18.20 -14.55
C GLU A 624 -30.15 17.36 -13.52
N LEU A 625 -29.00 17.84 -13.04
CA LEU A 625 -28.26 17.09 -12.03
C LEU A 625 -29.00 17.09 -10.70
N PHE A 626 -29.50 18.26 -10.27
CA PHE A 626 -30.33 18.31 -9.07
C PHE A 626 -31.58 17.48 -9.23
N ARG A 627 -32.16 17.47 -10.43
CA ARG A 627 -33.34 16.63 -10.68
C ARG A 627 -33.01 15.16 -10.51
N VAL A 628 -31.93 14.69 -11.14
CA VAL A 628 -31.54 13.28 -11.03
C VAL A 628 -31.28 12.93 -9.58
N PHE A 629 -30.62 13.82 -8.83
CA PHE A 629 -30.40 13.54 -7.42
C PHE A 629 -31.72 13.39 -6.68
N SER A 630 -32.71 14.21 -7.03
CA SER A 630 -34.00 14.12 -6.34
C SER A 630 -34.73 12.82 -6.67
N LEU A 631 -34.46 12.23 -7.83
CA LEU A 631 -35.12 11.01 -8.28
C LEU A 631 -34.52 9.75 -7.68
N SER A 632 -33.63 9.87 -6.71
CA SER A 632 -33.02 8.70 -6.09
C SER A 632 -34.09 7.87 -5.38
N SER A 633 -34.00 6.55 -5.53
CA SER A 633 -34.98 5.67 -4.90
C SER A 633 -34.83 5.59 -3.39
N GLU A 634 -33.79 6.20 -2.81
CA GLU A 634 -33.76 6.39 -1.37
C GLU A 634 -34.87 7.33 -0.91
N PHE A 635 -35.44 8.12 -1.81
CA PHE A 635 -36.52 9.05 -1.51
C PHE A 635 -37.79 8.72 -2.30
N LYS A 636 -37.95 7.48 -2.73
CA LYS A 636 -39.01 7.14 -3.67
C LYS A 636 -40.41 7.19 -3.06
N ASN A 637 -40.54 7.25 -1.74
CA ASN A 637 -41.85 7.34 -1.10
C ASN A 637 -41.99 8.58 -0.22
N ILE A 638 -41.13 9.59 -0.43
CA ILE A 638 -41.34 10.87 0.22
C ILE A 638 -42.52 11.57 -0.44
N THR A 639 -43.29 12.32 0.34
CA THR A 639 -44.51 12.95 -0.14
C THR A 639 -44.46 14.46 0.09
N VAL A 640 -45.24 15.17 -0.71
CA VAL A 640 -45.44 16.61 -0.56
C VAL A 640 -46.73 16.81 0.23
N ARG A 641 -46.58 17.06 1.53
CA ARG A 641 -47.73 17.34 2.38
C ARG A 641 -48.23 18.76 2.16
N GLU A 642 -49.56 18.94 2.26
CA GLU A 642 -50.14 20.26 2.14
C GLU A 642 -49.68 21.19 3.27
N GLU A 643 -49.39 20.62 4.44
CA GLU A 643 -48.99 21.41 5.60
C GLU A 643 -47.63 22.08 5.42
N GLU A 644 -46.95 21.85 4.29
CA GLU A 644 -45.64 22.43 4.06
C GLU A 644 -45.46 23.01 2.66
N LYS A 645 -46.50 23.01 1.83
CA LYS A 645 -46.35 23.44 0.44
C LYS A 645 -46.06 24.93 0.33
N LEU A 646 -46.63 25.74 1.21
CA LEU A 646 -46.35 27.17 1.16
C LEU A 646 -44.90 27.46 1.53
N GLU A 647 -44.39 26.80 2.58
CA GLU A 647 -42.98 26.95 2.93
C GLU A 647 -42.08 26.45 1.80
N LEU A 648 -42.52 25.40 1.09
CA LEU A 648 -41.76 24.94 -0.08
C LEU A 648 -41.71 26.00 -1.16
N GLN A 649 -42.84 26.64 -1.43
CA GLN A 649 -42.88 27.74 -2.41
C GLN A 649 -41.99 28.90 -1.98
N LYS A 650 -41.93 29.16 -0.67
CA LYS A 650 -41.07 30.22 -0.17
C LYS A 650 -39.59 29.87 -0.37
N LEU A 651 -39.23 28.61 -0.14
CA LEU A 651 -37.84 28.19 -0.30
C LEU A 651 -37.42 28.13 -1.76
N LEU A 652 -38.36 27.83 -2.67
CA LEU A 652 -38.00 27.67 -4.09
C LEU A 652 -37.40 28.95 -4.66
N GLU A 653 -37.95 30.10 -4.30
CA GLU A 653 -37.43 31.36 -4.82
C GLU A 653 -36.14 31.78 -4.14
N ARG A 654 -35.89 31.30 -2.92
CA ARG A 654 -34.70 31.62 -2.17
C ARG A 654 -33.54 30.67 -2.45
N VAL A 655 -33.64 29.84 -3.48
CA VAL A 655 -32.53 28.95 -3.85
C VAL A 655 -32.10 29.25 -5.28
N PRO A 656 -30.83 29.02 -5.63
CA PRO A 656 -30.32 29.47 -6.93
C PRO A 656 -30.69 28.62 -8.13
N ILE A 657 -30.81 27.31 -7.97
CA ILE A 657 -31.04 26.44 -9.13
C ILE A 657 -32.51 26.47 -9.51
N PRO A 658 -32.85 26.54 -10.80
CA PRO A 658 -34.25 26.71 -11.21
C PRO A 658 -35.26 25.72 -10.65
N VAL A 659 -34.94 24.43 -10.58
CA VAL A 659 -35.90 23.39 -10.19
C VAL A 659 -37.08 23.40 -11.16
N LYS A 660 -36.80 23.35 -12.46
CA LYS A 660 -37.85 23.30 -13.46
C LYS A 660 -38.48 21.93 -13.59
N GLU A 661 -37.94 20.92 -12.90
CA GLU A 661 -38.37 19.53 -13.11
C GLU A 661 -39.86 19.34 -12.88
N SER A 662 -40.44 20.06 -11.93
CA SER A 662 -41.86 19.90 -11.62
C SER A 662 -42.37 21.15 -10.93
N ILE A 663 -43.54 21.04 -10.32
CA ILE A 663 -44.18 22.16 -9.63
C ILE A 663 -43.99 22.01 -8.12
N GLU A 664 -44.77 21.13 -7.51
CA GLU A 664 -44.68 20.81 -6.08
C GLU A 664 -44.95 19.34 -5.84
N GLU A 665 -44.26 18.51 -6.58
CA GLU A 665 -44.23 17.08 -6.48
C GLU A 665 -42.96 16.65 -5.77
N PRO A 666 -42.88 15.41 -5.27
CA PRO A 666 -41.77 15.03 -4.37
C PRO A 666 -40.37 15.30 -4.92
N SER A 667 -40.15 15.19 -6.23
CA SER A 667 -38.82 15.46 -6.76
C SER A 667 -38.43 16.92 -6.53
N ALA A 668 -39.34 17.85 -6.81
CA ALA A 668 -39.09 19.26 -6.53
C ALA A 668 -38.88 19.49 -5.04
N LYS A 669 -39.61 18.74 -4.20
CA LYS A 669 -39.43 18.88 -2.75
C LYS A 669 -38.02 18.49 -2.34
N ILE A 670 -37.54 17.33 -2.81
CA ILE A 670 -36.19 16.89 -2.49
C ILE A 670 -35.17 17.90 -2.98
N ASN A 671 -35.33 18.35 -4.23
CA ASN A 671 -34.41 19.32 -4.81
C ASN A 671 -34.32 20.57 -3.93
N VAL A 672 -35.46 21.19 -3.64
CA VAL A 672 -35.46 22.44 -2.90
C VAL A 672 -34.97 22.24 -1.47
N LEU A 673 -35.24 21.07 -0.87
CA LEU A 673 -34.68 20.79 0.45
C LEU A 673 -33.16 20.74 0.42
N LEU A 674 -32.60 20.09 -0.61
CA LEU A 674 -31.14 20.05 -0.72
C LEU A 674 -30.56 21.44 -0.92
N GLN A 675 -31.20 22.26 -1.76
CA GLN A 675 -30.68 23.60 -2.02
C GLN A 675 -30.82 24.50 -0.79
N ALA A 676 -31.88 24.30 0.00
CA ALA A 676 -31.99 25.04 1.26
C ALA A 676 -30.95 24.57 2.27
N PHE A 677 -30.52 23.32 2.15
CA PHE A 677 -29.41 22.84 2.98
C PHE A 677 -28.10 23.50 2.57
N ILE A 678 -27.84 23.57 1.26
CA ILE A 678 -26.61 24.21 0.79
C ILE A 678 -26.58 25.68 1.17
N SER A 679 -27.72 26.36 1.05
CA SER A 679 -27.81 27.79 1.30
C SER A 679 -27.95 28.15 2.77
N GLN A 680 -27.97 27.17 3.67
CA GLN A 680 -28.10 27.39 5.11
C GLN A 680 -29.40 28.13 5.47
N LEU A 681 -30.43 28.00 4.64
CA LEU A 681 -31.71 28.64 4.92
C LEU A 681 -32.42 27.92 6.06
N LYS A 682 -32.92 28.68 7.02
CA LYS A 682 -33.63 28.10 8.14
C LYS A 682 -35.02 27.64 7.71
N LEU A 683 -35.62 26.77 8.54
CA LEU A 683 -36.94 26.21 8.28
C LEU A 683 -37.83 26.42 9.50
N GLU A 684 -39.10 26.06 9.34
CA GLU A 684 -40.09 26.13 10.41
C GLU A 684 -40.90 24.85 10.54
N GLY A 685 -41.30 24.24 9.43
CA GLY A 685 -42.05 23.00 9.50
C GLY A 685 -41.17 21.86 9.97
N PHE A 686 -41.57 21.20 11.05
CA PHE A 686 -40.68 20.23 11.68
C PHE A 686 -40.57 18.94 10.86
N ALA A 687 -41.68 18.51 10.26
CA ALA A 687 -41.61 17.40 9.31
C ALA A 687 -40.68 17.76 8.15
N LEU A 688 -40.70 19.03 7.73
CA LEU A 688 -39.82 19.49 6.67
C LEU A 688 -38.36 19.43 7.09
N MET A 689 -38.07 19.77 8.36
CA MET A 689 -36.70 19.66 8.85
C MET A 689 -36.24 18.21 8.91
N ALA A 690 -37.12 17.32 9.36
CA ALA A 690 -36.79 15.89 9.39
C ALA A 690 -36.48 15.37 7.99
N ASP A 691 -37.35 15.69 7.02
CA ASP A 691 -37.11 15.28 5.64
C ASP A 691 -35.81 15.88 5.11
N MET A 692 -35.53 17.13 5.45
CA MET A 692 -34.29 17.74 4.97
C MET A 692 -33.08 16.99 5.49
N VAL A 693 -33.01 16.79 6.81
CA VAL A 693 -31.90 16.05 7.41
C VAL A 693 -31.75 14.69 6.75
N TYR A 694 -32.87 13.99 6.51
CA TYR A 694 -32.81 12.68 5.88
C TYR A 694 -32.25 12.75 4.46
N VAL A 695 -32.51 13.85 3.75
CA VAL A 695 -31.96 13.97 2.39
C VAL A 695 -30.48 14.35 2.45
N THR A 696 -30.10 15.20 3.40
CA THR A 696 -28.75 15.76 3.41
C THR A 696 -27.72 14.77 3.93
N GLN A 697 -28.05 13.98 4.94
CA GLN A 697 -27.08 13.01 5.43
C GLN A 697 -26.76 11.94 4.40
N SER A 698 -27.58 11.80 3.37
CA SER A 698 -27.32 10.87 2.28
C SER A 698 -26.75 11.54 1.04
N ALA A 699 -27.04 12.84 0.86
CA ALA A 699 -26.67 13.54 -0.36
C ALA A 699 -25.17 13.45 -0.65
N GLY A 700 -24.33 13.48 0.39
CA GLY A 700 -22.90 13.35 0.17
C GLY A 700 -22.51 12.05 -0.50
N ARG A 701 -22.97 10.93 0.06
CA ARG A 701 -22.67 9.63 -0.53
C ARG A 701 -23.26 9.52 -1.93
N LEU A 702 -24.49 10.01 -2.13
CA LEU A 702 -25.11 9.95 -3.44
C LEU A 702 -24.29 10.73 -4.47
N MET A 703 -23.82 11.91 -4.11
CA MET A 703 -23.07 12.72 -5.05
C MET A 703 -21.69 12.15 -5.32
N ARG A 704 -21.02 11.63 -4.28
CA ARG A 704 -19.74 10.95 -4.53
C ARG A 704 -19.93 9.76 -5.47
N ALA A 705 -21.04 9.03 -5.31
CA ALA A 705 -21.35 7.92 -6.21
C ALA A 705 -21.49 8.41 -7.64
N ILE A 706 -22.30 9.45 -7.86
CA ILE A 706 -22.50 9.97 -9.21
C ILE A 706 -21.20 10.48 -9.79
N PHE A 707 -20.37 11.11 -8.95
CA PHE A 707 -19.09 11.63 -9.39
C PHE A 707 -18.17 10.52 -9.86
N GLU A 708 -18.10 9.41 -9.10
CA GLU A 708 -17.28 8.28 -9.54
C GLU A 708 -17.82 7.67 -10.82
N ILE A 709 -19.14 7.51 -10.90
CA ILE A 709 -19.78 6.97 -12.11
C ILE A 709 -19.36 7.78 -13.32
N VAL A 710 -19.37 9.11 -13.20
CA VAL A 710 -19.09 9.94 -14.36
C VAL A 710 -17.59 10.06 -14.61
N LEU A 711 -16.78 10.01 -13.56
CA LEU A 711 -15.33 10.11 -13.73
C LEU A 711 -14.79 8.90 -14.47
N ASN A 712 -15.21 7.70 -14.06
CA ASN A 712 -14.73 6.50 -14.75
C ASN A 712 -15.12 6.49 -16.22
N ARG A 713 -16.23 7.13 -16.57
CA ARG A 713 -16.67 7.21 -17.96
C ARG A 713 -15.94 8.27 -18.77
N GLY A 714 -15.20 9.17 -18.13
CA GLY A 714 -14.44 10.18 -18.82
C GLY A 714 -15.21 11.45 -19.15
N TRP A 715 -16.50 11.51 -18.84
CA TRP A 715 -17.30 12.70 -19.09
C TRP A 715 -16.79 13.85 -18.22
N ALA A 716 -16.24 14.89 -18.85
CA ALA A 716 -15.49 15.91 -18.11
C ALA A 716 -16.40 16.94 -17.46
N GLN A 717 -17.35 17.49 -18.23
CA GLN A 717 -18.19 18.57 -17.72
C GLN A 717 -19.02 18.10 -16.54
N LEU A 718 -19.68 16.95 -16.68
CA LEU A 718 -20.44 16.39 -15.57
C LEU A 718 -19.55 16.02 -14.40
N THR A 719 -18.30 15.65 -14.68
CA THR A 719 -17.35 15.37 -13.60
C THR A 719 -17.09 16.61 -12.76
N ASP A 720 -16.84 17.74 -13.43
CA ASP A 720 -16.59 18.98 -12.70
C ASP A 720 -17.84 19.42 -11.94
N LYS A 721 -19.00 19.40 -12.61
CA LYS A 721 -20.25 19.74 -11.94
C LYS A 721 -20.46 18.90 -10.69
N THR A 722 -20.27 17.58 -10.81
CA THR A 722 -20.58 16.68 -9.70
C THR A 722 -19.59 16.83 -8.56
N LEU A 723 -18.30 16.95 -8.86
CA LEU A 723 -17.32 17.16 -7.79
C LEU A 723 -17.60 18.47 -7.06
N ASN A 724 -17.95 19.52 -7.80
CA ASN A 724 -18.29 20.78 -7.17
C ASN A 724 -19.54 20.66 -6.32
N LEU A 725 -20.51 19.87 -6.76
CA LEU A 725 -21.72 19.66 -5.96
C LEU A 725 -21.41 18.93 -4.66
N CYS A 726 -20.57 17.89 -4.74
CA CYS A 726 -20.09 17.22 -3.53
C CYS A 726 -19.46 18.21 -2.56
N LYS A 727 -18.55 19.05 -3.07
CA LYS A 727 -17.85 19.98 -2.17
C LYS A 727 -18.79 21.06 -1.65
N MET A 728 -19.80 21.46 -2.43
CA MET A 728 -20.78 22.43 -1.94
C MET A 728 -21.62 21.84 -0.81
N ILE A 729 -21.99 20.57 -0.94
CA ILE A 729 -22.73 19.89 0.12
C ILE A 729 -21.85 19.75 1.37
N ASP A 730 -20.57 19.44 1.17
CA ASP A 730 -19.68 19.23 2.31
C ASP A 730 -19.42 20.52 3.06
N LYS A 731 -19.12 21.59 2.35
CA LYS A 731 -18.70 22.83 2.98
C LYS A 731 -19.84 23.80 3.24
N ARG A 732 -21.07 23.45 2.89
CA ARG A 732 -22.26 24.24 3.21
C ARG A 732 -22.17 25.65 2.61
N MET A 733 -22.00 25.69 1.28
CA MET A 733 -21.88 26.93 0.54
C MET A 733 -21.88 26.69 -0.97
N TRP A 734 -22.43 27.61 -1.76
CA TRP A 734 -22.40 27.44 -3.20
C TRP A 734 -21.04 27.84 -3.77
N GLN A 735 -20.93 27.83 -5.09
CA GLN A 735 -19.71 28.31 -5.74
C GLN A 735 -19.73 29.83 -5.91
N SER A 736 -20.91 30.43 -6.01
CA SER A 736 -21.01 31.88 -6.08
C SER A 736 -20.37 32.54 -4.88
N MET A 737 -20.46 31.91 -3.71
CA MET A 737 -19.85 32.46 -2.51
C MET A 737 -18.33 32.37 -2.58
N CYS A 738 -17.69 33.12 -1.70
CA CYS A 738 -16.23 33.19 -1.69
C CYS A 738 -15.66 31.94 -1.02
N PRO A 739 -14.60 31.35 -1.59
CA PRO A 739 -13.96 30.20 -0.93
C PRO A 739 -13.48 30.49 0.49
N LEU A 740 -13.33 31.76 0.87
CA LEU A 740 -12.95 32.09 2.24
C LEU A 740 -13.95 31.59 3.26
N ARG A 741 -15.17 31.26 2.84
CA ARG A 741 -16.14 30.66 3.76
C ARG A 741 -15.63 29.33 4.32
N GLN A 742 -14.80 28.62 3.55
CA GLN A 742 -14.35 27.30 3.97
C GLN A 742 -13.51 27.35 5.24
N PHE A 743 -12.84 28.48 5.49
CA PHE A 743 -12.16 28.70 6.76
C PHE A 743 -13.20 29.10 7.79
N ARG A 744 -13.44 28.22 8.76
CA ARG A 744 -14.55 28.41 9.69
C ARG A 744 -14.22 29.31 10.87
N LYS A 745 -12.99 29.82 10.95
CA LYS A 745 -12.65 30.81 11.97
C LYS A 745 -12.77 32.24 11.45
N LEU A 746 -13.26 32.42 10.22
CA LEU A 746 -13.56 33.72 9.66
C LEU A 746 -14.99 34.13 9.98
N PRO A 747 -15.28 35.42 10.04
CA PRO A 747 -16.65 35.86 10.28
C PRO A 747 -17.52 35.65 9.04
N GLU A 748 -18.82 35.49 9.29
CA GLU A 748 -19.77 35.48 8.19
C GLU A 748 -19.90 36.88 7.59
N GLU A 749 -19.87 37.92 8.45
CA GLU A 749 -20.03 39.28 7.98
C GLU A 749 -18.87 39.73 7.11
N VAL A 750 -17.63 39.41 7.52
CA VAL A 750 -16.47 39.88 6.76
C VAL A 750 -16.43 39.21 5.39
N VAL A 751 -16.72 37.91 5.32
CA VAL A 751 -16.72 37.23 4.04
C VAL A 751 -17.88 37.71 3.18
N LYS A 752 -19.03 38.01 3.79
CA LYS A 752 -20.11 38.62 3.03
C LYS A 752 -19.69 39.97 2.46
N LYS A 753 -18.90 40.73 3.22
CA LYS A 753 -18.40 42.01 2.73
C LYS A 753 -17.46 41.81 1.54
N ILE A 754 -16.57 40.81 1.65
CA ILE A 754 -15.67 40.50 0.55
C ILE A 754 -16.46 40.11 -0.69
N GLU A 755 -17.56 39.37 -0.51
CA GLU A 755 -18.39 38.98 -1.63
C GLU A 755 -19.15 40.17 -2.21
N LYS A 756 -19.50 41.14 -1.37
CA LYS A 756 -20.20 42.33 -1.85
C LYS A 756 -19.37 43.06 -2.90
N LYS A 757 -18.10 43.31 -2.59
CA LYS A 757 -17.19 43.88 -3.58
C LYS A 757 -16.90 42.85 -4.67
N ASN A 758 -17.01 43.26 -5.92
CA ASN A 758 -16.76 42.36 -7.04
C ASN A 758 -15.27 42.34 -7.39
N PHE A 759 -14.47 42.00 -6.37
CA PHE A 759 -13.04 41.77 -6.54
C PHE A 759 -12.77 40.28 -6.36
N PRO A 760 -12.46 39.54 -7.42
CA PRO A 760 -12.33 38.09 -7.30
C PRO A 760 -11.30 37.68 -6.26
N PHE A 761 -11.48 36.46 -5.75
CA PHE A 761 -10.65 36.00 -4.63
C PHE A 761 -9.18 35.90 -5.01
N GLU A 762 -8.90 35.48 -6.24
CA GLU A 762 -7.52 35.22 -6.65
C GLU A 762 -6.64 36.46 -6.54
N ARG A 763 -7.21 37.64 -6.74
CA ARG A 763 -6.42 38.86 -6.65
C ARG A 763 -6.07 39.25 -5.22
N LEU A 764 -6.64 38.58 -4.22
CA LEU A 764 -6.18 38.80 -2.85
C LEU A 764 -4.79 38.24 -2.62
N TYR A 765 -4.34 37.31 -3.47
CA TYR A 765 -2.97 36.83 -3.41
C TYR A 765 -1.98 37.97 -3.65
N ASP A 766 -2.30 38.84 -4.61
CA ASP A 766 -1.44 39.97 -4.95
C ASP A 766 -1.96 41.25 -4.30
N LEU A 767 -2.01 41.24 -2.97
CA LEU A 767 -2.57 42.37 -2.25
C LEU A 767 -1.97 42.46 -0.86
N ASN A 768 -1.65 43.69 -0.46
CA ASN A 768 -1.12 43.96 0.87
C ASN A 768 -2.18 43.68 1.93
N HIS A 769 -1.72 43.36 3.14
CA HIS A 769 -2.66 43.24 4.26
C HIS A 769 -3.35 44.57 4.53
N ASN A 770 -2.62 45.67 4.40
CA ASN A 770 -3.22 46.99 4.56
C ASN A 770 -4.21 47.29 3.42
N GLU A 771 -3.85 46.93 2.19
CA GLU A 771 -4.79 47.14 1.09
C GLU A 771 -6.01 46.24 1.22
N ILE A 772 -5.84 45.05 1.79
CA ILE A 772 -6.98 44.19 2.10
C ILE A 772 -7.90 44.89 3.10
N GLY A 773 -7.32 45.39 4.19
CA GLY A 773 -8.12 46.10 5.18
C GLY A 773 -8.81 47.32 4.61
N GLU A 774 -8.16 48.01 3.68
CA GLU A 774 -8.79 49.16 3.04
C GLU A 774 -9.95 48.73 2.15
N LEU A 775 -9.78 47.64 1.41
CA LEU A 775 -10.86 47.16 0.56
C LEU A 775 -12.07 46.75 1.38
N ILE A 776 -11.85 45.97 2.44
CA ILE A 776 -12.95 45.49 3.27
C ILE A 776 -13.51 46.56 4.19
N ARG A 777 -12.83 47.69 4.33
CA ARG A 777 -13.11 48.75 5.29
C ARG A 777 -12.87 48.30 6.72
N MET A 778 -12.49 47.05 6.94
CA MET A 778 -12.09 46.57 8.26
C MET A 778 -10.57 46.42 8.29
N PRO A 779 -9.84 47.41 8.79
CA PRO A 779 -8.36 47.29 8.76
C PRO A 779 -7.84 46.21 9.67
N LYS A 780 -8.46 46.01 10.84
CA LYS A 780 -7.96 45.04 11.80
C LYS A 780 -8.07 43.61 11.30
N MET A 781 -8.95 43.34 10.34
CA MET A 781 -9.10 41.98 9.84
C MET A 781 -8.13 41.65 8.73
N GLY A 782 -7.42 42.64 8.20
CA GLY A 782 -6.66 42.43 6.97
C GLY A 782 -5.53 41.45 7.14
N LYS A 783 -4.83 41.52 8.28
CA LYS A 783 -3.72 40.62 8.56
C LYS A 783 -4.19 39.16 8.58
N THR A 784 -5.24 38.88 9.34
CA THR A 784 -5.74 37.51 9.44
C THR A 784 -6.32 37.04 8.11
N ILE A 785 -6.96 37.94 7.36
CA ILE A 785 -7.45 37.58 6.04
C ILE A 785 -6.30 37.19 5.12
N HIS A 786 -5.20 37.96 5.19
CA HIS A 786 -4.01 37.62 4.42
C HIS A 786 -3.44 36.27 4.84
N LYS A 787 -3.40 36.00 6.15
CA LYS A 787 -2.97 34.71 6.66
C LYS A 787 -3.78 33.58 6.02
N TYR A 788 -5.10 33.67 6.12
CA TYR A 788 -5.94 32.60 5.59
C TYR A 788 -5.87 32.51 4.06
N VAL A 789 -5.66 33.63 3.38
CA VAL A 789 -5.49 33.59 1.93
C VAL A 789 -4.24 32.78 1.58
N HIS A 790 -3.17 32.96 2.34
CA HIS A 790 -1.95 32.21 2.06
C HIS A 790 -1.93 30.83 2.71
N LEU A 791 -2.93 30.51 3.54
CA LEU A 791 -3.14 29.14 4.00
C LEU A 791 -3.98 28.33 3.03
N PHE A 792 -4.76 28.98 2.19
CA PHE A 792 -5.56 28.29 1.19
C PHE A 792 -4.65 27.50 0.24
N PRO A 793 -4.96 26.24 -0.04
CA PRO A 793 -4.08 25.44 -0.90
C PRO A 793 -4.11 25.95 -2.34
N LYS A 794 -2.92 26.10 -2.92
CA LYS A 794 -2.78 26.32 -4.36
C LYS A 794 -1.53 25.57 -4.82
N LEU A 795 -1.62 24.99 -6.01
CA LEU A 795 -0.55 24.17 -6.56
C LEU A 795 0.03 24.83 -7.80
N GLU A 796 1.34 24.72 -7.96
CA GLU A 796 2.01 25.11 -9.18
C GLU A 796 2.21 23.88 -10.06
N LEU A 797 2.02 24.06 -11.37
CA LEU A 797 2.09 22.97 -12.33
C LEU A 797 3.12 23.29 -13.41
N SER A 798 3.95 22.30 -13.73
CA SER A 798 4.93 22.41 -14.81
C SER A 798 4.99 21.06 -15.52
N VAL A 799 5.16 21.09 -16.84
CA VAL A 799 4.99 19.92 -17.67
C VAL A 799 6.22 19.74 -18.57
N HIS A 800 6.64 18.48 -18.72
CA HIS A 800 7.66 18.11 -19.70
C HIS A 800 7.13 16.94 -20.49
N LEU A 801 7.01 17.10 -21.81
CA LEU A 801 6.47 16.06 -22.66
C LEU A 801 7.51 15.63 -23.70
N GLN A 802 7.43 14.35 -24.07
CA GLN A 802 8.30 13.76 -25.09
C GLN A 802 7.54 12.67 -25.83
N PRO A 803 7.43 12.74 -27.16
CA PRO A 803 6.62 11.77 -27.88
C PRO A 803 7.23 10.37 -27.82
N ILE A 804 6.37 9.38 -27.61
CA ILE A 804 6.76 7.98 -27.66
C ILE A 804 6.38 7.35 -28.99
N THR A 805 5.17 7.62 -29.47
CA THR A 805 4.76 7.19 -30.80
C THR A 805 3.68 8.12 -31.29
N ARG A 806 3.34 8.00 -32.57
CA ARG A 806 2.32 8.85 -33.17
C ARG A 806 0.98 8.79 -32.46
N SER A 807 0.79 7.84 -31.54
CA SER A 807 -0.45 7.73 -30.80
C SER A 807 -0.29 7.99 -29.30
N THR A 808 0.94 8.08 -28.80
CA THR A 808 1.14 8.17 -27.36
C THR A 808 2.27 9.13 -27.03
N LEU A 809 2.04 10.01 -26.05
CA LEU A 809 3.02 10.96 -25.57
C LEU A 809 3.26 10.74 -24.09
N LYS A 810 4.54 10.69 -23.71
CA LYS A 810 4.92 10.61 -22.30
C LYS A 810 4.95 12.01 -21.70
N VAL A 811 4.22 12.19 -20.60
CA VAL A 811 4.09 13.47 -19.92
C VAL A 811 4.68 13.35 -18.52
N GLU A 812 5.45 14.37 -18.12
CA GLU A 812 6.07 14.42 -16.79
C GLU A 812 5.63 15.72 -16.11
N LEU A 813 4.47 15.67 -15.46
CA LEU A 813 3.91 16.82 -14.76
C LEU A 813 4.64 17.03 -13.43
N THR A 814 5.11 18.24 -13.19
CA THR A 814 5.81 18.55 -11.94
C THR A 814 4.89 19.43 -11.10
N ILE A 815 4.43 18.87 -9.98
CA ILE A 815 3.55 19.59 -9.07
C ILE A 815 4.40 20.24 -7.99
N THR A 816 4.24 21.55 -7.85
CA THR A 816 4.96 22.35 -6.87
C THR A 816 3.96 22.99 -5.93
N PRO A 817 4.13 22.85 -4.61
CA PRO A 817 3.24 23.52 -3.67
C PRO A 817 3.50 25.02 -3.64
N ASP A 818 2.47 25.78 -3.27
CA ASP A 818 2.61 27.23 -3.21
C ASP A 818 1.72 27.80 -2.12
N PHE A 819 1.71 27.16 -0.94
CA PHE A 819 0.92 27.65 0.16
C PHE A 819 1.54 27.20 1.47
N GLN A 820 1.20 27.91 2.54
CA GLN A 820 1.64 27.53 3.87
C GLN A 820 0.78 26.37 4.39
N TRP A 821 1.44 25.37 4.98
CA TRP A 821 0.75 24.24 5.54
C TRP A 821 0.41 24.52 7.00
N ASP A 822 -0.82 24.19 7.39
CA ASP A 822 -1.25 24.27 8.78
C ASP A 822 -2.00 22.99 9.10
N GLU A 823 -1.54 22.28 10.15
CA GLU A 823 -2.17 21.01 10.50
C GLU A 823 -3.62 21.19 10.90
N LYS A 824 -3.99 22.37 11.39
CA LYS A 824 -5.38 22.61 11.78
C LYS A 824 -6.28 22.73 10.55
N VAL A 825 -5.78 23.35 9.49
CA VAL A 825 -6.60 23.62 8.31
C VAL A 825 -6.54 22.47 7.31
N HIS A 826 -5.36 21.92 7.07
CA HIS A 826 -5.19 20.90 6.04
C HIS A 826 -4.99 19.50 6.62
N GLY A 827 -4.60 19.38 7.88
CA GLY A 827 -4.46 18.06 8.43
C GLY A 827 -3.20 17.38 7.91
N SER A 828 -3.17 16.05 8.07
CA SER A 828 -2.00 15.28 7.68
C SER A 828 -1.81 15.19 6.18
N SER A 829 -2.80 15.59 5.38
CA SER A 829 -2.72 15.35 3.95
C SER A 829 -3.73 16.22 3.23
N GLU A 830 -3.55 16.32 1.91
CA GLU A 830 -4.50 17.00 1.02
C GLU A 830 -4.60 16.24 -0.29
N ALA A 831 -5.82 15.91 -0.69
CA ALA A 831 -6.06 15.11 -1.89
C ALA A 831 -6.25 16.00 -3.10
N PHE A 832 -6.00 15.43 -4.28
CA PHE A 832 -6.15 16.14 -5.54
C PHE A 832 -6.49 15.14 -6.64
N TRP A 833 -7.18 15.63 -7.66
CA TRP A 833 -7.42 14.86 -8.88
C TRP A 833 -6.68 15.53 -10.03
N ILE A 834 -5.84 14.76 -10.71
CA ILE A 834 -5.16 15.17 -11.93
C ILE A 834 -5.98 14.70 -13.11
N LEU A 835 -6.31 15.61 -14.02
CA LEU A 835 -7.19 15.30 -15.15
C LEU A 835 -6.56 15.84 -16.42
N VAL A 836 -6.49 15.00 -17.45
CA VAL A 836 -6.05 15.39 -18.78
C VAL A 836 -7.27 15.41 -19.69
N GLU A 837 -7.60 16.59 -20.20
CA GLU A 837 -8.76 16.78 -21.05
C GLU A 837 -8.35 17.25 -22.43
N ASP A 838 -9.20 16.96 -23.42
CA ASP A 838 -8.95 17.33 -24.81
C ASP A 838 -9.21 18.83 -25.00
N VAL A 839 -9.22 19.27 -26.27
CA VAL A 839 -9.31 20.70 -26.55
C VAL A 839 -10.69 21.24 -26.15
N ASP A 840 -11.75 20.48 -26.41
CA ASP A 840 -13.10 20.89 -26.07
C ASP A 840 -13.43 20.72 -24.59
N SER A 841 -12.50 20.18 -23.80
CA SER A 841 -12.73 19.90 -22.39
C SER A 841 -13.98 19.04 -22.19
N GLU A 842 -14.18 18.10 -23.11
CA GLU A 842 -15.31 17.17 -23.07
C GLU A 842 -14.93 15.79 -22.56
N VAL A 843 -13.82 15.24 -23.03
CA VAL A 843 -13.42 13.87 -22.70
C VAL A 843 -12.18 13.93 -21.81
N ILE A 844 -12.23 13.20 -20.70
CA ILE A 844 -11.06 13.02 -19.85
C ILE A 844 -10.30 11.81 -20.37
N LEU A 845 -9.15 12.07 -21.00
CA LEU A 845 -8.36 11.01 -21.61
C LEU A 845 -7.45 10.28 -20.62
N HIS A 846 -7.26 10.84 -19.42
CA HIS A 846 -6.49 10.19 -18.36
C HIS A 846 -6.74 10.96 -17.07
N HIS A 847 -6.68 10.25 -15.95
CA HIS A 847 -6.80 10.90 -14.66
C HIS A 847 -6.09 10.07 -13.60
N GLU A 848 -5.79 10.73 -12.48
CA GLU A 848 -5.00 10.15 -11.41
C GLU A 848 -5.37 10.81 -10.10
N TYR A 849 -5.11 10.09 -9.01
CA TYR A 849 -5.38 10.58 -7.67
C TYR A 849 -4.05 10.95 -7.02
N PHE A 850 -3.79 12.25 -6.88
CA PHE A 850 -2.57 12.74 -6.28
C PHE A 850 -2.80 13.03 -4.80
N LEU A 851 -1.77 12.84 -3.99
CA LEU A 851 -1.90 13.07 -2.56
C LEU A 851 -0.67 13.82 -2.05
N LEU A 852 -0.90 14.96 -1.39
CA LEU A 852 0.17 15.77 -0.83
C LEU A 852 0.20 15.51 0.66
N LYS A 853 1.16 14.72 1.11
CA LYS A 853 1.31 14.43 2.53
C LYS A 853 1.81 15.67 3.27
N ALA A 854 1.74 15.61 4.60
CA ALA A 854 2.19 16.74 5.42
C ALA A 854 3.71 16.82 5.49
N LYS A 855 4.40 15.67 5.58
CA LYS A 855 5.85 15.68 5.74
C LYS A 855 6.53 16.29 4.51
N TYR A 856 6.15 15.83 3.32
CA TYR A 856 6.75 16.28 2.07
C TYR A 856 5.95 17.40 1.43
N ALA A 857 5.27 18.21 2.26
CA ALA A 857 4.33 19.20 1.75
C ALA A 857 5.02 20.29 0.94
N GLN A 858 6.28 20.60 1.25
CA GLN A 858 7.02 21.62 0.53
C GLN A 858 7.94 21.06 -0.54
N ASP A 859 8.20 19.76 -0.55
CA ASP A 859 9.01 19.16 -1.60
C ASP A 859 8.26 19.19 -2.93
N GLU A 860 9.02 19.18 -4.01
CA GLU A 860 8.44 19.05 -5.34
C GLU A 860 8.04 17.60 -5.60
N HIS A 861 7.02 17.43 -6.41
CA HIS A 861 6.50 16.10 -6.75
C HIS A 861 6.49 15.95 -8.26
N LEU A 862 6.79 14.74 -8.74
CA LEU A 862 6.83 14.48 -10.17
C LEU A 862 5.93 13.30 -10.49
N ILE A 863 5.05 13.50 -11.47
CA ILE A 863 4.03 12.54 -11.86
C ILE A 863 4.25 12.24 -13.32
N THR A 864 4.66 11.02 -13.62
CA THR A 864 4.83 10.58 -15.01
C THR A 864 3.62 9.77 -15.42
N PHE A 865 3.06 10.09 -16.59
CA PHE A 865 2.02 9.26 -17.17
C PHE A 865 2.05 9.42 -18.69
N PHE A 866 1.06 8.87 -19.36
CA PHE A 866 1.05 8.83 -20.82
C PHE A 866 -0.34 9.19 -21.31
N VAL A 867 -0.39 9.93 -22.41
CA VAL A 867 -1.69 10.35 -22.98
C VAL A 867 -1.74 9.93 -24.43
N PRO A 868 -2.93 9.75 -24.98
CA PRO A 868 -3.05 9.46 -26.40
C PRO A 868 -3.32 10.71 -27.24
N VAL A 869 -2.89 10.69 -28.49
CA VAL A 869 -3.16 11.76 -29.45
C VAL A 869 -3.36 11.13 -30.82
N PHE A 870 -4.38 11.61 -31.55
CA PHE A 870 -4.68 11.11 -32.89
C PHE A 870 -4.77 12.29 -33.85
N GLU A 871 -4.27 12.09 -35.07
CA GLU A 871 -4.33 13.13 -36.08
C GLU A 871 -5.77 13.31 -36.56
N PRO A 872 -6.18 14.53 -36.90
CA PRO A 872 -5.43 15.81 -36.88
C PRO A 872 -5.10 16.26 -35.47
N LEU A 873 -3.82 16.50 -35.18
CA LEU A 873 -3.39 16.81 -33.82
C LEU A 873 -3.98 18.16 -33.39
N PRO A 874 -4.65 18.22 -32.24
CA PRO A 874 -5.28 19.48 -31.82
C PRO A 874 -4.23 20.48 -31.36
N PRO A 875 -4.60 21.76 -31.26
CA PRO A 875 -3.62 22.77 -30.78
C PRO A 875 -3.07 22.48 -29.40
N GLN A 876 -3.92 22.07 -28.47
CA GLN A 876 -3.47 21.92 -27.09
C GLN A 876 -4.38 20.95 -26.34
N TYR A 877 -3.81 20.34 -25.30
CA TYR A 877 -4.58 19.65 -24.29
C TYR A 877 -4.61 20.49 -23.02
N PHE A 878 -5.47 20.11 -22.07
CA PHE A 878 -5.54 20.77 -20.79
C PHE A 878 -5.24 19.76 -19.69
N ILE A 879 -4.59 20.24 -18.62
CA ILE A 879 -4.34 19.42 -17.45
C ILE A 879 -4.76 20.22 -16.23
N ARG A 880 -5.81 19.76 -15.56
CA ARG A 880 -6.33 20.41 -14.37
C ARG A 880 -5.98 19.58 -13.15
N VAL A 881 -5.63 20.26 -12.06
CA VAL A 881 -5.43 19.62 -10.77
C VAL A 881 -6.43 20.28 -9.82
N VAL A 882 -7.43 19.50 -9.39
CA VAL A 882 -8.58 20.01 -8.63
C VAL A 882 -8.61 19.32 -7.28
N SER A 883 -8.73 20.08 -6.21
CA SER A 883 -8.76 19.47 -4.90
C SER A 883 -10.01 18.61 -4.73
N ASP A 884 -9.90 17.60 -3.88
CA ASP A 884 -11.01 16.70 -3.63
C ASP A 884 -11.96 17.23 -2.56
N ARG A 885 -11.50 18.18 -1.75
CA ARG A 885 -12.30 18.72 -0.65
C ARG A 885 -12.53 20.22 -0.74
N TRP A 886 -11.61 20.98 -1.33
CA TRP A 886 -11.70 22.44 -1.33
C TRP A 886 -12.40 22.95 -2.57
N LEU A 887 -13.31 23.90 -2.37
CA LEU A 887 -14.04 24.51 -3.47
C LEU A 887 -13.21 25.63 -4.10
N SER A 888 -13.25 25.69 -5.42
CA SER A 888 -12.44 26.63 -6.21
C SER A 888 -10.96 26.48 -5.86
N CYS A 889 -10.48 25.25 -6.01
CA CYS A 889 -9.09 24.90 -5.74
C CYS A 889 -8.51 24.18 -6.94
N GLU A 890 -8.68 24.77 -8.12
CA GLU A 890 -8.28 24.17 -9.39
C GLU A 890 -7.14 24.97 -10.01
N THR A 891 -6.12 24.26 -10.46
CA THR A 891 -5.01 24.85 -11.22
C THR A 891 -4.97 24.19 -12.60
N GLN A 892 -5.13 24.99 -13.65
CA GLN A 892 -5.17 24.49 -15.02
C GLN A 892 -3.92 24.89 -15.79
N LEU A 893 -3.48 24.00 -16.68
CA LEU A 893 -2.31 24.24 -17.53
C LEU A 893 -2.61 23.76 -18.95
N PRO A 894 -2.49 24.63 -19.95
CA PRO A 894 -2.62 24.16 -21.34
C PRO A 894 -1.29 23.71 -21.90
N VAL A 895 -1.22 22.47 -22.36
CA VAL A 895 -0.03 21.93 -23.01
C VAL A 895 -0.22 22.08 -24.51
N SER A 896 0.58 22.94 -25.13
CA SER A 896 0.47 23.22 -26.55
C SER A 896 1.23 22.17 -27.35
N PHE A 897 0.61 21.67 -28.41
CA PHE A 897 1.23 20.69 -29.30
C PHE A 897 1.54 21.31 -30.65
N ARG A 898 1.96 22.58 -30.64
CA ARG A 898 2.17 23.32 -31.88
C ARG A 898 3.58 23.15 -32.43
N HIS A 899 4.58 23.10 -31.56
CA HIS A 899 5.96 22.84 -31.96
C HIS A 899 6.36 21.38 -31.75
N LEU A 900 5.38 20.47 -31.69
CA LEU A 900 5.63 19.06 -31.44
C LEU A 900 5.59 18.29 -32.75
N ILE A 901 6.64 17.51 -33.00
CA ILE A 901 6.65 16.60 -34.13
C ILE A 901 5.97 15.29 -33.75
N LEU A 902 5.41 14.63 -34.73
CA LEU A 902 5.03 13.25 -34.43
C LEU A 902 6.09 12.33 -34.97
N PRO A 903 6.59 11.38 -34.17
CA PRO A 903 7.68 10.52 -34.63
C PRO A 903 7.32 9.77 -35.90
N GLU A 904 8.35 9.46 -36.69
CA GLU A 904 8.13 8.73 -37.93
C GLU A 904 7.51 7.37 -37.65
N LYS A 905 6.38 7.09 -38.27
CA LYS A 905 5.65 5.85 -37.99
C LYS A 905 6.46 4.64 -38.43
N TYR A 906 6.35 3.56 -37.66
CA TYR A 906 7.07 2.33 -37.90
C TYR A 906 6.35 1.49 -38.96
N PRO A 907 7.08 0.65 -39.69
CA PRO A 907 6.45 -0.17 -40.73
C PRO A 907 5.84 -1.43 -40.15
N PRO A 908 5.08 -2.18 -40.93
CA PRO A 908 4.51 -3.46 -40.44
C PRO A 908 5.60 -4.43 -40.01
N PRO A 909 5.26 -5.47 -39.27
CA PRO A 909 6.26 -6.46 -38.88
C PRO A 909 6.40 -7.58 -39.91
N THR A 910 7.59 -8.18 -39.93
CA THR A 910 7.87 -9.27 -40.86
C THR A 910 6.91 -10.42 -40.61
N GLU A 911 6.08 -10.72 -41.60
CA GLU A 911 5.04 -11.72 -41.42
C GLU A 911 5.65 -13.11 -41.33
N LEU A 912 5.10 -13.91 -40.41
CA LEU A 912 5.46 -15.31 -40.29
C LEU A 912 4.42 -16.13 -41.04
N LEU A 913 4.84 -16.80 -42.10
CA LEU A 913 3.92 -17.57 -42.90
C LEU A 913 3.69 -18.95 -42.28
N ASP A 914 2.66 -19.64 -42.78
CA ASP A 914 2.36 -21.01 -42.33
C ASP A 914 3.17 -21.94 -43.22
N LEU A 915 4.43 -22.16 -42.83
CA LEU A 915 5.34 -23.02 -43.56
C LEU A 915 5.65 -24.26 -42.73
N GLN A 916 5.86 -25.38 -43.41
CA GLN A 916 6.09 -26.67 -42.78
C GLN A 916 7.23 -26.58 -41.77
N PRO A 917 7.01 -26.96 -40.51
CA PRO A 917 8.07 -26.84 -39.50
C PRO A 917 9.26 -27.73 -39.85
N LEU A 918 10.45 -27.23 -39.55
CA LEU A 918 11.67 -27.94 -39.88
C LEU A 918 12.02 -28.91 -38.76
N PRO A 919 12.12 -30.20 -39.03
CA PRO A 919 12.59 -31.15 -38.01
C PRO A 919 14.07 -30.91 -37.72
N VAL A 920 14.52 -31.54 -36.63
CA VAL A 920 15.93 -31.43 -36.24
C VAL A 920 16.88 -32.07 -37.24
N SER A 921 16.35 -32.88 -38.17
CA SER A 921 17.22 -33.53 -39.16
C SER A 921 17.84 -32.55 -40.13
N ALA A 922 17.29 -31.35 -40.28
CA ALA A 922 17.89 -30.35 -41.15
C ALA A 922 19.29 -30.00 -40.67
N LEU A 923 19.46 -29.82 -39.36
CA LEU A 923 20.77 -29.73 -38.74
C LEU A 923 21.49 -31.07 -38.95
N ARG A 924 22.53 -31.08 -39.77
CA ARG A 924 23.02 -32.37 -40.28
C ARG A 924 23.93 -33.08 -39.28
N ASN A 925 24.73 -32.34 -38.52
CA ASN A 925 25.67 -32.97 -37.60
C ASN A 925 24.92 -33.75 -36.53
N SER A 926 25.27 -35.03 -36.38
CA SER A 926 24.55 -35.90 -35.45
C SER A 926 24.74 -35.44 -34.00
N ALA A 927 25.98 -35.10 -33.63
CA ALA A 927 26.21 -34.57 -32.28
C ALA A 927 25.45 -33.26 -32.06
N PHE A 928 25.24 -32.50 -33.13
CA PHE A 928 24.46 -31.27 -33.01
C PHE A 928 22.98 -31.58 -32.81
N GLU A 929 22.46 -32.60 -33.52
CA GLU A 929 21.07 -33.00 -33.30
C GLU A 929 20.87 -33.56 -31.90
N SER A 930 21.91 -34.20 -31.34
CA SER A 930 21.77 -34.92 -30.08
C SER A 930 21.07 -34.09 -29.01
N LEU A 931 21.45 -32.82 -28.87
CA LEU A 931 20.86 -32.00 -27.82
C LEU A 931 19.41 -31.64 -28.13
N TYR A 932 19.10 -31.36 -29.40
CA TYR A 932 17.80 -30.83 -29.76
C TYR A 932 16.75 -31.90 -30.00
N GLN A 933 17.15 -33.16 -30.19
CA GLN A 933 16.19 -34.23 -30.39
C GLN A 933 15.64 -34.78 -29.08
N ASP A 934 16.35 -34.55 -27.97
CA ASP A 934 15.88 -35.00 -26.66
C ASP A 934 14.81 -34.10 -26.08
N LYS A 935 14.46 -33.01 -26.75
CA LYS A 935 13.44 -32.08 -26.26
C LYS A 935 12.22 -32.02 -27.16
N PHE A 936 12.41 -31.81 -28.47
CA PHE A 936 11.32 -31.59 -29.40
C PHE A 936 11.65 -32.25 -30.73
N PRO A 937 10.63 -32.63 -31.51
CA PRO A 937 10.89 -33.28 -32.80
C PRO A 937 11.05 -32.29 -33.95
N PHE A 938 10.44 -31.10 -33.82
CA PHE A 938 10.56 -30.07 -34.85
C PHE A 938 10.53 -28.71 -34.18
N PHE A 939 11.03 -27.71 -34.90
CA PHE A 939 11.16 -26.36 -34.39
C PHE A 939 9.83 -25.61 -34.46
N ASN A 940 9.74 -24.49 -33.74
CA ASN A 940 8.55 -23.66 -33.78
C ASN A 940 8.58 -22.80 -35.04
N PRO A 941 7.45 -22.18 -35.41
CA PRO A 941 7.39 -21.50 -36.72
C PRO A 941 8.42 -20.38 -36.89
N ILE A 942 8.58 -19.50 -35.90
CA ILE A 942 9.47 -18.36 -36.09
C ILE A 942 10.91 -18.81 -36.21
N GLN A 943 11.30 -19.85 -35.47
CA GLN A 943 12.68 -20.33 -35.58
C GLN A 943 12.88 -21.18 -36.82
N THR A 944 11.81 -21.83 -37.31
CA THR A 944 11.88 -22.45 -38.64
C THR A 944 12.13 -21.40 -39.71
N GLN A 945 11.53 -20.22 -39.57
CA GLN A 945 11.74 -19.15 -40.53
C GLN A 945 13.12 -18.53 -40.39
N VAL A 946 13.61 -18.39 -39.16
CA VAL A 946 14.91 -17.76 -38.91
C VAL A 946 16.08 -18.71 -39.15
N PHE A 947 15.81 -20.02 -39.20
CA PHE A 947 16.87 -21.02 -39.35
C PHE A 947 17.63 -20.82 -40.65
N ASN A 948 16.89 -20.67 -41.75
CA ASN A 948 17.48 -20.47 -43.07
C ASN A 948 18.53 -19.36 -43.05
N THR A 949 18.17 -18.21 -42.49
CA THR A 949 19.07 -17.05 -42.54
C THR A 949 20.15 -17.12 -41.47
N VAL A 950 19.89 -17.73 -40.32
CA VAL A 950 20.85 -17.68 -39.23
C VAL A 950 21.89 -18.78 -39.35
N TYR A 951 21.44 -20.03 -39.41
CA TYR A 951 22.38 -21.14 -39.32
C TYR A 951 23.11 -21.39 -40.64
N ASN A 952 22.56 -20.95 -41.77
CA ASN A 952 23.15 -21.26 -43.07
C ASN A 952 23.53 -20.06 -43.91
N SER A 953 23.29 -18.84 -43.43
CA SER A 953 23.71 -17.62 -44.12
C SER A 953 24.49 -16.75 -43.15
N ASP A 954 25.76 -16.50 -43.46
CA ASP A 954 26.63 -15.70 -42.59
C ASP A 954 26.31 -14.21 -42.74
N ASP A 955 25.04 -13.89 -42.47
CA ASP A 955 24.53 -12.52 -42.51
C ASP A 955 24.40 -11.97 -41.11
N ASN A 956 24.47 -10.64 -41.01
CA ASN A 956 24.20 -9.93 -39.76
C ASN A 956 22.69 -9.86 -39.57
N VAL A 957 22.16 -10.58 -38.57
CA VAL A 957 20.72 -10.80 -38.47
C VAL A 957 20.20 -10.30 -37.13
N PHE A 958 19.00 -9.72 -37.15
CA PHE A 958 18.28 -9.29 -35.96
C PHE A 958 16.92 -9.98 -35.95
N VAL A 959 16.63 -10.71 -34.89
CA VAL A 959 15.36 -11.40 -34.73
C VAL A 959 14.62 -10.76 -33.56
N GLY A 960 13.42 -10.25 -33.84
CA GLY A 960 12.57 -9.65 -32.82
C GLY A 960 11.31 -10.46 -32.60
N ALA A 961 11.16 -10.99 -31.39
CA ALA A 961 10.08 -11.91 -31.06
C ALA A 961 9.78 -11.80 -29.57
N PRO A 962 8.55 -12.11 -29.15
CA PRO A 962 8.20 -11.96 -27.74
C PRO A 962 9.11 -12.74 -26.81
N THR A 963 9.25 -12.24 -25.58
CA THR A 963 10.08 -12.87 -24.58
C THR A 963 9.59 -14.29 -24.29
N GLY A 964 10.53 -15.22 -24.19
CA GLY A 964 10.21 -16.59 -23.88
C GLY A 964 9.75 -17.42 -25.07
N SER A 965 9.90 -16.90 -26.29
CA SER A 965 9.49 -17.61 -27.48
C SER A 965 10.59 -18.52 -28.04
N GLY A 966 11.64 -18.76 -27.26
CA GLY A 966 12.70 -19.65 -27.70
C GLY A 966 13.72 -19.05 -28.63
N LYS A 967 13.94 -17.73 -28.55
CA LYS A 967 14.90 -17.09 -29.46
C LYS A 967 16.33 -17.41 -29.08
N THR A 968 16.59 -17.82 -27.83
CA THR A 968 17.95 -18.06 -27.36
C THR A 968 18.69 -19.02 -28.29
N ILE A 969 18.08 -20.17 -28.59
CA ILE A 969 18.74 -21.17 -29.42
C ILE A 969 19.06 -20.64 -30.80
N CYS A 970 18.35 -19.60 -31.26
CA CYS A 970 18.71 -18.97 -32.53
C CYS A 970 20.17 -18.54 -32.53
N ALA A 971 20.61 -17.89 -31.44
CA ALA A 971 22.03 -17.61 -31.29
C ALA A 971 22.85 -18.89 -31.43
N GLU A 972 22.46 -19.93 -30.69
CA GLU A 972 23.10 -21.23 -30.84
C GLU A 972 23.16 -21.64 -32.31
N PHE A 973 22.08 -21.45 -33.06
CA PHE A 973 22.11 -21.70 -34.50
C PHE A 973 23.37 -21.12 -35.13
N ALA A 974 23.52 -19.80 -35.06
CA ALA A 974 24.73 -19.18 -35.60
C ALA A 974 25.97 -19.84 -35.00
N ILE A 975 26.00 -19.95 -33.66
CA ILE A 975 27.14 -20.55 -32.97
C ILE A 975 27.53 -21.87 -33.59
N LEU A 976 26.53 -22.67 -34.02
CA LEU A 976 26.84 -23.95 -34.64
C LEU A 976 27.83 -23.77 -35.78
N ARG A 977 27.46 -23.01 -36.81
CA ARG A 977 28.39 -22.81 -37.92
C ARG A 977 29.67 -22.15 -37.43
N MET A 978 29.57 -21.27 -36.44
CA MET A 978 30.75 -20.74 -35.78
C MET A 978 31.72 -21.86 -35.41
N LEU A 979 31.27 -22.80 -34.58
CA LEU A 979 32.14 -23.89 -34.18
C LEU A 979 32.47 -24.78 -35.37
N LEU A 980 31.61 -24.79 -36.39
CA LEU A 980 31.89 -25.58 -37.59
C LEU A 980 33.03 -24.97 -38.41
N GLN A 981 33.26 -23.67 -38.29
CA GLN A 981 34.22 -23.00 -39.17
C GLN A 981 35.60 -22.82 -38.55
N SER A 982 35.73 -22.93 -37.23
CA SER A 982 36.99 -22.67 -36.57
C SER A 982 37.19 -23.63 -35.41
N SER A 983 38.41 -24.17 -35.30
CA SER A 983 38.80 -24.96 -34.15
C SER A 983 39.32 -24.02 -33.07
N GLU A 984 38.67 -24.03 -31.92
CA GLU A 984 38.94 -23.09 -30.84
C GLU A 984 38.75 -21.64 -31.32
N GLY A 985 37.58 -21.38 -31.90
CA GLY A 985 37.23 -20.05 -32.33
C GLY A 985 36.97 -19.14 -31.14
N ARG A 986 36.50 -17.93 -31.45
CA ARG A 986 36.20 -16.93 -30.42
C ARG A 986 34.87 -16.27 -30.75
N CYS A 987 33.84 -16.58 -29.96
CA CYS A 987 32.54 -15.93 -30.08
C CYS A 987 32.17 -15.25 -28.76
N VAL A 988 31.45 -14.13 -28.87
CA VAL A 988 31.10 -13.32 -27.71
C VAL A 988 29.58 -13.14 -27.67
N TYR A 989 28.98 -13.55 -26.56
CA TYR A 989 27.56 -13.41 -26.31
C TYR A 989 27.37 -12.40 -25.16
N ILE A 990 26.53 -11.40 -25.40
CA ILE A 990 26.36 -10.30 -24.46
C ILE A 990 24.89 -10.23 -24.05
N THR A 991 24.64 -10.34 -22.75
CA THR A 991 23.31 -10.23 -22.18
C THR A 991 23.26 -9.12 -21.14
N PRO A 992 22.22 -8.30 -21.14
CA PRO A 992 22.20 -7.13 -20.24
C PRO A 992 22.22 -7.48 -18.77
N MET A 993 21.42 -8.45 -18.34
CA MET A 993 21.33 -8.81 -16.94
C MET A 993 22.37 -9.88 -16.60
N GLU A 994 22.81 -9.86 -15.34
CA GLU A 994 23.81 -10.83 -14.88
C GLU A 994 23.21 -12.21 -14.69
N ALA A 995 22.02 -12.28 -14.08
CA ALA A 995 21.41 -13.58 -13.81
C ALA A 995 21.08 -14.32 -15.10
N LEU A 996 20.61 -13.60 -16.12
CA LEU A 996 20.41 -14.23 -17.42
C LEU A 996 21.72 -14.78 -17.98
N ALA A 997 22.81 -14.03 -17.78
CA ALA A 997 24.12 -14.53 -18.19
C ALA A 997 24.47 -15.82 -17.45
N GLU A 998 24.20 -15.88 -16.16
CA GLU A 998 24.53 -17.09 -15.40
C GLU A 998 23.70 -18.28 -15.87
N GLN A 999 22.41 -18.06 -16.14
CA GLN A 999 21.56 -19.15 -16.63
C GLN A 999 22.06 -19.67 -17.98
N VAL A 1000 22.32 -18.76 -18.92
CA VAL A 1000 22.79 -19.21 -20.24
C VAL A 1000 24.18 -19.80 -20.14
N TYR A 1001 24.99 -19.37 -19.16
CA TYR A 1001 26.30 -19.96 -18.98
C TYR A 1001 26.19 -21.41 -18.52
N MET A 1002 25.35 -21.66 -17.52
CA MET A 1002 25.12 -23.05 -17.11
C MET A 1002 24.64 -23.89 -18.28
N ASP A 1003 23.64 -23.39 -19.01
CA ASP A 1003 23.07 -24.18 -20.10
C ASP A 1003 24.11 -24.47 -21.18
N TRP A 1004 24.93 -23.48 -21.55
CA TRP A 1004 25.88 -23.68 -22.65
C TRP A 1004 27.14 -24.42 -22.20
N TYR A 1005 27.55 -24.26 -20.94
CA TYR A 1005 28.58 -25.13 -20.38
C TYR A 1005 28.15 -26.58 -20.47
N GLU A 1006 26.93 -26.89 -20.02
CA GLU A 1006 26.41 -28.25 -20.18
C GLU A 1006 26.35 -28.64 -21.65
N LYS A 1007 26.01 -27.69 -22.52
CA LYS A 1007 25.80 -27.96 -23.93
C LYS A 1007 27.09 -28.05 -24.73
N PHE A 1008 28.18 -27.43 -24.29
CA PHE A 1008 29.40 -27.39 -25.08
C PHE A 1008 30.61 -27.96 -24.35
N GLN A 1009 31.06 -27.35 -23.26
CA GLN A 1009 32.27 -27.85 -22.61
C GLN A 1009 32.05 -29.20 -21.94
N ASP A 1010 30.85 -29.46 -21.42
CA ASP A 1010 30.55 -30.74 -20.81
C ASP A 1010 30.00 -31.77 -21.81
N ARG A 1011 29.55 -31.32 -22.97
CA ARG A 1011 29.06 -32.23 -24.01
C ARG A 1011 29.96 -32.26 -25.23
N LEU A 1012 30.09 -31.14 -25.94
CA LEU A 1012 31.00 -31.09 -27.08
C LEU A 1012 32.45 -30.92 -26.68
N ASN A 1013 32.73 -30.67 -25.39
CA ASN A 1013 34.09 -30.47 -24.87
C ASN A 1013 34.75 -29.26 -25.51
N LYS A 1014 33.98 -28.19 -25.70
CA LYS A 1014 34.49 -26.90 -26.16
C LYS A 1014 34.35 -25.90 -25.03
N LYS A 1015 35.48 -25.32 -24.61
CA LYS A 1015 35.51 -24.51 -23.40
C LYS A 1015 34.61 -23.27 -23.53
N VAL A 1016 33.66 -23.15 -22.60
CA VAL A 1016 32.69 -22.07 -22.59
C VAL A 1016 32.76 -21.40 -21.23
N VAL A 1017 32.96 -20.07 -21.22
CA VAL A 1017 33.17 -19.34 -19.96
C VAL A 1017 32.35 -18.06 -19.92
N LEU A 1018 32.14 -17.59 -18.70
CA LEU A 1018 31.46 -16.32 -18.42
C LEU A 1018 32.41 -15.41 -17.67
N LEU A 1019 32.56 -14.18 -18.14
CA LEU A 1019 33.53 -13.26 -17.56
C LEU A 1019 33.14 -12.88 -16.14
N THR A 1020 34.13 -12.86 -15.25
CA THR A 1020 33.87 -12.69 -13.83
C THR A 1020 33.93 -11.24 -13.36
N GLY A 1021 34.65 -10.37 -14.07
CA GLY A 1021 34.73 -8.97 -13.71
C GLY A 1021 36.11 -8.50 -13.27
N GLU A 1022 37.03 -9.40 -12.95
CA GLU A 1022 38.39 -9.00 -12.61
C GLU A 1022 39.24 -8.96 -13.88
N THR A 1023 40.10 -7.94 -13.98
CA THR A 1023 40.80 -7.65 -15.24
C THR A 1023 41.64 -8.83 -15.69
N SER A 1024 42.62 -9.23 -14.88
CA SER A 1024 43.56 -10.27 -15.30
C SER A 1024 42.87 -11.61 -15.52
N THR A 1025 42.01 -12.01 -14.59
CA THR A 1025 41.35 -13.30 -14.71
C THR A 1025 40.43 -13.35 -15.93
N ASP A 1026 39.70 -12.26 -16.19
CA ASP A 1026 38.81 -12.23 -17.35
C ASP A 1026 39.60 -12.22 -18.65
N LEU A 1027 40.70 -11.47 -18.71
CA LEU A 1027 41.50 -11.47 -19.94
C LEU A 1027 42.16 -12.83 -20.16
N LYS A 1028 42.44 -13.57 -19.08
CA LYS A 1028 42.93 -14.94 -19.24
C LYS A 1028 41.83 -15.85 -19.77
N LEU A 1029 40.63 -15.77 -19.17
CA LEU A 1029 39.50 -16.57 -19.63
C LEU A 1029 39.09 -16.23 -21.06
N LEU A 1030 39.43 -15.03 -21.53
CA LEU A 1030 39.12 -14.64 -22.90
C LEU A 1030 39.77 -15.58 -23.91
N GLY A 1031 41.08 -15.79 -23.79
CA GLY A 1031 41.79 -16.57 -24.80
C GLY A 1031 41.32 -18.01 -24.87
N LYS A 1032 40.93 -18.59 -23.74
CA LYS A 1032 40.57 -20.00 -23.70
C LYS A 1032 39.27 -20.26 -24.46
N GLY A 1033 38.22 -19.54 -24.11
CA GLY A 1033 36.88 -19.97 -24.46
C GLY A 1033 36.62 -19.92 -25.96
N ASN A 1034 35.99 -20.98 -26.47
CA ASN A 1034 35.36 -20.92 -27.77
C ASN A 1034 34.08 -20.10 -27.72
N ILE A 1035 33.43 -20.05 -26.56
CA ILE A 1035 32.28 -19.19 -26.29
C ILE A 1035 32.56 -18.42 -25.01
N ILE A 1036 32.56 -17.10 -25.10
CA ILE A 1036 32.65 -16.23 -23.94
C ILE A 1036 31.33 -15.47 -23.84
N ILE A 1037 30.75 -15.44 -22.65
CA ILE A 1037 29.49 -14.73 -22.44
C ILE A 1037 29.70 -13.74 -21.32
N SER A 1038 28.97 -12.63 -21.38
CA SER A 1038 29.19 -11.55 -20.41
C SER A 1038 28.04 -10.55 -20.44
N THR A 1039 28.01 -9.71 -19.40
CA THR A 1039 27.20 -8.51 -19.30
C THR A 1039 27.95 -7.34 -19.92
N PRO A 1040 27.25 -6.28 -20.33
CA PRO A 1040 27.92 -5.22 -21.10
C PRO A 1040 29.00 -4.48 -20.35
N GLU A 1041 29.03 -4.53 -19.01
CA GLU A 1041 30.03 -3.76 -18.26
C GLU A 1041 31.39 -4.47 -18.25
N LYS A 1042 31.40 -5.75 -17.86
CA LYS A 1042 32.62 -6.54 -17.89
C LYS A 1042 33.20 -6.61 -19.29
N TRP A 1043 32.35 -6.55 -20.32
CA TRP A 1043 32.83 -6.52 -21.69
C TRP A 1043 33.28 -5.15 -22.12
N ASP A 1044 32.63 -4.09 -21.62
CA ASP A 1044 33.06 -2.74 -21.93
C ASP A 1044 34.49 -2.49 -21.43
N ILE A 1045 34.75 -2.84 -20.17
CA ILE A 1045 36.08 -2.54 -19.62
C ILE A 1045 37.16 -3.33 -20.36
N LEU A 1046 36.79 -4.46 -20.97
CA LEU A 1046 37.77 -5.23 -21.73
C LEU A 1046 37.97 -4.66 -23.13
N SER A 1047 36.87 -4.29 -23.80
CA SER A 1047 36.95 -3.89 -25.20
C SER A 1047 37.31 -2.44 -25.40
N ARG A 1048 37.30 -1.61 -24.35
CA ARG A 1048 37.72 -0.21 -24.51
C ARG A 1048 39.18 -0.11 -24.92
N ARG A 1049 40.01 -1.04 -24.48
CA ARG A 1049 41.41 -1.10 -24.87
C ARG A 1049 41.62 -2.09 -26.01
N TRP A 1050 40.79 -2.01 -27.06
CA TRP A 1050 40.86 -2.99 -28.13
C TRP A 1050 42.08 -2.83 -29.03
N LYS A 1051 42.97 -1.88 -28.75
CA LYS A 1051 44.22 -1.82 -29.48
C LYS A 1051 45.24 -2.79 -28.91
N GLN A 1052 45.44 -2.74 -27.59
CA GLN A 1052 46.40 -3.63 -26.94
C GLN A 1052 45.86 -5.05 -26.82
N ARG A 1053 44.54 -5.20 -26.63
CA ARG A 1053 43.92 -6.52 -26.50
C ARG A 1053 43.72 -7.10 -27.89
N LYS A 1054 44.58 -8.07 -28.25
CA LYS A 1054 44.45 -8.72 -29.55
C LYS A 1054 43.26 -9.67 -29.60
N ASN A 1055 42.87 -10.22 -28.45
CA ASN A 1055 41.85 -11.26 -28.45
C ASN A 1055 40.46 -10.72 -28.77
N VAL A 1056 40.20 -9.45 -28.47
CA VAL A 1056 38.89 -8.86 -28.77
C VAL A 1056 38.73 -8.52 -30.25
N GLN A 1057 39.79 -8.69 -31.05
CA GLN A 1057 39.74 -8.33 -32.45
C GLN A 1057 39.40 -9.51 -33.35
N ASN A 1058 39.91 -10.70 -33.03
CA ASN A 1058 39.61 -11.91 -33.80
C ASN A 1058 38.38 -12.59 -33.20
N ILE A 1059 37.23 -11.96 -33.41
CA ILE A 1059 35.94 -12.46 -32.94
C ILE A 1059 35.11 -12.84 -34.15
N ASN A 1060 34.87 -14.14 -34.32
CA ASN A 1060 34.11 -14.62 -35.46
C ASN A 1060 32.65 -14.21 -35.37
N LEU A 1061 32.10 -14.14 -34.16
CA LEU A 1061 30.66 -13.98 -33.98
C LEU A 1061 30.39 -13.16 -32.72
N PHE A 1062 29.51 -12.17 -32.85
CA PHE A 1062 29.07 -11.34 -31.74
C PHE A 1062 27.54 -11.41 -31.70
N VAL A 1063 27.00 -12.07 -30.68
CA VAL A 1063 25.56 -12.18 -30.48
C VAL A 1063 25.20 -11.36 -29.25
N VAL A 1064 24.21 -10.49 -29.39
CA VAL A 1064 23.71 -9.69 -28.27
C VAL A 1064 22.24 -10.03 -28.08
N ASP A 1065 21.88 -10.45 -26.88
CA ASP A 1065 20.53 -10.87 -26.57
C ASP A 1065 19.82 -9.79 -25.76
N GLU A 1066 18.50 -9.70 -25.93
CA GLU A 1066 17.67 -8.71 -25.26
C GLU A 1066 18.21 -7.30 -25.49
N VAL A 1067 18.51 -7.01 -26.75
CA VAL A 1067 19.09 -5.72 -27.10
C VAL A 1067 18.12 -4.57 -26.82
N HIS A 1068 16.81 -4.86 -26.77
CA HIS A 1068 15.83 -3.83 -26.49
C HIS A 1068 16.02 -3.18 -25.13
N LEU A 1069 16.95 -3.68 -24.30
CA LEU A 1069 17.32 -2.99 -23.07
C LEU A 1069 18.30 -1.83 -23.30
N ILE A 1070 18.46 -1.39 -24.55
CA ILE A 1070 19.16 -0.13 -24.80
C ILE A 1070 18.41 1.03 -24.16
N GLY A 1071 17.07 0.95 -24.15
CA GLY A 1071 16.26 2.03 -23.63
C GLY A 1071 16.20 2.11 -22.12
N GLY A 1072 16.50 1.01 -21.42
CA GLY A 1072 16.47 1.01 -19.97
C GLY A 1072 17.77 1.49 -19.37
N GLU A 1073 17.75 1.62 -18.04
CA GLU A 1073 18.96 1.95 -17.31
C GLU A 1073 20.03 0.90 -17.60
N ASN A 1074 21.29 1.34 -17.55
CA ASN A 1074 22.44 0.52 -17.96
C ASN A 1074 22.32 0.11 -19.43
N GLY A 1075 21.66 0.95 -20.23
CA GLY A 1075 21.46 0.70 -21.64
C GLY A 1075 22.52 1.33 -22.54
N PRO A 1076 22.91 2.58 -22.23
CA PRO A 1076 24.02 3.20 -22.97
C PRO A 1076 25.30 2.37 -23.00
N VAL A 1077 25.59 1.58 -21.96
CA VAL A 1077 26.77 0.71 -22.00
C VAL A 1077 26.62 -0.32 -23.11
N LEU A 1078 25.43 -0.94 -23.19
CA LEU A 1078 25.15 -1.87 -24.28
C LEU A 1078 25.28 -1.17 -25.63
N GLU A 1079 24.76 0.05 -25.73
CA GLU A 1079 24.81 0.78 -26.99
C GLU A 1079 26.24 1.04 -27.43
N VAL A 1080 27.08 1.50 -26.50
CA VAL A 1080 28.46 1.85 -26.85
C VAL A 1080 29.28 0.60 -27.16
N ILE A 1081 29.03 -0.51 -26.46
CA ILE A 1081 29.81 -1.71 -26.76
C ILE A 1081 29.40 -2.30 -28.10
N CYS A 1082 28.11 -2.24 -28.44
CA CYS A 1082 27.69 -2.71 -29.76
C CYS A 1082 28.27 -1.83 -30.87
N SER A 1083 28.23 -0.51 -30.68
CA SER A 1083 28.79 0.39 -31.69
C SER A 1083 30.30 0.19 -31.81
N ARG A 1084 30.98 -0.08 -30.69
CA ARG A 1084 32.42 -0.34 -30.73
C ARG A 1084 32.73 -1.62 -31.49
N MET A 1085 31.93 -2.67 -31.27
CA MET A 1085 32.10 -3.89 -32.04
C MET A 1085 31.91 -3.63 -33.53
N ARG A 1086 30.93 -2.80 -33.88
CA ARG A 1086 30.70 -2.50 -35.30
C ARG A 1086 31.87 -1.72 -35.89
N TYR A 1087 32.40 -0.74 -35.14
CA TYR A 1087 33.56 0.01 -35.63
C TYR A 1087 34.79 -0.88 -35.77
N ILE A 1088 34.97 -1.83 -34.84
CA ILE A 1088 36.08 -2.76 -34.95
C ILE A 1088 35.90 -3.66 -36.18
N SER A 1089 34.68 -4.13 -36.42
CA SER A 1089 34.41 -4.88 -37.64
C SER A 1089 34.75 -4.06 -38.88
N SER A 1090 34.53 -2.75 -38.83
CA SER A 1090 34.90 -1.89 -39.95
C SER A 1090 36.42 -1.81 -40.11
N GLN A 1091 37.15 -1.66 -39.01
CA GLN A 1091 38.59 -1.42 -39.07
C GLN A 1091 39.38 -2.69 -39.41
N ILE A 1092 39.02 -3.83 -38.82
CA ILE A 1092 39.83 -5.04 -38.97
C ILE A 1092 39.75 -5.58 -40.40
N GLU A 1093 38.78 -5.12 -41.19
CA GLU A 1093 38.44 -5.58 -42.55
C GLU A 1093 38.00 -7.03 -42.58
N ARG A 1094 37.86 -7.68 -41.43
CA ARG A 1094 37.30 -9.03 -41.34
C ARG A 1094 35.92 -8.91 -40.74
N PRO A 1095 34.85 -8.95 -41.53
CA PRO A 1095 33.52 -8.62 -41.02
C PRO A 1095 33.05 -9.50 -39.88
N ILE A 1096 33.01 -8.92 -38.67
CA ILE A 1096 32.49 -9.63 -37.50
C ILE A 1096 31.00 -9.84 -37.70
N ARG A 1097 30.58 -11.10 -37.84
CA ARG A 1097 29.16 -11.41 -37.93
C ARG A 1097 28.46 -10.96 -36.66
N ILE A 1098 27.34 -10.25 -36.83
CA ILE A 1098 26.57 -9.72 -35.70
C ILE A 1098 25.18 -10.33 -35.76
N VAL A 1099 24.70 -10.79 -34.61
CA VAL A 1099 23.34 -11.33 -34.49
C VAL A 1099 22.73 -10.83 -33.19
N ALA A 1100 21.57 -10.20 -33.31
CA ALA A 1100 20.91 -9.55 -32.19
C ALA A 1100 19.51 -10.15 -32.01
N LEU A 1101 19.21 -10.57 -30.80
CA LEU A 1101 17.88 -11.06 -30.44
C LEU A 1101 17.20 -10.05 -29.53
N SER A 1102 15.93 -9.76 -29.79
CA SER A 1102 15.21 -8.79 -28.98
C SER A 1102 13.72 -9.08 -29.01
N SER A 1103 12.97 -8.26 -28.27
CA SER A 1103 11.52 -8.33 -28.25
C SER A 1103 10.96 -7.79 -29.56
N SER A 1104 9.63 -7.84 -29.67
CA SER A 1104 8.94 -7.27 -30.82
C SER A 1104 9.06 -5.75 -30.74
N LEU A 1105 9.92 -5.18 -31.57
CA LEU A 1105 10.15 -3.74 -31.60
C LEU A 1105 9.37 -3.11 -32.74
N SER A 1106 8.91 -1.87 -32.50
CA SER A 1106 8.32 -1.10 -33.59
C SER A 1106 9.40 -0.53 -34.49
N ASN A 1107 10.39 0.15 -33.90
CA ASN A 1107 11.53 0.67 -34.65
C ASN A 1107 12.66 -0.36 -34.69
N ALA A 1108 12.33 -1.54 -35.22
CA ALA A 1108 13.34 -2.58 -35.39
C ALA A 1108 14.25 -2.30 -36.58
N LYS A 1109 13.74 -1.57 -37.58
CA LYS A 1109 14.59 -1.21 -38.72
C LYS A 1109 15.76 -0.34 -38.28
N ASP A 1110 15.53 0.55 -37.30
CA ASP A 1110 16.58 1.45 -36.86
C ASP A 1110 17.74 0.67 -36.22
N VAL A 1111 17.41 -0.29 -35.33
CA VAL A 1111 18.45 -1.08 -34.71
C VAL A 1111 19.03 -2.09 -35.70
N ALA A 1112 18.28 -2.46 -36.74
CA ALA A 1112 18.82 -3.34 -37.77
C ALA A 1112 19.89 -2.63 -38.59
N HIS A 1113 19.59 -1.41 -39.03
CA HIS A 1113 20.60 -0.59 -39.72
C HIS A 1113 21.72 -0.19 -38.77
N TRP A 1114 21.44 -0.12 -37.47
CA TRP A 1114 22.49 0.17 -36.49
C TRP A 1114 23.59 -0.88 -36.52
N LEU A 1115 23.21 -2.16 -36.70
CA LEU A 1115 24.16 -3.27 -36.66
C LEU A 1115 24.48 -3.84 -38.04
N GLY A 1116 24.00 -3.20 -39.10
CA GLY A 1116 24.27 -3.69 -40.45
C GLY A 1116 23.48 -4.94 -40.79
N CYS A 1117 22.19 -4.93 -40.49
CA CYS A 1117 21.30 -6.04 -40.79
C CYS A 1117 20.46 -5.68 -42.01
N SER A 1118 20.59 -6.47 -43.07
CA SER A 1118 19.73 -6.27 -44.24
C SER A 1118 18.30 -6.63 -43.90
N ALA A 1119 17.36 -6.12 -44.71
CA ALA A 1119 15.96 -6.42 -44.47
C ALA A 1119 15.63 -7.90 -44.68
N THR A 1120 16.47 -8.62 -45.44
CA THR A 1120 16.34 -10.07 -45.50
C THR A 1120 16.78 -10.73 -44.20
N SER A 1121 17.37 -9.96 -43.29
CA SER A 1121 17.83 -10.47 -42.01
C SER A 1121 17.08 -9.86 -40.84
N THR A 1122 16.18 -8.90 -41.08
CA THR A 1122 15.33 -8.36 -40.03
C THR A 1122 14.14 -9.28 -39.83
N PHE A 1123 13.99 -9.80 -38.60
CA PHE A 1123 12.93 -10.74 -38.26
C PHE A 1123 12.21 -10.21 -37.02
N ASN A 1124 11.34 -9.23 -37.24
CA ASN A 1124 10.58 -8.59 -36.17
C ASN A 1124 9.11 -8.98 -36.33
N PHE A 1125 8.60 -9.75 -35.38
CA PHE A 1125 7.27 -10.32 -35.45
C PHE A 1125 6.32 -9.61 -34.50
N HIS A 1126 5.09 -9.39 -34.95
CA HIS A 1126 4.04 -8.84 -34.10
C HIS A 1126 3.94 -9.69 -32.84
N PRO A 1127 3.88 -9.08 -31.64
CA PRO A 1127 3.75 -9.87 -30.41
C PRO A 1127 2.56 -10.81 -30.40
N ASN A 1128 1.56 -10.60 -31.27
CA ASN A 1128 0.48 -11.56 -31.36
C ASN A 1128 0.93 -12.86 -32.03
N VAL A 1129 1.95 -12.79 -32.87
CA VAL A 1129 2.46 -13.96 -33.58
C VAL A 1129 3.50 -14.65 -32.70
N ARG A 1130 3.11 -15.01 -31.50
CA ARG A 1130 3.93 -15.79 -30.59
C ARG A 1130 3.82 -17.27 -30.96
N PRO A 1131 4.84 -18.08 -30.66
CA PRO A 1131 4.66 -19.53 -30.81
C PRO A 1131 3.50 -20.06 -29.99
N VAL A 1132 3.43 -19.69 -28.72
CA VAL A 1132 2.32 -20.04 -27.84
C VAL A 1132 1.39 -18.84 -27.74
N PRO A 1133 0.12 -18.95 -28.14
CA PRO A 1133 -0.78 -17.80 -28.00
C PRO A 1133 -0.92 -17.39 -26.54
N LEU A 1134 -1.10 -16.08 -26.34
CA LEU A 1134 -1.24 -15.55 -24.99
C LEU A 1134 -2.55 -14.80 -24.87
N GLU A 1135 -3.25 -15.03 -23.76
CA GLU A 1135 -4.46 -14.31 -23.40
C GLU A 1135 -4.09 -13.37 -22.25
N LEU A 1136 -3.94 -12.08 -22.57
CA LEU A 1136 -3.62 -11.08 -21.56
C LEU A 1136 -4.91 -10.50 -20.99
N HIS A 1137 -4.89 -10.25 -19.67
CA HIS A 1137 -6.03 -9.67 -18.96
C HIS A 1137 -5.51 -8.58 -18.03
N ILE A 1138 -5.63 -7.32 -18.46
CA ILE A 1138 -5.32 -6.21 -17.57
C ILE A 1138 -6.52 -5.96 -16.67
N GLN A 1139 -6.26 -5.81 -15.38
CA GLN A 1139 -7.32 -5.76 -14.37
C GLN A 1139 -7.01 -4.62 -13.41
N GLY A 1140 -7.82 -3.56 -13.49
CA GLY A 1140 -7.53 -2.35 -12.72
C GLY A 1140 -8.08 -2.40 -11.30
N PHE A 1141 -7.44 -1.63 -10.43
CA PHE A 1141 -7.86 -1.48 -9.03
C PHE A 1141 -7.79 0.01 -8.71
N ASN A 1142 -8.93 0.70 -8.79
CA ASN A 1142 -8.93 2.14 -8.52
C ASN A 1142 -8.69 2.42 -7.03
N ILE A 1143 -7.51 2.03 -6.56
CA ILE A 1143 -7.13 2.20 -5.15
C ILE A 1143 -5.77 2.88 -5.13
N SER A 1144 -5.66 3.95 -4.33
CA SER A 1144 -4.43 4.73 -4.32
C SER A 1144 -3.38 4.09 -3.41
N HIS A 1145 -3.63 4.06 -2.10
CA HIS A 1145 -2.63 3.63 -1.14
C HIS A 1145 -2.20 2.19 -1.42
N THR A 1146 -0.95 2.03 -1.84
CA THR A 1146 -0.48 0.74 -2.34
C THR A 1146 -0.52 -0.34 -1.26
N GLN A 1147 -0.19 0.02 -0.01
CA GLN A 1147 -0.22 -0.95 1.08
C GLN A 1147 -1.61 -1.54 1.27
N THR A 1148 -2.65 -0.80 0.88
CA THR A 1148 -4.01 -1.33 0.89
C THR A 1148 -4.38 -1.99 -0.43
N ARG A 1149 -3.80 -1.53 -1.54
CA ARG A 1149 -4.10 -2.15 -2.83
C ARG A 1149 -3.60 -3.58 -2.90
N LEU A 1150 -2.45 -3.86 -2.27
CA LEU A 1150 -1.98 -5.25 -2.19
C LEU A 1150 -2.96 -6.13 -1.44
N LEU A 1151 -3.36 -5.68 -0.24
CA LEU A 1151 -4.33 -6.43 0.55
C LEU A 1151 -5.64 -6.62 -0.20
N SER A 1152 -6.02 -5.64 -1.03
CA SER A 1152 -7.22 -5.81 -1.85
C SER A 1152 -7.02 -6.90 -2.90
N MET A 1153 -5.93 -6.81 -3.67
CA MET A 1153 -5.65 -7.80 -4.70
C MET A 1153 -5.42 -9.19 -4.16
N ALA A 1154 -5.26 -9.35 -2.84
CA ALA A 1154 -5.14 -10.66 -2.21
C ALA A 1154 -6.12 -11.70 -2.79
N LYS A 1155 -7.42 -11.54 -2.55
CA LYS A 1155 -8.39 -12.51 -3.04
C LYS A 1155 -8.43 -12.64 -4.56
N PRO A 1156 -8.34 -11.55 -5.35
CA PRO A 1156 -8.32 -11.70 -6.81
C PRO A 1156 -7.25 -12.65 -7.33
N VAL A 1157 -6.09 -12.78 -6.68
CA VAL A 1157 -5.08 -13.70 -7.21
C VAL A 1157 -5.56 -15.14 -7.07
N TYR A 1158 -6.23 -15.47 -5.95
CA TYR A 1158 -6.77 -16.81 -5.79
C TYR A 1158 -7.86 -17.08 -6.82
N HIS A 1159 -8.77 -16.11 -6.99
CA HIS A 1159 -9.82 -16.32 -7.98
C HIS A 1159 -9.25 -16.42 -9.38
N ALA A 1160 -8.13 -15.74 -9.65
CA ALA A 1160 -7.50 -15.83 -10.97
C ALA A 1160 -6.86 -17.20 -11.18
N ILE A 1161 -6.21 -17.73 -10.15
CA ILE A 1161 -5.69 -19.10 -10.21
C ILE A 1161 -6.83 -20.06 -10.53
N THR A 1162 -7.94 -19.97 -9.80
CA THR A 1162 -9.03 -20.91 -10.01
C THR A 1162 -9.70 -20.72 -11.37
N LYS A 1163 -9.68 -19.50 -11.92
CA LYS A 1163 -10.32 -19.28 -13.21
C LYS A 1163 -9.44 -19.77 -14.36
N HIS A 1164 -8.19 -19.31 -14.43
CA HIS A 1164 -7.42 -19.44 -15.66
C HIS A 1164 -6.50 -20.65 -15.71
N SER A 1165 -6.16 -21.23 -14.57
CA SER A 1165 -5.39 -22.47 -14.53
C SER A 1165 -5.60 -23.14 -13.18
N PRO A 1166 -6.70 -23.89 -13.02
CA PRO A 1166 -6.98 -24.48 -11.71
C PRO A 1166 -6.07 -25.64 -11.37
N LYS A 1167 -5.53 -26.33 -12.38
CA LYS A 1167 -4.57 -27.40 -12.18
C LYS A 1167 -3.17 -27.04 -12.64
N LYS A 1168 -3.04 -26.21 -13.66
CA LYS A 1168 -1.76 -25.98 -14.32
C LYS A 1168 -0.88 -25.03 -13.50
N PRO A 1169 0.44 -25.08 -13.71
CA PRO A 1169 1.35 -24.27 -12.90
C PRO A 1169 1.11 -22.78 -13.10
N VAL A 1170 1.31 -22.02 -12.02
CA VAL A 1170 1.21 -20.56 -12.08
C VAL A 1170 2.40 -19.94 -11.36
N ILE A 1171 2.78 -18.75 -11.83
CA ILE A 1171 3.74 -17.89 -11.17
C ILE A 1171 3.06 -16.56 -10.90
N VAL A 1172 3.10 -16.10 -9.65
CA VAL A 1172 2.59 -14.79 -9.29
C VAL A 1172 3.75 -13.96 -8.76
N PHE A 1173 3.96 -12.79 -9.37
CA PHE A 1173 5.03 -11.87 -9.01
C PHE A 1173 4.51 -10.77 -8.10
N VAL A 1174 5.30 -10.44 -7.08
CA VAL A 1174 4.94 -9.41 -6.12
C VAL A 1174 6.10 -8.42 -5.99
N PRO A 1175 5.83 -7.21 -5.50
CA PRO A 1175 6.89 -6.19 -5.42
C PRO A 1175 7.86 -6.32 -4.26
N SER A 1176 7.72 -7.31 -3.38
CA SER A 1176 8.61 -7.42 -2.22
C SER A 1176 8.87 -8.88 -1.90
N ARG A 1177 9.69 -9.12 -0.89
CA ARG A 1177 9.97 -10.47 -0.40
C ARG A 1177 9.02 -10.86 0.74
N LYS A 1178 8.83 -9.94 1.70
CA LYS A 1178 7.79 -10.11 2.69
C LYS A 1178 6.44 -10.31 2.00
N GLN A 1179 6.27 -9.72 0.82
CA GLN A 1179 5.06 -9.94 0.05
C GLN A 1179 5.01 -11.34 -0.54
N THR A 1180 6.17 -11.90 -0.95
CA THR A 1180 6.18 -13.31 -1.37
C THR A 1180 5.70 -14.20 -0.24
N ARG A 1181 6.26 -14.01 0.96
CA ARG A 1181 5.86 -14.81 2.11
C ARG A 1181 4.36 -14.66 2.39
N LEU A 1182 3.89 -13.42 2.48
CA LEU A 1182 2.49 -13.18 2.83
C LEU A 1182 1.54 -13.72 1.77
N THR A 1183 1.87 -13.56 0.49
CA THR A 1183 1.01 -14.07 -0.57
C THR A 1183 0.96 -15.58 -0.55
N ALA A 1184 2.11 -16.24 -0.35
CA ALA A 1184 2.10 -17.69 -0.21
C ALA A 1184 1.18 -18.11 0.92
N ILE A 1185 1.32 -17.46 2.08
CA ILE A 1185 0.53 -17.87 3.25
C ILE A 1185 -0.96 -17.63 3.03
N ASP A 1186 -1.32 -16.53 2.36
CA ASP A 1186 -2.75 -16.25 2.20
C ASP A 1186 -3.37 -17.16 1.14
N ILE A 1187 -2.62 -17.52 0.10
CA ILE A 1187 -3.09 -18.54 -0.83
C ILE A 1187 -3.32 -19.86 -0.08
N LEU A 1188 -2.38 -20.20 0.81
CA LEU A 1188 -2.51 -21.42 1.61
C LEU A 1188 -3.78 -21.41 2.44
N THR A 1189 -4.01 -20.31 3.16
CA THR A 1189 -5.16 -20.25 4.06
C THR A 1189 -6.47 -20.21 3.29
N THR A 1190 -6.48 -19.59 2.09
CA THR A 1190 -7.69 -19.60 1.28
C THR A 1190 -7.98 -21.00 0.73
N CYS A 1191 -6.94 -21.74 0.35
CA CYS A 1191 -7.16 -23.12 -0.08
C CYS A 1191 -7.63 -23.98 1.09
N ALA A 1192 -7.18 -23.68 2.31
CA ALA A 1192 -7.71 -24.38 3.47
C ALA A 1192 -9.19 -24.05 3.68
N ALA A 1193 -9.56 -22.77 3.51
CA ALA A 1193 -10.96 -22.39 3.70
C ALA A 1193 -11.86 -23.07 2.68
N ASP A 1194 -11.47 -23.06 1.41
CA ASP A 1194 -12.22 -23.80 0.39
C ASP A 1194 -12.16 -25.31 0.59
N ILE A 1195 -11.29 -25.79 1.48
CA ILE A 1195 -11.07 -27.21 1.75
C ILE A 1195 -10.68 -27.93 0.46
N GLN A 1196 -10.13 -27.18 -0.50
CA GLN A 1196 -9.41 -27.82 -1.59
C GLN A 1196 -8.12 -28.45 -1.07
N ARG A 1197 -7.40 -27.72 -0.20
CA ARG A 1197 -6.32 -28.25 0.60
C ARG A 1197 -5.15 -28.76 -0.23
N GLN A 1198 -5.39 -29.78 -1.07
CA GLN A 1198 -4.35 -30.36 -1.91
C GLN A 1198 -4.51 -29.96 -3.37
N ARG A 1199 -5.21 -28.85 -3.64
CA ARG A 1199 -5.41 -28.43 -5.03
C ARG A 1199 -4.11 -28.06 -5.71
N PHE A 1200 -3.13 -27.56 -4.94
CA PHE A 1200 -1.88 -27.05 -5.47
C PHE A 1200 -0.69 -27.97 -5.18
N LEU A 1201 -0.95 -29.22 -4.83
CA LEU A 1201 0.10 -30.20 -4.54
C LEU A 1201 -0.23 -31.49 -5.28
N HIS A 1202 0.64 -31.89 -6.21
CA HIS A 1202 0.37 -33.02 -7.09
C HIS A 1202 1.32 -34.19 -6.83
N CYS A 1203 1.71 -34.38 -5.58
CA CYS A 1203 2.49 -35.54 -5.17
C CYS A 1203 2.18 -35.81 -3.70
N THR A 1204 3.08 -36.50 -3.02
CA THR A 1204 2.88 -36.91 -1.63
C THR A 1204 3.84 -36.15 -0.72
N GLU A 1205 3.42 -35.93 0.53
CA GLU A 1205 4.26 -35.23 1.48
C GLU A 1205 5.51 -36.02 1.80
N LYS A 1206 5.41 -37.35 1.85
CA LYS A 1206 6.58 -38.18 2.05
C LYS A 1206 7.55 -38.12 0.87
N ASP A 1207 7.05 -37.77 -0.32
CA ASP A 1207 7.95 -37.58 -1.45
C ASP A 1207 8.80 -36.32 -1.25
N LEU A 1208 8.24 -35.29 -0.61
CA LEU A 1208 8.97 -34.04 -0.46
C LEU A 1208 9.85 -34.02 0.78
N ILE A 1209 9.46 -34.77 1.83
CA ILE A 1209 10.18 -34.72 3.10
C ILE A 1209 11.70 -34.82 2.93
N PRO A 1210 12.26 -35.76 2.15
CA PRO A 1210 13.72 -35.78 1.97
C PRO A 1210 14.27 -34.46 1.42
N TYR A 1211 13.65 -33.93 0.37
CA TYR A 1211 14.09 -32.66 -0.21
C TYR A 1211 14.01 -31.54 0.83
N LEU A 1212 12.79 -31.23 1.30
CA LEU A 1212 12.59 -30.14 2.23
C LEU A 1212 13.34 -30.32 3.55
N GLU A 1213 13.95 -31.49 3.79
CA GLU A 1213 14.67 -31.71 5.04
C GLU A 1213 15.93 -30.85 5.15
N LYS A 1214 16.40 -30.27 4.04
CA LYS A 1214 17.61 -29.46 4.04
C LYS A 1214 17.32 -27.96 3.97
N LEU A 1215 16.04 -27.56 3.93
CA LEU A 1215 15.70 -26.15 3.85
C LEU A 1215 15.78 -25.50 5.22
N SER A 1216 16.33 -24.28 5.26
CA SER A 1216 16.53 -23.57 6.51
C SER A 1216 15.31 -22.77 6.94
N ASP A 1217 14.52 -22.28 5.98
CA ASP A 1217 13.35 -21.46 6.30
C ASP A 1217 12.19 -22.36 6.68
N SER A 1218 11.70 -22.20 7.92
CA SER A 1218 10.62 -23.05 8.42
C SER A 1218 9.32 -22.80 7.65
N THR A 1219 8.94 -21.54 7.52
CA THR A 1219 7.74 -21.19 6.76
C THR A 1219 7.81 -21.71 5.33
N LEU A 1220 9.03 -21.78 4.76
CA LEU A 1220 9.19 -22.36 3.43
C LEU A 1220 8.88 -23.85 3.43
N LYS A 1221 9.36 -24.58 4.44
CA LYS A 1221 8.97 -25.98 4.59
C LYS A 1221 7.46 -26.13 4.63
N GLU A 1222 6.79 -25.33 5.47
CA GLU A 1222 5.34 -25.46 5.62
C GLU A 1222 4.64 -25.17 4.30
N THR A 1223 4.93 -24.01 3.70
CA THR A 1223 4.24 -23.62 2.48
C THR A 1223 4.52 -24.60 1.34
N LEU A 1224 5.71 -25.21 1.31
CA LEU A 1224 6.03 -26.15 0.25
C LEU A 1224 5.28 -27.46 0.44
N LEU A 1225 5.34 -28.03 1.64
CA LEU A 1225 4.55 -29.24 1.88
C LEU A 1225 3.06 -28.99 1.71
N ASN A 1226 2.62 -27.72 1.67
CA ASN A 1226 1.21 -27.38 1.45
C ASN A 1226 0.94 -26.92 0.02
N GLY A 1227 1.96 -26.83 -0.81
CA GLY A 1227 1.80 -26.84 -2.25
C GLY A 1227 2.43 -25.66 -2.95
N VAL A 1228 2.64 -24.54 -2.25
CA VAL A 1228 3.04 -23.28 -2.85
C VAL A 1228 4.46 -22.93 -2.42
N GLY A 1229 5.29 -22.53 -3.39
CA GLY A 1229 6.65 -22.09 -3.10
C GLY A 1229 6.77 -20.58 -3.22
N TYR A 1230 7.69 -20.00 -2.45
CA TYR A 1230 8.01 -18.59 -2.55
C TYR A 1230 9.51 -18.40 -2.80
N LEU A 1231 9.82 -17.45 -3.67
CA LEU A 1231 11.17 -17.16 -4.13
C LEU A 1231 11.52 -15.71 -3.83
N HIS A 1232 12.32 -15.50 -2.79
CA HIS A 1232 12.77 -14.18 -2.41
C HIS A 1232 14.26 -14.22 -2.12
N GLU A 1233 14.97 -13.16 -2.49
CA GLU A 1233 16.43 -13.11 -2.42
C GLU A 1233 16.96 -13.15 -0.99
N GLY A 1234 16.07 -13.30 -0.02
CA GLY A 1234 16.44 -13.45 1.38
C GLY A 1234 16.85 -14.84 1.79
N LEU A 1235 16.98 -15.78 0.84
CA LEU A 1235 17.37 -17.15 1.12
C LEU A 1235 18.51 -17.56 0.17
N SER A 1236 19.00 -18.78 0.37
CA SER A 1236 20.18 -19.26 -0.34
C SER A 1236 19.85 -19.58 -1.80
N PRO A 1237 20.87 -19.59 -2.67
CA PRO A 1237 20.63 -20.06 -4.04
C PRO A 1237 20.27 -21.53 -4.12
N MET A 1238 20.72 -22.34 -3.16
CA MET A 1238 20.33 -23.74 -3.13
C MET A 1238 18.84 -23.88 -2.91
N GLU A 1239 18.28 -23.10 -1.98
CA GLU A 1239 16.84 -23.12 -1.78
C GLU A 1239 16.10 -22.64 -3.02
N ARG A 1240 16.65 -21.65 -3.72
CA ARG A 1240 16.00 -21.16 -4.94
C ARG A 1240 15.96 -22.24 -6.02
N ARG A 1241 17.09 -22.90 -6.26
CA ARG A 1241 17.10 -23.94 -7.28
C ARG A 1241 16.26 -25.14 -6.85
N LEU A 1242 16.17 -25.42 -5.55
CA LEU A 1242 15.30 -26.49 -5.08
C LEU A 1242 13.84 -26.17 -5.37
N VAL A 1243 13.40 -24.95 -5.05
CA VAL A 1243 12.02 -24.56 -5.30
C VAL A 1243 11.72 -24.56 -6.79
N GLU A 1244 12.66 -24.07 -7.61
CA GLU A 1244 12.46 -24.10 -9.06
C GLU A 1244 12.36 -25.53 -9.57
N GLN A 1245 13.19 -26.43 -9.06
CA GLN A 1245 13.14 -27.83 -9.46
C GLN A 1245 11.80 -28.45 -9.10
N LEU A 1246 11.34 -28.24 -7.87
CA LEU A 1246 10.05 -28.78 -7.45
C LEU A 1246 8.91 -28.21 -8.28
N PHE A 1247 8.99 -26.92 -8.65
CA PHE A 1247 7.95 -26.32 -9.46
C PHE A 1247 7.91 -26.91 -10.86
N SER A 1248 9.07 -27.00 -11.50
CA SER A 1248 9.11 -27.56 -12.85
C SER A 1248 8.82 -29.05 -12.86
N SER A 1249 8.96 -29.73 -11.72
CA SER A 1249 8.64 -31.15 -11.67
C SER A 1249 7.15 -31.40 -11.79
N GLY A 1250 6.32 -30.47 -11.29
CA GLY A 1250 4.89 -30.66 -11.21
C GLY A 1250 4.39 -30.90 -9.80
N ALA A 1251 5.30 -31.10 -8.84
CA ALA A 1251 4.89 -31.31 -7.46
C ALA A 1251 4.34 -30.02 -6.86
N ILE A 1252 5.05 -28.92 -7.07
CA ILE A 1252 4.59 -27.61 -6.63
C ILE A 1252 3.85 -26.97 -7.79
N GLN A 1253 2.57 -26.64 -7.57
CA GLN A 1253 1.78 -26.07 -8.65
C GLN A 1253 2.01 -24.57 -8.82
N VAL A 1254 2.13 -23.84 -7.72
CA VAL A 1254 2.19 -22.39 -7.79
C VAL A 1254 3.45 -21.88 -7.08
N VAL A 1255 4.05 -20.84 -7.66
CA VAL A 1255 5.19 -20.17 -7.05
C VAL A 1255 4.96 -18.66 -7.08
N VAL A 1256 5.21 -18.01 -5.95
CA VAL A 1256 5.15 -16.56 -5.81
C VAL A 1256 6.58 -16.05 -5.68
N ALA A 1257 6.92 -15.07 -6.50
CA ALA A 1257 8.30 -14.62 -6.62
C ALA A 1257 8.40 -13.12 -6.44
N SER A 1258 9.52 -12.69 -5.85
CA SER A 1258 9.89 -11.29 -5.81
C SER A 1258 10.17 -10.78 -7.22
N ARG A 1259 10.00 -9.47 -7.42
CA ARG A 1259 10.21 -8.91 -8.75
C ARG A 1259 11.68 -9.01 -9.16
N SER A 1260 12.59 -8.82 -8.21
CA SER A 1260 14.02 -8.87 -8.53
C SER A 1260 14.47 -10.21 -9.06
N LEU A 1261 13.61 -11.23 -9.00
CA LEU A 1261 13.95 -12.57 -9.47
C LEU A 1261 13.33 -12.91 -10.82
N CYS A 1262 12.65 -11.95 -11.45
CA CYS A 1262 12.04 -12.21 -12.75
C CYS A 1262 13.06 -12.37 -13.87
N TRP A 1263 14.33 -12.03 -13.62
CA TRP A 1263 15.41 -12.25 -14.57
C TRP A 1263 16.16 -13.56 -14.35
N GLY A 1264 16.41 -13.95 -13.10
CA GLY A 1264 17.18 -15.16 -12.86
C GLY A 1264 16.40 -16.35 -12.33
N MET A 1265 15.37 -16.78 -13.07
CA MET A 1265 14.64 -18.00 -12.75
C MET A 1265 14.29 -18.71 -14.04
N ASN A 1266 14.68 -19.99 -14.14
CA ASN A 1266 14.38 -20.82 -15.31
C ASN A 1266 13.16 -21.67 -15.00
N VAL A 1267 11.99 -21.02 -15.05
CA VAL A 1267 10.73 -21.62 -14.64
C VAL A 1267 9.64 -21.11 -15.56
N ALA A 1268 8.83 -22.02 -16.11
CA ALA A 1268 7.74 -21.66 -16.98
C ALA A 1268 6.41 -22.11 -16.37
N ALA A 1269 5.39 -21.27 -16.51
CA ALA A 1269 4.06 -21.59 -16.01
C ALA A 1269 3.05 -21.51 -17.15
N HIS A 1270 1.79 -21.80 -16.81
CA HIS A 1270 0.67 -21.61 -17.72
C HIS A 1270 0.01 -20.26 -17.51
N LEU A 1271 0.07 -19.75 -16.28
CA LEU A 1271 -0.54 -18.48 -15.91
C LEU A 1271 0.45 -17.67 -15.08
N VAL A 1272 0.73 -16.46 -15.54
CA VAL A 1272 1.56 -15.50 -14.82
C VAL A 1272 0.68 -14.35 -14.36
N ILE A 1273 0.61 -14.18 -13.04
CA ILE A 1273 -0.13 -13.10 -12.40
C ILE A 1273 0.89 -12.08 -11.90
N ILE A 1274 0.60 -10.81 -12.10
CA ILE A 1274 1.46 -9.73 -11.64
C ILE A 1274 0.67 -8.89 -10.65
N MET A 1275 1.26 -8.58 -9.50
CA MET A 1275 0.62 -7.74 -8.51
C MET A 1275 1.17 -6.32 -8.57
N ASP A 1276 0.29 -5.34 -8.30
CA ASP A 1276 0.66 -3.96 -8.01
C ASP A 1276 1.32 -3.26 -9.19
N THR A 1277 2.41 -3.84 -9.71
CA THR A 1277 3.26 -3.24 -10.73
C THR A 1277 3.83 -1.90 -10.29
N GLN A 1278 4.01 -1.70 -8.99
CA GLN A 1278 4.66 -0.52 -8.45
C GLN A 1278 5.58 -0.92 -7.31
N TYR A 1279 6.63 -0.14 -7.09
CA TYR A 1279 7.53 -0.37 -5.98
C TYR A 1279 7.94 0.96 -5.37
N TYR A 1280 8.24 0.95 -4.07
CA TYR A 1280 8.48 2.18 -3.33
C TYR A 1280 9.93 2.64 -3.48
N ASN A 1281 10.09 3.87 -3.99
CA ASN A 1281 11.37 4.57 -4.00
C ASN A 1281 11.35 5.57 -2.86
N GLY A 1282 12.18 5.33 -1.85
CA GLY A 1282 12.32 6.20 -0.70
C GLY A 1282 13.28 7.35 -0.88
N LYS A 1283 13.84 7.51 -2.08
CA LYS A 1283 14.63 8.70 -2.36
C LYS A 1283 13.73 9.88 -2.77
N ILE A 1284 12.57 9.58 -3.34
CA ILE A 1284 11.55 10.60 -3.60
C ILE A 1284 10.34 10.38 -2.69
N HIS A 1285 10.43 9.43 -1.77
CA HIS A 1285 9.35 9.11 -0.82
C HIS A 1285 8.02 8.90 -1.55
N ALA A 1286 8.05 8.05 -2.57
CA ALA A 1286 6.86 7.81 -3.38
C ALA A 1286 6.96 6.42 -4.00
N TYR A 1287 5.99 6.10 -4.85
CA TYR A 1287 5.92 4.80 -5.50
C TYR A 1287 6.10 4.98 -6.99
N VAL A 1288 6.95 4.16 -7.59
CA VAL A 1288 7.32 4.21 -8.99
C VAL A 1288 6.70 3.03 -9.71
N ASP A 1289 6.22 3.26 -10.93
CA ASP A 1289 5.77 2.18 -11.77
C ASP A 1289 6.95 1.26 -12.11
N TYR A 1290 6.63 0.01 -12.41
CA TYR A 1290 7.62 -0.95 -12.87
C TYR A 1290 8.22 -0.49 -14.20
N PRO A 1291 9.49 -0.82 -14.46
CA PRO A 1291 10.00 -0.73 -15.83
C PRO A 1291 9.25 -1.72 -16.72
N ILE A 1292 8.95 -1.28 -17.95
CA ILE A 1292 8.17 -2.10 -18.88
C ILE A 1292 8.88 -3.41 -19.19
N TYR A 1293 10.21 -3.41 -19.15
CA TYR A 1293 10.98 -4.60 -19.50
C TYR A 1293 10.75 -5.72 -18.50
N ASP A 1294 10.66 -5.37 -17.21
CA ASP A 1294 10.42 -6.39 -16.18
C ASP A 1294 9.07 -7.06 -16.37
N VAL A 1295 8.01 -6.25 -16.55
CA VAL A 1295 6.68 -6.83 -16.69
C VAL A 1295 6.56 -7.60 -18.01
N LEU A 1296 7.31 -7.19 -19.04
CA LEU A 1296 7.28 -7.96 -20.28
C LEU A 1296 8.00 -9.30 -20.12
N GLN A 1297 9.07 -9.33 -19.33
CA GLN A 1297 9.72 -10.60 -19.02
C GLN A 1297 8.80 -11.51 -18.21
N MET A 1298 8.11 -10.94 -17.23
CA MET A 1298 7.13 -11.71 -16.46
C MET A 1298 6.07 -12.29 -17.38
N VAL A 1299 5.52 -11.45 -18.27
CA VAL A 1299 4.48 -11.94 -19.18
C VAL A 1299 5.02 -13.04 -20.07
N GLY A 1300 6.28 -12.91 -20.53
CA GLY A 1300 6.89 -13.95 -21.33
C GLY A 1300 7.09 -15.25 -20.58
N HIS A 1301 7.18 -15.19 -19.25
CA HIS A 1301 7.25 -16.41 -18.45
C HIS A 1301 5.99 -17.26 -18.53
N ALA A 1302 4.91 -16.77 -19.14
CA ALA A 1302 3.65 -17.50 -19.19
C ALA A 1302 3.53 -18.45 -20.37
N ASN A 1303 4.32 -18.28 -21.42
CA ASN A 1303 4.20 -19.10 -22.61
C ASN A 1303 5.23 -20.22 -22.55
N ARG A 1304 4.76 -21.43 -22.28
CA ARG A 1304 5.59 -22.63 -22.42
C ARG A 1304 4.94 -23.54 -23.45
N PRO A 1305 5.65 -23.93 -24.51
CA PRO A 1305 5.09 -24.86 -25.50
C PRO A 1305 5.29 -26.32 -25.16
N LEU A 1306 5.74 -26.63 -23.94
CA LEU A 1306 5.94 -28.02 -23.54
C LEU A 1306 4.60 -28.75 -23.47
N GLN A 1307 3.59 -28.13 -22.86
CA GLN A 1307 2.36 -28.84 -22.56
C GLN A 1307 1.13 -28.09 -23.04
N ASP A 1308 1.00 -26.82 -22.66
CA ASP A 1308 -0.24 -26.09 -22.87
C ASP A 1308 -0.39 -25.65 -24.32
N ASP A 1309 -1.65 -25.57 -24.76
CA ASP A 1309 -1.99 -25.00 -26.06
C ASP A 1309 -2.17 -23.48 -25.99
N GLU A 1310 -1.96 -22.88 -24.82
CA GLU A 1310 -2.15 -21.44 -24.67
C GLU A 1310 -1.36 -20.97 -23.46
N GLY A 1311 -1.14 -19.67 -23.40
CA GLY A 1311 -0.49 -19.03 -22.26
C GLY A 1311 -1.39 -17.94 -21.71
N ARG A 1312 -1.46 -17.84 -20.38
CA ARG A 1312 -2.36 -16.91 -19.74
C ARG A 1312 -1.59 -16.03 -18.77
N CYS A 1313 -1.90 -14.74 -18.78
CA CYS A 1313 -1.27 -13.77 -17.91
C CYS A 1313 -2.32 -12.74 -17.51
N VAL A 1314 -2.36 -12.40 -16.21
CA VAL A 1314 -3.21 -11.32 -15.72
C VAL A 1314 -2.37 -10.35 -14.91
N ILE A 1315 -2.52 -9.06 -15.20
CA ILE A 1315 -1.79 -7.99 -14.52
C ILE A 1315 -2.80 -7.21 -13.68
N MET A 1316 -2.51 -7.04 -12.40
CA MET A 1316 -3.36 -6.31 -11.47
C MET A 1316 -2.62 -5.03 -11.12
N CYS A 1317 -3.18 -3.89 -11.52
CA CYS A 1317 -2.52 -2.60 -11.39
C CYS A 1317 -3.53 -1.54 -10.98
N GLN A 1318 -3.04 -0.51 -10.31
CA GLN A 1318 -3.84 0.69 -10.10
C GLN A 1318 -4.44 1.16 -11.41
N GLY A 1319 -5.64 1.73 -11.34
CA GLY A 1319 -6.34 2.19 -12.53
C GLY A 1319 -5.54 3.20 -13.32
N SER A 1320 -4.91 4.17 -12.62
CA SER A 1320 -4.09 5.18 -13.28
C SER A 1320 -3.18 4.58 -14.34
N LYS A 1321 -2.73 3.34 -14.15
CA LYS A 1321 -1.76 2.78 -15.07
C LYS A 1321 -2.37 1.87 -16.13
N LYS A 1322 -3.58 1.35 -15.90
CA LYS A 1322 -4.18 0.30 -16.71
C LYS A 1322 -4.00 0.52 -18.20
N ASP A 1323 -4.66 1.56 -18.75
CA ASP A 1323 -4.54 1.88 -20.17
C ASP A 1323 -3.12 1.70 -20.67
N PHE A 1324 -2.17 2.40 -20.04
CA PHE A 1324 -0.74 2.26 -20.30
C PHE A 1324 -0.39 0.81 -20.65
N PHE A 1325 -0.39 -0.07 -19.64
CA PHE A 1325 -0.09 -1.48 -19.84
C PHE A 1325 -0.71 -2.00 -21.12
N LYS A 1326 -2.05 -1.95 -21.18
CA LYS A 1326 -2.77 -2.52 -22.30
C LYS A 1326 -2.08 -2.20 -23.61
N LYS A 1327 -2.01 -0.91 -23.96
CA LYS A 1327 -1.48 -0.54 -25.26
C LYS A 1327 -0.08 -1.12 -25.45
N PHE A 1328 0.84 -0.78 -24.56
CA PHE A 1328 2.23 -1.14 -24.81
C PHE A 1328 2.49 -2.63 -24.69
N LEU A 1329 1.52 -3.41 -24.22
CA LEU A 1329 1.70 -4.84 -24.14
C LEU A 1329 1.05 -5.58 -25.29
N TYR A 1330 0.16 -4.93 -26.04
CA TYR A 1330 -0.52 -5.63 -27.12
C TYR A 1330 0.13 -5.40 -28.47
N GLU A 1331 0.91 -4.34 -28.64
CA GLU A 1331 1.56 -4.01 -29.89
C GLU A 1331 3.05 -3.81 -29.63
N PRO A 1332 3.87 -3.84 -30.69
CA PRO A 1332 5.33 -3.75 -30.50
C PRO A 1332 5.75 -2.50 -29.75
N LEU A 1333 6.89 -2.60 -29.06
CA LEU A 1333 7.41 -1.61 -28.13
C LEU A 1333 8.39 -0.68 -28.83
N PRO A 1334 8.23 0.64 -28.72
CA PRO A 1334 9.24 1.56 -29.24
C PRO A 1334 10.35 1.80 -28.23
N VAL A 1335 11.59 1.78 -28.72
CA VAL A 1335 12.77 1.90 -27.88
C VAL A 1335 13.61 3.06 -28.40
N GLU A 1336 14.36 3.69 -27.49
CA GLU A 1336 15.21 4.82 -27.83
C GLU A 1336 16.45 4.80 -26.96
N SER A 1337 17.38 5.71 -27.28
CA SER A 1337 18.67 5.74 -26.61
C SER A 1337 18.67 6.74 -25.46
N HIS A 1338 19.39 6.40 -24.40
CA HIS A 1338 19.69 7.32 -23.30
C HIS A 1338 21.17 7.63 -23.25
N LEU A 1339 21.86 7.53 -24.39
CA LEU A 1339 23.31 7.67 -24.41
C LEU A 1339 23.73 9.11 -24.18
N ASP A 1340 22.95 10.08 -24.68
CA ASP A 1340 23.29 11.49 -24.50
C ASP A 1340 23.36 11.89 -23.04
N HIS A 1341 22.68 11.17 -22.14
CA HIS A 1341 22.74 11.48 -20.73
C HIS A 1341 23.91 10.82 -20.01
N CYS A 1342 24.44 9.72 -20.56
CA CYS A 1342 25.62 9.04 -20.01
C CYS A 1342 26.66 8.90 -21.12
N MET A 1343 27.19 10.03 -21.58
CA MET A 1343 28.17 10.06 -22.66
C MET A 1343 29.54 10.53 -22.22
N HIS A 1344 29.64 11.27 -21.11
CA HIS A 1344 30.91 11.87 -20.74
C HIS A 1344 31.94 10.82 -20.38
N ASP A 1345 31.52 9.76 -19.69
CA ASP A 1345 32.46 8.73 -19.25
C ASP A 1345 33.12 8.04 -20.44
N HIS A 1346 32.35 7.78 -21.51
CA HIS A 1346 32.93 7.07 -22.64
C HIS A 1346 33.87 7.96 -23.44
N PHE A 1347 33.60 9.26 -23.51
CA PHE A 1347 34.58 10.17 -24.10
C PHE A 1347 35.86 10.20 -23.26
N ASN A 1348 35.71 10.29 -21.94
CA ASN A 1348 36.88 10.30 -21.06
C ASN A 1348 37.67 9.00 -21.15
N ALA A 1349 36.99 7.91 -21.48
CA ALA A 1349 37.63 6.61 -21.57
C ALA A 1349 38.21 6.31 -22.94
N GLU A 1350 37.74 6.99 -23.98
CA GLU A 1350 38.30 6.78 -25.31
C GLU A 1350 39.26 7.88 -25.74
N ILE A 1351 39.37 8.97 -24.98
CA ILE A 1351 40.53 9.85 -25.16
C ILE A 1351 41.79 9.14 -24.65
N VAL A 1352 41.65 8.38 -23.57
CA VAL A 1352 42.80 7.66 -23.01
C VAL A 1352 43.32 6.63 -24.01
N THR A 1353 42.40 5.94 -24.69
CA THR A 1353 42.79 4.93 -25.67
C THR A 1353 43.14 5.52 -27.03
N LYS A 1354 43.10 6.84 -27.17
CA LYS A 1354 43.41 7.60 -28.39
C LYS A 1354 42.48 7.24 -29.56
N THR A 1355 41.34 6.60 -29.28
CA THR A 1355 40.36 6.36 -30.34
C THR A 1355 39.70 7.66 -30.77
N ILE A 1356 39.62 8.64 -29.87
CA ILE A 1356 39.06 9.95 -30.15
C ILE A 1356 40.14 10.98 -29.83
N GLU A 1357 40.32 11.94 -30.73
CA GLU A 1357 41.43 12.89 -30.61
C GLU A 1357 41.01 14.33 -30.84
N ASN A 1358 40.06 14.56 -31.75
CA ASN A 1358 39.60 15.92 -32.04
C ASN A 1358 38.09 16.02 -31.87
N LYS A 1359 37.50 17.12 -32.33
CA LYS A 1359 36.04 17.24 -32.29
C LYS A 1359 35.38 16.56 -33.48
N GLN A 1360 36.02 16.59 -34.65
CA GLN A 1360 35.41 16.01 -35.83
C GLN A 1360 35.23 14.51 -35.69
N ASP A 1361 36.22 13.80 -35.15
CA ASP A 1361 36.04 12.37 -34.96
C ASP A 1361 35.20 12.04 -33.74
N ALA A 1362 35.10 12.96 -32.77
CA ALA A 1362 34.10 12.80 -31.72
C ALA A 1362 32.69 12.90 -32.28
N VAL A 1363 32.51 13.64 -33.37
CA VAL A 1363 31.24 13.60 -34.09
C VAL A 1363 31.13 12.31 -34.90
N ASP A 1364 32.22 11.92 -35.56
CA ASP A 1364 32.23 10.68 -36.35
C ASP A 1364 31.84 9.46 -35.52
N TYR A 1365 32.23 9.44 -34.25
CA TYR A 1365 31.94 8.28 -33.41
C TYR A 1365 30.44 8.10 -33.21
N LEU A 1366 29.71 9.20 -33.05
CA LEU A 1366 28.27 9.10 -32.81
C LEU A 1366 27.53 8.49 -34.00
N THR A 1367 28.15 8.46 -35.18
CA THR A 1367 27.51 7.80 -36.32
C THR A 1367 27.31 6.32 -36.04
N TRP A 1368 28.18 5.70 -35.24
CA TRP A 1368 28.04 4.29 -34.93
C TRP A 1368 26.92 4.01 -33.92
N THR A 1369 26.38 5.05 -33.30
CA THR A 1369 25.44 4.88 -32.20
C THR A 1369 24.01 4.76 -32.70
N PHE A 1370 23.18 4.07 -31.91
CA PHE A 1370 21.74 4.05 -32.14
C PHE A 1370 21.15 5.45 -31.95
N LEU A 1371 21.77 6.25 -31.09
CA LEU A 1371 21.35 7.63 -30.88
C LEU A 1371 21.30 8.40 -32.19
N TYR A 1372 22.28 8.15 -33.07
CA TYR A 1372 22.33 8.85 -34.35
C TYR A 1372 21.09 8.56 -35.18
N ARG A 1373 20.67 7.30 -35.24
CA ARG A 1373 19.50 6.94 -36.03
C ARG A 1373 18.21 7.42 -35.37
N ARG A 1374 18.17 7.48 -34.04
CA ARG A 1374 16.92 7.83 -33.38
C ARG A 1374 16.69 9.33 -33.28
N MET A 1375 17.76 10.13 -33.19
CA MET A 1375 17.60 11.57 -33.13
C MET A 1375 16.93 12.14 -34.38
N THR A 1376 16.95 11.39 -35.48
CA THR A 1376 16.29 11.87 -36.70
C THR A 1376 14.80 11.60 -36.66
N GLN A 1377 14.41 10.36 -36.37
CA GLN A 1377 13.01 9.96 -36.52
C GLN A 1377 12.14 10.43 -35.35
N ASN A 1378 12.72 10.61 -34.17
CA ASN A 1378 11.99 11.13 -33.01
C ASN A 1378 12.77 12.29 -32.42
N PRO A 1379 12.70 13.47 -33.04
CA PRO A 1379 13.50 14.60 -32.54
C PRO A 1379 13.11 15.05 -31.14
N ASN A 1380 11.83 15.35 -30.91
CA ASN A 1380 11.41 15.98 -29.65
C ASN A 1380 11.76 15.15 -28.43
N TYR A 1381 11.95 13.83 -28.58
CA TYR A 1381 12.36 13.00 -27.45
C TYR A 1381 13.73 13.40 -26.93
N TYR A 1382 14.60 13.89 -27.82
CA TYR A 1382 15.92 14.38 -27.44
C TYR A 1382 15.97 15.91 -27.44
N ASN A 1383 14.81 16.57 -27.48
CA ASN A 1383 14.69 18.01 -27.38
C ASN A 1383 15.40 18.74 -28.52
N LEU A 1384 15.42 18.16 -29.71
CA LEU A 1384 15.79 18.87 -30.92
C LEU A 1384 14.54 19.10 -31.76
N GLN A 1385 14.44 20.27 -32.38
CA GLN A 1385 13.21 20.71 -33.02
C GLN A 1385 13.29 20.65 -34.55
N GLY A 1386 14.10 19.75 -35.09
CA GLY A 1386 14.22 19.64 -36.52
C GLY A 1386 14.65 18.26 -36.95
N ILE A 1387 14.36 17.95 -38.21
CA ILE A 1387 14.72 16.66 -38.80
C ILE A 1387 15.67 16.79 -39.98
N SER A 1388 16.09 18.01 -40.33
CA SER A 1388 17.09 18.18 -41.37
C SER A 1388 18.48 17.78 -40.86
N HIS A 1389 19.38 17.56 -41.81
CA HIS A 1389 20.75 17.21 -41.43
C HIS A 1389 21.42 18.36 -40.68
N ARG A 1390 21.03 19.59 -40.98
CA ARG A 1390 21.53 20.74 -40.24
C ARG A 1390 21.21 20.61 -38.75
N HIS A 1391 19.95 20.32 -38.43
CA HIS A 1391 19.56 20.13 -37.03
C HIS A 1391 20.35 18.99 -36.40
N LEU A 1392 20.52 17.90 -37.13
CA LEU A 1392 21.29 16.76 -36.62
C LEU A 1392 22.69 17.19 -36.23
N SER A 1393 23.41 17.80 -37.16
CA SER A 1393 24.80 18.19 -36.91
C SER A 1393 24.89 19.23 -35.81
N ASP A 1394 23.94 20.17 -35.76
CA ASP A 1394 23.95 21.19 -34.72
C ASP A 1394 23.78 20.56 -33.35
N HIS A 1395 22.82 19.64 -33.21
CA HIS A 1395 22.61 18.98 -31.93
C HIS A 1395 23.82 18.15 -31.53
N LEU A 1396 24.42 17.46 -32.50
CA LEU A 1396 25.61 16.65 -32.20
C LEU A 1396 26.76 17.51 -31.73
N SER A 1397 27.01 18.64 -32.42
CA SER A 1397 28.11 19.51 -32.05
C SER A 1397 27.88 20.14 -30.68
N GLU A 1398 26.65 20.56 -30.40
CA GLU A 1398 26.34 21.09 -29.08
C GLU A 1398 26.57 20.03 -28.01
N LEU A 1399 26.18 18.78 -28.29
CA LEU A 1399 26.37 17.69 -27.32
C LEU A 1399 27.86 17.45 -27.05
N VAL A 1400 28.66 17.36 -28.12
CA VAL A 1400 30.09 17.10 -27.94
C VAL A 1400 30.76 18.25 -27.20
N GLU A 1401 30.39 19.49 -27.54
CA GLU A 1401 30.93 20.64 -26.83
C GLU A 1401 30.60 20.58 -25.35
N GLN A 1402 29.33 20.27 -25.03
CA GLN A 1402 28.92 20.20 -23.63
C GLN A 1402 29.67 19.11 -22.87
N THR A 1403 29.78 17.92 -23.48
CA THR A 1403 30.50 16.83 -22.82
C THR A 1403 31.97 17.20 -22.59
N LEU A 1404 32.61 17.81 -23.59
CA LEU A 1404 34.02 18.14 -23.45
C LEU A 1404 34.24 19.24 -22.42
N SER A 1405 33.33 20.22 -22.36
CA SER A 1405 33.45 21.26 -21.34
C SER A 1405 33.26 20.68 -19.94
N ASP A 1406 32.25 19.81 -19.77
CA ASP A 1406 32.05 19.17 -18.48
C ASP A 1406 33.26 18.34 -18.08
N LEU A 1407 33.89 17.68 -19.04
CA LEU A 1407 35.07 16.87 -18.73
C LEU A 1407 36.27 17.73 -18.40
N GLU A 1408 36.42 18.88 -19.07
CA GLU A 1408 37.53 19.78 -18.76
C GLU A 1408 37.38 20.39 -17.37
N GLN A 1409 36.17 20.84 -17.02
CA GLN A 1409 35.94 21.39 -15.69
C GLN A 1409 36.22 20.37 -14.59
N SER A 1410 36.19 19.08 -14.93
CA SER A 1410 36.52 18.01 -13.99
C SER A 1410 38.00 17.69 -13.96
N LYS A 1411 38.82 18.42 -14.72
CA LYS A 1411 40.26 18.20 -14.80
C LYS A 1411 40.60 16.80 -15.32
N CYS A 1412 39.79 16.31 -16.26
CA CYS A 1412 40.03 15.01 -16.87
C CYS A 1412 40.53 15.09 -18.30
N ILE A 1413 40.24 16.19 -19.00
CA ILE A 1413 40.70 16.39 -20.36
C ILE A 1413 41.28 17.79 -20.47
N SER A 1414 42.04 18.00 -21.55
CA SER A 1414 42.51 19.32 -21.93
C SER A 1414 42.21 19.54 -23.40
N ILE A 1415 41.59 20.66 -23.71
CA ILE A 1415 41.23 21.00 -25.08
C ILE A 1415 42.12 22.14 -25.57
N GLU A 1416 42.58 22.02 -26.81
CA GLU A 1416 43.38 23.07 -27.44
C GLU A 1416 42.77 23.39 -28.80
N ASP A 1417 42.87 24.67 -29.18
CA ASP A 1417 42.13 25.20 -30.32
C ASP A 1417 40.65 24.89 -30.13
N GLU A 1418 40.07 24.16 -31.08
CA GLU A 1418 38.74 23.62 -30.94
C GLU A 1418 38.66 22.14 -31.26
N MET A 1419 39.72 21.55 -31.81
CA MET A 1419 39.72 20.15 -32.20
C MET A 1419 40.39 19.28 -31.13
N ASP A 1420 41.71 19.32 -31.08
CA ASP A 1420 42.48 18.33 -30.35
C ASP A 1420 42.21 18.38 -28.85
N VAL A 1421 42.04 17.20 -28.26
CA VAL A 1421 41.87 17.02 -26.83
C VAL A 1421 42.84 15.93 -26.37
N ALA A 1422 43.22 16.01 -25.10
CA ALA A 1422 44.20 15.11 -24.53
C ALA A 1422 43.77 14.67 -23.13
N PRO A 1423 44.08 13.43 -22.75
CA PRO A 1423 43.71 12.96 -21.41
C PRO A 1423 44.58 13.61 -20.33
N LEU A 1424 44.03 13.64 -19.13
CA LEU A 1424 44.73 14.11 -17.94
C LEU A 1424 44.75 12.98 -16.92
N ASN A 1425 45.68 13.09 -15.96
CA ASN A 1425 45.86 12.07 -14.93
C ASN A 1425 44.53 11.62 -14.31
N LEU A 1426 43.68 12.58 -13.93
CA LEU A 1426 42.37 12.25 -13.37
C LEU A 1426 41.56 11.39 -14.35
N GLY A 1427 41.44 11.82 -15.60
CA GLY A 1427 40.70 11.06 -16.58
C GLY A 1427 41.35 9.73 -16.89
N MET A 1428 42.68 9.67 -16.89
CA MET A 1428 43.39 8.43 -17.15
C MET A 1428 43.06 7.38 -16.10
N ILE A 1429 43.15 7.76 -14.82
CA ILE A 1429 42.83 6.79 -13.77
C ILE A 1429 41.33 6.61 -13.58
N ALA A 1430 40.51 7.50 -14.14
CA ALA A 1430 39.06 7.27 -14.13
C ALA A 1430 38.67 6.24 -15.19
N ALA A 1431 39.36 6.24 -16.33
CA ALA A 1431 39.10 5.24 -17.35
C ALA A 1431 39.81 3.94 -17.04
N TYR A 1432 40.92 3.99 -16.29
CA TYR A 1432 41.64 2.77 -15.92
C TYR A 1432 40.83 1.91 -14.95
N TYR A 1433 40.05 2.54 -14.06
CA TYR A 1433 39.28 1.84 -13.05
C TYR A 1433 37.80 1.83 -13.33
N TYR A 1434 37.37 2.22 -14.53
CA TYR A 1434 35.95 2.24 -14.90
C TYR A 1434 35.13 3.01 -13.86
N ILE A 1435 35.53 4.27 -13.64
CA ILE A 1435 34.96 5.12 -12.61
C ILE A 1435 34.45 6.40 -13.25
N ASN A 1436 33.25 6.83 -12.82
CA ASN A 1436 32.63 8.04 -13.35
C ASN A 1436 33.50 9.26 -13.07
N TYR A 1437 33.46 10.23 -13.98
CA TYR A 1437 34.30 11.41 -13.85
C TYR A 1437 33.87 12.29 -12.68
N THR A 1438 32.58 12.27 -12.32
CA THR A 1438 32.12 13.00 -11.14
C THR A 1438 32.76 12.46 -9.87
N THR A 1439 32.89 11.13 -9.78
CA THR A 1439 33.51 10.53 -8.61
C THR A 1439 34.97 10.95 -8.49
N ILE A 1440 35.68 11.01 -9.61
CA ILE A 1440 37.09 11.39 -9.58
C ILE A 1440 37.23 12.88 -9.27
N GLU A 1441 36.36 13.72 -9.83
CA GLU A 1441 36.39 15.13 -9.48
C GLU A 1441 36.14 15.34 -7.98
N LEU A 1442 35.16 14.63 -7.43
CA LEU A 1442 34.87 14.75 -6.00
C LEU A 1442 36.05 14.26 -5.17
N PHE A 1443 36.68 13.16 -5.59
CA PHE A 1443 37.85 12.66 -4.89
C PHE A 1443 38.97 13.69 -4.90
N SER A 1444 39.22 14.31 -6.05
CA SER A 1444 40.32 15.27 -6.17
C SER A 1444 40.04 16.52 -5.34
N MET A 1445 38.79 16.98 -5.30
CA MET A 1445 38.49 18.20 -4.56
C MET A 1445 38.39 17.96 -3.06
N SER A 1446 38.05 16.74 -2.64
CA SER A 1446 37.77 16.47 -1.24
C SER A 1446 38.95 15.88 -0.47
N LEU A 1447 39.80 15.08 -1.12
CA LEU A 1447 40.94 14.50 -0.44
C LEU A 1447 41.96 15.58 -0.11
N ASN A 1448 42.17 15.82 1.19
CA ASN A 1448 43.14 16.81 1.64
C ASN A 1448 44.44 16.15 2.08
N ALA A 1449 45.41 16.99 2.42
CA ALA A 1449 46.74 16.51 2.76
C ALA A 1449 46.77 15.70 4.05
N LYS A 1450 45.70 15.75 4.85
CA LYS A 1450 45.66 15.09 6.15
C LYS A 1450 44.31 14.38 6.29
N THR A 1451 44.08 13.39 5.43
CA THR A 1451 42.82 12.66 5.40
C THR A 1451 42.98 11.34 6.14
N LYS A 1452 42.23 11.17 7.23
CA LYS A 1452 42.29 9.96 8.03
C LYS A 1452 41.25 8.95 7.55
N VAL A 1453 41.27 7.76 8.18
CA VAL A 1453 40.43 6.66 7.72
C VAL A 1453 38.95 7.01 7.81
N ARG A 1454 38.56 7.79 8.83
CA ARG A 1454 37.17 8.22 8.94
C ARG A 1454 36.77 9.06 7.72
N GLY A 1455 37.57 10.08 7.40
CA GLY A 1455 37.33 10.85 6.20
C GLY A 1455 37.44 10.03 4.94
N LEU A 1456 38.33 9.04 4.95
CA LEU A 1456 38.43 8.12 3.82
C LEU A 1456 37.09 7.44 3.55
N ILE A 1457 36.49 6.87 4.59
CA ILE A 1457 35.19 6.20 4.45
C ILE A 1457 34.12 7.20 4.02
N GLU A 1458 34.16 8.42 4.60
CA GLU A 1458 33.18 9.44 4.24
C GLU A 1458 33.25 9.75 2.74
N ILE A 1459 34.45 10.00 2.23
CA ILE A 1459 34.59 10.34 0.81
C ILE A 1459 34.25 9.14 -0.07
N ILE A 1460 34.54 7.92 0.40
CA ILE A 1460 34.20 6.73 -0.37
C ILE A 1460 32.70 6.60 -0.53
N SER A 1461 31.96 6.77 0.58
CA SER A 1461 30.51 6.60 0.53
C SER A 1461 29.82 7.67 -0.32
N ASN A 1462 30.51 8.77 -0.62
CA ASN A 1462 29.93 9.84 -1.43
C ASN A 1462 30.07 9.60 -2.93
N ALA A 1463 30.63 8.47 -3.35
CA ALA A 1463 30.82 8.21 -4.77
C ALA A 1463 29.49 8.13 -5.50
N ALA A 1464 29.53 8.45 -6.81
CA ALA A 1464 28.30 8.50 -7.60
C ALA A 1464 27.76 7.12 -7.93
N GLU A 1465 28.63 6.11 -8.00
CA GLU A 1465 28.17 4.74 -8.27
C GLU A 1465 27.33 4.18 -7.13
N TYR A 1466 27.35 4.82 -5.96
CA TYR A 1466 26.55 4.40 -4.83
C TYR A 1466 25.24 5.17 -4.71
N GLU A 1467 24.96 6.07 -5.64
CA GLU A 1467 23.65 6.69 -5.70
C GLU A 1467 22.58 5.72 -6.16
N ASN A 1468 22.97 4.66 -6.88
CA ASN A 1468 22.02 3.62 -7.28
C ASN A 1468 21.50 2.85 -6.07
N ILE A 1469 22.30 2.75 -5.01
CA ILE A 1469 21.88 2.09 -3.77
C ILE A 1469 20.55 2.70 -3.35
N PRO A 1470 19.51 1.90 -3.23
CA PRO A 1470 18.15 2.44 -3.09
C PRO A 1470 17.75 2.68 -1.65
N ILE A 1471 16.59 3.32 -1.50
CA ILE A 1471 15.94 3.54 -0.22
C ILE A 1471 14.52 3.00 -0.34
N ARG A 1472 14.16 2.06 0.53
CA ARG A 1472 12.87 1.38 0.47
C ARG A 1472 12.02 1.74 1.68
N HIS A 1473 10.83 1.14 1.74
CA HIS A 1473 9.85 1.50 2.75
C HIS A 1473 10.31 1.02 4.13
N HIS A 1474 10.10 1.86 5.14
CA HIS A 1474 10.46 1.58 6.53
C HIS A 1474 11.96 1.42 6.72
N GLU A 1475 12.76 1.72 5.70
CA GLU A 1475 14.20 1.54 5.76
C GLU A 1475 14.91 2.73 6.40
N ASP A 1476 14.34 3.93 6.27
CA ASP A 1476 14.87 5.08 7.00
C ASP A 1476 14.93 4.80 8.49
N ASN A 1477 13.93 4.07 8.99
CA ASN A 1477 13.91 3.70 10.41
C ASN A 1477 15.03 2.73 10.75
N LEU A 1478 15.29 1.76 9.87
CA LEU A 1478 16.38 0.82 10.13
C LEU A 1478 17.73 1.52 10.10
N LEU A 1479 17.91 2.49 9.19
CA LEU A 1479 19.15 3.24 9.17
C LEU A 1479 19.29 4.13 10.40
N ARG A 1480 18.17 4.72 10.86
CA ARG A 1480 18.18 5.44 12.12
C ARG A 1480 18.65 4.55 13.27
N GLN A 1481 18.15 3.31 13.30
CA GLN A 1481 18.56 2.38 14.35
C GLN A 1481 20.05 2.05 14.23
N LEU A 1482 20.54 1.85 13.01
CA LEU A 1482 21.95 1.50 12.82
C LEU A 1482 22.88 2.68 13.10
N ALA A 1483 22.38 3.91 13.04
CA ALA A 1483 23.24 5.07 13.27
C ALA A 1483 23.87 5.06 14.66
N GLN A 1484 23.18 4.53 15.67
CA GLN A 1484 23.66 4.58 17.04
C GLN A 1484 24.55 3.40 17.41
N LYS A 1485 24.65 2.39 16.55
CA LYS A 1485 25.49 1.23 16.83
C LYS A 1485 26.87 1.31 16.21
N VAL A 1486 27.01 2.01 15.09
CA VAL A 1486 28.29 2.16 14.42
C VAL A 1486 29.20 3.03 15.28
N PRO A 1487 30.51 2.81 15.27
CA PRO A 1487 31.39 3.56 16.19
C PRO A 1487 31.54 5.03 15.82
N HIS A 1488 31.57 5.38 14.54
CA HIS A 1488 31.68 6.76 14.11
C HIS A 1488 30.30 7.30 13.77
N LYS A 1489 29.98 8.49 14.28
CA LYS A 1489 28.66 9.08 14.17
C LYS A 1489 28.78 10.39 13.39
N LEU A 1490 28.06 10.47 12.28
CA LEU A 1490 28.10 11.64 11.40
C LEU A 1490 26.94 12.56 11.74
N ASN A 1491 27.24 13.85 11.88
CA ASN A 1491 26.23 14.84 12.24
C ASN A 1491 25.62 15.45 10.99
N ASN A 1492 24.38 15.93 11.14
CA ASN A 1492 23.52 16.38 10.04
C ASN A 1492 23.35 15.26 9.01
N PRO A 1493 22.80 14.09 9.40
CA PRO A 1493 22.62 13.02 8.42
C PRO A 1493 21.19 12.89 7.93
N LYS A 1494 20.99 12.85 6.61
CA LYS A 1494 19.67 12.68 6.02
C LYS A 1494 19.53 11.24 5.55
N PHE A 1495 18.55 10.52 6.10
CA PHE A 1495 18.53 9.06 6.03
C PHE A 1495 17.84 8.50 4.81
N ASN A 1496 17.40 9.34 3.87
CA ASN A 1496 17.05 8.86 2.54
C ASN A 1496 18.18 9.07 1.54
N ASP A 1497 19.30 9.61 1.99
CA ASP A 1497 20.48 9.81 1.15
C ASP A 1497 21.23 8.48 1.01
N PRO A 1498 21.41 7.97 -0.22
CA PRO A 1498 22.16 6.70 -0.37
C PRO A 1498 23.56 6.75 0.21
N HIS A 1499 24.16 7.92 0.35
CA HIS A 1499 25.56 7.99 0.77
C HIS A 1499 25.72 7.76 2.27
N VAL A 1500 24.86 8.34 3.10
CA VAL A 1500 24.91 8.03 4.52
C VAL A 1500 24.52 6.58 4.75
N LYS A 1501 23.64 6.04 3.90
CA LYS A 1501 23.31 4.62 3.99
C LYS A 1501 24.52 3.75 3.73
N THR A 1502 25.29 4.08 2.68
CA THR A 1502 26.48 3.31 2.38
C THR A 1502 27.55 3.48 3.46
N ASN A 1503 27.64 4.68 4.05
CA ASN A 1503 28.58 4.88 5.15
C ASN A 1503 28.21 4.03 6.36
N LEU A 1504 26.92 4.01 6.71
CA LEU A 1504 26.46 3.17 7.82
C LEU A 1504 26.70 1.70 7.53
N LEU A 1505 26.43 1.26 6.29
CA LEU A 1505 26.66 -0.13 5.92
C LEU A 1505 28.14 -0.48 6.01
N LEU A 1506 29.02 0.44 5.59
CA LEU A 1506 30.45 0.18 5.68
C LEU A 1506 30.92 0.10 7.13
N GLN A 1507 30.41 0.99 7.99
CA GLN A 1507 30.78 0.93 9.40
C GLN A 1507 30.27 -0.35 10.05
N ALA A 1508 29.06 -0.80 9.67
CA ALA A 1508 28.55 -2.06 10.21
C ALA A 1508 29.36 -3.25 9.71
N HIS A 1509 29.79 -3.21 8.45
CA HIS A 1509 30.59 -4.29 7.90
C HIS A 1509 31.95 -4.37 8.58
N LEU A 1510 32.62 -3.22 8.74
CA LEU A 1510 33.91 -3.22 9.42
C LEU A 1510 33.78 -3.71 10.86
N SER A 1511 32.66 -3.45 11.50
CA SER A 1511 32.41 -3.90 12.86
C SER A 1511 31.87 -5.33 12.92
N ARG A 1512 31.73 -5.99 11.77
CA ARG A 1512 31.22 -7.35 11.68
C ARG A 1512 29.82 -7.47 12.29
N MET A 1513 28.91 -6.66 11.75
CA MET A 1513 27.53 -6.61 12.20
C MET A 1513 26.63 -7.28 11.17
N GLN A 1514 25.74 -8.15 11.65
CA GLN A 1514 24.73 -8.77 10.80
C GLN A 1514 23.47 -7.91 10.80
N LEU A 1515 22.79 -7.87 9.66
CA LEU A 1515 21.61 -7.01 9.53
C LEU A 1515 20.65 -7.67 8.54
N SER A 1516 19.73 -6.86 8.00
CA SER A 1516 18.70 -7.33 7.09
C SER A 1516 19.30 -7.98 5.84
N ALA A 1517 18.48 -8.76 5.13
CA ALA A 1517 18.92 -9.43 3.92
C ALA A 1517 19.06 -8.46 2.76
N GLU A 1518 18.09 -7.57 2.58
CA GLU A 1518 18.21 -6.53 1.56
C GLU A 1518 19.41 -5.63 1.84
N LEU A 1519 19.60 -5.25 3.12
CA LEU A 1519 20.76 -4.44 3.45
C LEU A 1519 22.06 -5.21 3.25
N GLN A 1520 22.02 -6.54 3.41
CA GLN A 1520 23.20 -7.35 3.14
C GLN A 1520 23.52 -7.38 1.65
N SER A 1521 22.50 -7.54 0.80
CA SER A 1521 22.73 -7.47 -0.64
C SER A 1521 23.28 -6.11 -1.04
N ASP A 1522 22.78 -5.04 -0.41
CA ASP A 1522 23.30 -3.70 -0.68
C ASP A 1522 24.75 -3.58 -0.25
N THR A 1523 25.09 -4.13 0.92
CA THR A 1523 26.48 -4.12 1.37
C THR A 1523 27.39 -4.85 0.39
N GLU A 1524 26.92 -5.98 -0.14
CA GLU A 1524 27.68 -6.68 -1.17
C GLU A 1524 27.86 -5.81 -2.40
N GLU A 1525 26.79 -5.12 -2.82
CA GLU A 1525 26.84 -4.26 -3.99
C GLU A 1525 27.87 -3.14 -3.80
N ILE A 1526 27.97 -2.62 -2.59
CA ILE A 1526 28.94 -1.55 -2.31
C ILE A 1526 30.36 -2.11 -2.25
N LEU A 1527 30.55 -3.23 -1.57
CA LEU A 1527 31.86 -3.87 -1.47
C LEU A 1527 32.41 -4.29 -2.82
N SER A 1528 31.53 -4.52 -3.80
CA SER A 1528 32.02 -4.89 -5.13
C SER A 1528 32.96 -3.82 -5.70
N LYS A 1529 32.57 -2.55 -5.58
CA LYS A 1529 33.35 -1.44 -6.12
C LYS A 1529 34.18 -0.71 -5.08
N ALA A 1530 34.10 -1.12 -3.81
CA ALA A 1530 34.90 -0.49 -2.76
C ALA A 1530 36.39 -0.50 -3.10
N ILE A 1531 36.92 -1.65 -3.52
CA ILE A 1531 38.35 -1.74 -3.76
C ILE A 1531 38.75 -0.91 -4.98
N ARG A 1532 37.90 -0.90 -6.00
CA ARG A 1532 38.09 -0.03 -7.16
C ARG A 1532 38.25 1.42 -6.72
N LEU A 1533 37.30 1.88 -5.91
CA LEU A 1533 37.32 3.28 -5.47
C LEU A 1533 38.54 3.59 -4.61
N ILE A 1534 38.89 2.68 -3.70
CA ILE A 1534 40.02 2.98 -2.81
C ILE A 1534 41.34 2.94 -3.58
N GLN A 1535 41.43 2.13 -4.64
CA GLN A 1535 42.63 2.16 -5.47
C GLN A 1535 42.71 3.47 -6.25
N ALA A 1536 41.59 3.95 -6.78
CA ALA A 1536 41.59 5.28 -7.41
C ALA A 1536 42.01 6.35 -6.41
N CYS A 1537 41.56 6.23 -5.16
CA CYS A 1537 41.94 7.21 -4.15
C CYS A 1537 43.43 7.15 -3.85
N VAL A 1538 43.99 5.94 -3.74
CA VAL A 1538 45.43 5.80 -3.55
C VAL A 1538 46.17 6.48 -4.71
N ASP A 1539 45.70 6.30 -5.94
CA ASP A 1539 46.39 6.87 -7.08
C ASP A 1539 46.36 8.39 -7.05
N VAL A 1540 45.20 8.99 -6.77
CA VAL A 1540 45.16 10.45 -6.74
C VAL A 1540 45.94 11.00 -5.55
N LEU A 1541 45.94 10.28 -4.42
CA LEU A 1541 46.73 10.70 -3.27
C LEU A 1541 48.22 10.64 -3.57
N SER A 1542 48.64 9.70 -4.41
CA SER A 1542 50.02 9.65 -4.85
C SER A 1542 50.33 10.80 -5.81
N SER A 1543 49.43 11.03 -6.77
CA SER A 1543 49.64 12.10 -7.75
C SER A 1543 49.71 13.47 -7.09
N ASN A 1544 49.07 13.63 -5.93
CA ASN A 1544 49.17 14.88 -5.19
C ASN A 1544 50.28 14.87 -4.13
N GLY A 1545 50.82 13.70 -3.79
CA GLY A 1545 52.05 13.64 -3.02
C GLY A 1545 51.92 13.50 -1.52
N TRP A 1546 50.72 13.24 -1.00
CA TRP A 1546 50.53 13.13 0.43
C TRP A 1546 50.70 11.69 0.89
N LEU A 1547 51.40 11.50 2.01
CA LEU A 1547 51.94 10.20 2.38
C LEU A 1547 51.00 9.47 3.33
N SER A 1548 50.92 9.91 4.58
CA SER A 1548 50.02 9.29 5.54
C SER A 1548 48.58 9.15 5.04
N PRO A 1549 48.02 10.07 4.23
CA PRO A 1549 46.70 9.76 3.67
C PRO A 1549 46.68 8.48 2.83
N ALA A 1550 47.68 8.30 1.96
CA ALA A 1550 47.71 7.10 1.13
C ALA A 1550 47.99 5.84 1.96
N LEU A 1551 48.80 5.97 3.01
CA LEU A 1551 49.00 4.82 3.90
C LEU A 1551 47.69 4.43 4.58
N ALA A 1552 46.95 5.42 5.08
CA ALA A 1552 45.63 5.13 5.66
C ALA A 1552 44.68 4.57 4.62
N ALA A 1553 44.85 4.95 3.35
CA ALA A 1553 43.97 4.43 2.30
C ALA A 1553 44.26 2.96 2.02
N MET A 1554 45.54 2.57 1.98
CA MET A 1554 45.88 1.16 1.87
C MET A 1554 45.38 0.39 3.09
N GLU A 1555 45.50 0.98 4.27
CA GLU A 1555 44.95 0.38 5.49
C GLU A 1555 43.44 0.19 5.36
N LEU A 1556 42.74 1.17 4.79
CA LEU A 1556 41.30 1.05 4.58
C LEU A 1556 40.96 -0.06 3.60
N ALA A 1557 41.78 -0.22 2.55
CA ALA A 1557 41.58 -1.33 1.62
C ALA A 1557 41.66 -2.66 2.35
N GLN A 1558 42.76 -2.89 3.06
CA GLN A 1558 42.90 -4.15 3.78
C GLN A 1558 41.92 -4.27 4.94
N MET A 1559 41.31 -3.17 5.38
CA MET A 1559 40.26 -3.23 6.40
C MET A 1559 38.95 -3.70 5.79
N VAL A 1560 38.54 -3.11 4.67
CA VAL A 1560 37.29 -3.53 4.04
C VAL A 1560 37.39 -4.93 3.47
N THR A 1561 38.60 -5.44 3.24
CA THR A 1561 38.73 -6.82 2.76
C THR A 1561 38.12 -7.81 3.74
N GLN A 1562 38.63 -7.84 4.98
CA GLN A 1562 38.25 -8.87 5.94
C GLN A 1562 37.54 -8.31 7.16
N ALA A 1563 36.87 -7.16 7.00
CA ALA A 1563 35.95 -6.63 8.01
C ALA A 1563 36.64 -6.47 9.37
N MET A 1564 37.73 -5.71 9.37
CA MET A 1564 38.45 -5.38 10.59
C MET A 1564 38.56 -3.87 10.71
N TRP A 1565 38.30 -3.34 11.90
CA TRP A 1565 38.53 -1.93 12.11
C TRP A 1565 40.02 -1.66 12.23
N SER A 1566 40.38 -0.38 12.25
CA SER A 1566 41.78 0.01 12.18
C SER A 1566 42.57 -0.44 13.41
N LYS A 1567 41.94 -0.47 14.58
CA LYS A 1567 42.67 -0.71 15.82
C LYS A 1567 42.19 -1.95 16.58
N ASP A 1568 41.60 -2.92 15.89
CA ASP A 1568 41.27 -4.18 16.52
C ASP A 1568 42.41 -5.17 16.31
N SER A 1569 42.40 -6.24 17.12
CA SER A 1569 43.48 -7.21 17.09
C SER A 1569 43.56 -7.90 15.73
N TYR A 1570 44.78 -8.15 15.27
CA TYR A 1570 44.97 -8.86 14.01
C TYR A 1570 44.42 -10.29 14.10
N LEU A 1571 44.40 -10.87 15.29
CA LEU A 1571 43.87 -12.21 15.49
C LEU A 1571 42.42 -12.33 15.03
N LYS A 1572 41.70 -11.22 14.91
CA LYS A 1572 40.33 -11.23 14.42
C LYS A 1572 40.22 -11.64 12.95
N GLN A 1573 41.34 -11.79 12.23
CA GLN A 1573 41.23 -12.09 10.82
C GLN A 1573 41.19 -13.59 10.52
N LEU A 1574 41.68 -14.43 11.41
CA LEU A 1574 41.60 -15.86 11.12
C LEU A 1574 40.21 -16.39 11.46
N PRO A 1575 39.68 -17.32 10.67
CA PRO A 1575 38.28 -17.70 10.80
C PRO A 1575 38.01 -18.54 12.04
N HIS A 1576 36.72 -18.76 12.29
CA HIS A 1576 36.23 -19.54 13.44
C HIS A 1576 36.75 -18.95 14.75
N PHE A 1577 36.45 -17.67 14.96
CA PHE A 1577 37.06 -16.93 16.05
C PHE A 1577 36.10 -15.89 16.59
N THR A 1578 35.96 -15.85 17.91
CA THR A 1578 35.22 -14.81 18.62
C THR A 1578 36.14 -14.13 19.63
N SER A 1579 35.63 -13.06 20.24
CA SER A 1579 36.49 -12.15 21.00
C SER A 1579 36.98 -12.74 22.32
N GLU A 1580 36.38 -13.83 22.81
CA GLU A 1580 36.80 -14.35 24.11
C GLU A 1580 38.21 -14.92 24.04
N HIS A 1581 38.53 -15.66 22.98
CA HIS A 1581 39.87 -16.22 22.88
C HIS A 1581 40.90 -15.15 22.55
N ILE A 1582 40.54 -14.10 21.79
CA ILE A 1582 41.50 -13.02 21.60
C ILE A 1582 41.75 -12.29 22.91
N LYS A 1583 40.73 -12.18 23.78
CA LYS A 1583 40.95 -11.61 25.10
C LYS A 1583 41.93 -12.45 25.90
N ARG A 1584 41.68 -13.76 25.95
CA ARG A 1584 42.60 -14.66 26.66
C ARG A 1584 44.02 -14.54 26.12
N CYS A 1585 44.18 -14.54 24.79
CA CYS A 1585 45.51 -14.53 24.20
C CYS A 1585 46.23 -13.21 24.44
N THR A 1586 45.57 -12.08 24.15
CA THR A 1586 46.20 -10.78 24.34
C THR A 1586 46.45 -10.46 25.80
N ASP A 1587 45.71 -11.09 26.73
CA ASP A 1587 46.04 -10.94 28.14
C ASP A 1587 47.19 -11.85 28.55
N LYS A 1588 47.34 -13.00 27.88
CA LYS A 1588 48.38 -13.96 28.25
C LYS A 1588 49.65 -13.82 27.43
N GLY A 1589 49.64 -13.04 26.35
CA GLY A 1589 50.88 -12.80 25.62
C GLY A 1589 50.78 -12.90 24.11
N VAL A 1590 49.78 -13.62 23.61
CA VAL A 1590 49.61 -13.81 22.17
C VAL A 1590 48.87 -12.60 21.61
N GLU A 1591 49.59 -11.76 20.85
CA GLU A 1591 49.02 -10.54 20.29
C GLU A 1591 48.96 -10.53 18.78
N SER A 1592 49.61 -11.46 18.09
CA SER A 1592 49.68 -11.44 16.63
C SER A 1592 49.65 -12.86 16.09
N VAL A 1593 49.43 -12.96 14.78
CA VAL A 1593 49.38 -14.25 14.10
C VAL A 1593 50.76 -14.88 14.04
N PHE A 1594 51.82 -14.06 14.09
CA PHE A 1594 53.17 -14.61 14.13
C PHE A 1594 53.41 -15.39 15.42
N ASP A 1595 52.87 -14.89 16.54
CA ASP A 1595 52.90 -15.67 17.77
C ASP A 1595 52.12 -16.97 17.62
N ILE A 1596 51.09 -16.99 16.78
CA ILE A 1596 50.30 -18.19 16.59
C ILE A 1596 51.08 -19.24 15.81
N MET A 1597 51.70 -18.83 14.69
CA MET A 1597 52.44 -19.78 13.87
C MET A 1597 53.85 -20.04 14.39
N GLU A 1598 54.30 -19.33 15.43
CA GLU A 1598 55.58 -19.64 16.05
C GLU A 1598 55.46 -20.71 17.12
N MET A 1599 54.30 -20.81 17.77
CA MET A 1599 54.10 -21.81 18.81
C MET A 1599 54.20 -23.22 18.26
N GLU A 1600 54.57 -24.16 19.13
CA GLU A 1600 54.50 -25.56 18.78
C GLU A 1600 53.04 -25.99 18.60
N ASP A 1601 52.86 -27.16 17.97
CA ASP A 1601 51.52 -27.55 17.55
C ASP A 1601 50.60 -27.78 18.75
N GLU A 1602 51.09 -28.50 19.76
CA GLU A 1602 50.21 -28.90 20.86
C GLU A 1602 49.90 -27.74 21.80
N GLU A 1603 50.88 -26.88 22.09
CA GLU A 1603 50.61 -25.73 22.94
C GLU A 1603 49.64 -24.75 22.28
N ARG A 1604 49.70 -24.62 20.96
CA ARG A 1604 48.74 -23.79 20.25
C ARG A 1604 47.37 -24.45 20.22
N ASN A 1605 47.32 -25.75 19.90
CA ASN A 1605 46.06 -26.47 19.87
C ASN A 1605 45.37 -26.47 21.22
N ALA A 1606 46.16 -26.55 22.31
CA ALA A 1606 45.58 -26.41 23.64
C ALA A 1606 45.14 -24.97 23.88
N LEU A 1607 45.93 -23.99 23.42
CA LEU A 1607 45.51 -22.60 23.50
C LEU A 1607 44.28 -22.34 22.64
N LEU A 1608 44.13 -23.08 21.54
CA LEU A 1608 42.93 -22.96 20.71
C LEU A 1608 41.70 -23.40 21.50
N GLN A 1609 41.74 -24.61 22.07
CA GLN A 1609 40.58 -25.23 22.70
C GLN A 1609 39.41 -25.24 21.72
N LEU A 1610 39.66 -25.78 20.53
CA LEU A 1610 38.71 -25.77 19.43
C LEU A 1610 38.60 -27.16 18.82
N THR A 1611 37.62 -27.33 17.94
CA THR A 1611 37.38 -28.63 17.33
C THR A 1611 38.40 -28.89 16.22
N ASP A 1612 38.43 -30.13 15.74
CA ASP A 1612 39.43 -30.54 14.76
C ASP A 1612 39.20 -29.91 13.40
N SER A 1613 37.95 -29.58 13.08
CA SER A 1613 37.69 -28.83 11.85
C SER A 1613 38.03 -27.35 12.02
N GLN A 1614 37.98 -26.84 13.25
CA GLN A 1614 38.36 -25.45 13.49
C GLN A 1614 39.87 -25.26 13.32
N ILE A 1615 40.67 -26.18 13.86
CA ILE A 1615 42.12 -26.06 13.71
C ILE A 1615 42.51 -26.23 12.24
N ALA A 1616 41.81 -27.09 11.51
CA ALA A 1616 42.10 -27.27 10.09
C ALA A 1616 41.76 -26.02 9.29
N ASP A 1617 40.71 -25.30 9.69
CA ASP A 1617 40.33 -24.06 9.02
C ASP A 1617 41.18 -22.88 9.48
N VAL A 1618 41.79 -22.97 10.67
CA VAL A 1618 42.70 -21.93 11.11
C VAL A 1618 44.05 -22.07 10.41
N ALA A 1619 44.50 -23.31 10.21
CA ALA A 1619 45.79 -23.53 9.58
C ALA A 1619 45.82 -23.05 8.14
N ARG A 1620 44.71 -23.18 7.41
CA ARG A 1620 44.70 -22.74 6.02
C ARG A 1620 44.87 -21.22 5.91
N PHE A 1621 44.26 -20.46 6.82
CA PHE A 1621 44.43 -19.02 6.80
C PHE A 1621 45.81 -18.61 7.31
N CYS A 1622 46.37 -19.38 8.25
CA CYS A 1622 47.72 -19.10 8.71
C CYS A 1622 48.77 -19.46 7.66
N ASN A 1623 48.43 -20.35 6.73
CA ASN A 1623 49.34 -20.69 5.64
C ASN A 1623 49.18 -19.75 4.45
N ARG A 1624 47.95 -19.35 4.12
CA ARG A 1624 47.76 -18.38 3.06
C ARG A 1624 48.32 -17.02 3.43
N TYR A 1625 48.57 -16.78 4.70
CA TYR A 1625 49.15 -15.52 5.17
C TYR A 1625 50.50 -15.28 4.48
N PRO A 1626 50.67 -14.17 3.77
CA PRO A 1626 51.92 -13.95 3.04
C PRO A 1626 53.10 -13.77 3.99
N ASN A 1627 54.16 -14.52 3.74
CA ASN A 1627 55.40 -14.42 4.49
C ASN A 1627 56.49 -13.98 3.51
N ILE A 1628 56.76 -12.67 3.46
CA ILE A 1628 57.66 -12.08 2.49
C ILE A 1628 58.80 -11.39 3.22
N GLU A 1629 60.02 -11.60 2.74
CA GLU A 1629 61.18 -10.84 3.16
C GLU A 1629 61.57 -9.88 2.04
N LEU A 1630 62.01 -8.68 2.42
CA LEU A 1630 62.23 -7.58 1.51
C LEU A 1630 63.72 -7.41 1.25
N SER A 1631 64.08 -7.00 0.02
CA SER A 1631 65.45 -6.62 -0.28
C SER A 1631 65.43 -5.33 -1.07
N TYR A 1632 66.06 -4.29 -0.52
CA TYR A 1632 66.08 -2.97 -1.16
C TYR A 1632 67.51 -2.48 -1.30
N GLU A 1633 67.84 -1.95 -2.48
CA GLU A 1633 69.17 -1.41 -2.73
C GLU A 1633 69.06 -0.10 -3.48
N VAL A 1634 69.77 0.92 -3.00
CA VAL A 1634 69.89 2.19 -3.71
C VAL A 1634 71.06 2.06 -4.68
N VAL A 1635 70.74 1.94 -5.98
CA VAL A 1635 71.75 1.71 -7.00
C VAL A 1635 72.66 2.92 -7.10
N ASP A 1636 73.98 2.66 -7.09
CA ASP A 1636 75.00 3.70 -7.14
C ASP A 1636 74.81 4.70 -5.98
N LYS A 1637 74.79 4.15 -4.77
CA LYS A 1637 74.65 4.98 -3.58
C LYS A 1637 75.80 5.98 -3.48
N ASP A 1638 77.02 5.54 -3.74
CA ASP A 1638 78.18 6.43 -3.68
C ASP A 1638 78.14 7.52 -4.74
N SER A 1639 77.23 7.41 -5.70
CA SER A 1639 77.16 8.34 -6.84
C SER A 1639 75.89 9.17 -6.80
N ILE A 1640 75.68 9.90 -5.71
CA ILE A 1640 74.42 10.63 -5.51
C ILE A 1640 74.73 12.04 -5.06
N ARG A 1641 74.17 13.02 -5.77
CA ARG A 1641 74.23 14.42 -5.35
C ARG A 1641 72.89 15.06 -5.72
N SER A 1642 72.82 16.38 -5.53
CA SER A 1642 71.55 17.08 -5.73
C SER A 1642 71.09 17.01 -7.20
N GLY A 1643 69.80 16.76 -7.39
CA GLY A 1643 69.20 16.77 -8.70
C GLY A 1643 69.34 15.51 -9.51
N GLY A 1644 70.20 14.58 -9.11
CA GLY A 1644 70.44 13.37 -9.86
C GLY A 1644 69.37 12.32 -9.63
N PRO A 1645 69.01 11.61 -10.70
CA PRO A 1645 68.09 10.48 -10.56
C PRO A 1645 68.60 9.47 -9.53
N VAL A 1646 67.70 9.03 -8.65
CA VAL A 1646 67.99 8.03 -7.63
C VAL A 1646 67.09 6.82 -7.91
N VAL A 1647 67.68 5.64 -7.94
CA VAL A 1647 66.97 4.43 -8.34
C VAL A 1647 67.08 3.42 -7.21
N VAL A 1648 65.94 3.14 -6.56
CA VAL A 1648 65.86 2.10 -5.54
C VAL A 1648 65.23 0.86 -6.16
N LEU A 1649 65.92 -0.26 -6.06
CA LEU A 1649 65.43 -1.54 -6.56
C LEU A 1649 64.97 -2.40 -5.39
N VAL A 1650 63.83 -3.08 -5.58
CA VAL A 1650 63.20 -3.88 -4.55
C VAL A 1650 62.96 -5.28 -5.09
N GLN A 1651 63.21 -6.29 -4.26
CA GLN A 1651 62.99 -7.68 -4.63
C GLN A 1651 62.29 -8.41 -3.49
N LEU A 1652 61.41 -9.34 -3.89
CA LEU A 1652 60.49 -10.04 -3.00
C LEU A 1652 60.47 -11.52 -3.34
N GLU A 1653 60.48 -12.34 -2.28
CA GLU A 1653 60.38 -13.79 -2.38
C GLU A 1653 59.18 -14.26 -1.59
N ARG A 1654 58.44 -15.22 -2.15
CA ARG A 1654 57.35 -15.90 -1.46
C ARG A 1654 57.66 -17.39 -1.42
N GLU A 1655 57.74 -17.94 -0.21
CA GLU A 1655 58.16 -19.33 -0.04
C GLU A 1655 57.23 -20.28 -0.78
N GLU A 1656 55.92 -20.14 -0.57
CA GLU A 1656 54.95 -20.99 -1.22
C GLU A 1656 54.54 -20.40 -2.57
N GLU A 1657 53.97 -21.26 -3.42
CA GLU A 1657 53.50 -20.85 -4.73
C GLU A 1657 52.08 -20.31 -4.61
N VAL A 1658 51.43 -20.09 -5.76
CA VAL A 1658 50.05 -19.62 -5.77
C VAL A 1658 49.14 -20.76 -5.31
N THR A 1659 48.99 -20.92 -3.99
CA THR A 1659 48.16 -22.00 -3.46
C THR A 1659 46.68 -21.75 -3.76
N GLY A 1660 46.25 -20.49 -3.66
CA GLY A 1660 44.88 -20.13 -3.95
C GLY A 1660 44.66 -18.64 -3.89
N PRO A 1661 43.42 -18.20 -4.11
CA PRO A 1661 43.13 -16.77 -4.08
C PRO A 1661 43.16 -16.21 -2.67
N VAL A 1662 42.94 -14.90 -2.55
CA VAL A 1662 42.93 -14.26 -1.24
C VAL A 1662 41.73 -14.77 -0.44
N ILE A 1663 41.98 -15.18 0.79
CA ILE A 1663 40.94 -15.74 1.65
C ILE A 1663 40.24 -14.59 2.37
N ALA A 1664 38.97 -14.37 2.01
CA ALA A 1664 38.16 -13.33 2.65
C ALA A 1664 36.70 -13.75 2.61
N PRO A 1665 36.21 -14.45 3.63
CA PRO A 1665 34.82 -14.90 3.59
C PRO A 1665 33.82 -13.75 3.59
N LEU A 1666 34.12 -12.65 4.28
CA LEU A 1666 33.24 -11.49 4.31
C LEU A 1666 33.36 -10.61 3.07
N PHE A 1667 34.14 -11.03 2.08
CA PHE A 1667 34.22 -10.32 0.81
C PHE A 1667 33.66 -11.20 -0.29
N PRO A 1668 32.72 -10.68 -1.10
CA PRO A 1668 32.01 -11.58 -2.03
C PRO A 1668 32.87 -12.09 -3.17
N GLN A 1669 33.67 -11.21 -3.78
CA GLN A 1669 34.49 -11.60 -4.92
C GLN A 1669 35.82 -12.16 -4.42
N LYS A 1670 36.26 -13.24 -5.04
CA LYS A 1670 37.54 -13.85 -4.73
C LYS A 1670 38.65 -12.98 -5.31
N ARG A 1671 39.37 -12.28 -4.44
CA ARG A 1671 40.42 -11.37 -4.87
C ARG A 1671 41.77 -12.08 -4.89
N GLU A 1672 42.77 -11.40 -5.46
CA GLU A 1672 44.13 -11.89 -5.51
C GLU A 1672 45.05 -10.82 -4.92
N GLU A 1673 46.21 -11.28 -4.45
CA GLU A 1673 47.15 -10.41 -3.75
C GLU A 1673 47.57 -9.23 -4.61
N GLY A 1674 47.26 -8.03 -4.14
CA GLY A 1674 47.80 -6.82 -4.72
C GLY A 1674 48.69 -6.11 -3.71
N TRP A 1675 49.92 -5.75 -4.10
CA TRP A 1675 50.85 -5.18 -3.16
C TRP A 1675 51.29 -3.79 -3.62
N TRP A 1676 51.71 -2.98 -2.65
CA TRP A 1676 52.15 -1.62 -2.89
C TRP A 1676 53.53 -1.42 -2.28
N VAL A 1677 54.45 -0.82 -3.04
CA VAL A 1677 55.75 -0.42 -2.55
C VAL A 1677 55.82 1.10 -2.60
N VAL A 1678 56.37 1.70 -1.55
CA VAL A 1678 56.27 3.13 -1.31
C VAL A 1678 57.62 3.65 -0.82
N ILE A 1679 58.03 4.81 -1.34
CA ILE A 1679 59.15 5.57 -0.80
C ILE A 1679 58.59 6.88 -0.25
N GLY A 1680 58.87 7.17 1.01
CA GLY A 1680 58.28 8.34 1.65
C GLY A 1680 59.25 9.02 2.58
N ASP A 1681 58.98 10.32 2.80
CA ASP A 1681 59.69 11.10 3.81
C ASP A 1681 58.72 11.29 4.98
N ALA A 1682 59.06 10.67 6.12
CA ALA A 1682 58.15 10.67 7.26
C ALA A 1682 57.96 12.05 7.87
N LYS A 1683 58.85 13.00 7.57
CA LYS A 1683 58.72 14.35 8.12
C LYS A 1683 57.93 15.26 7.19
N SER A 1684 58.32 15.33 5.93
CA SER A 1684 57.61 16.20 4.98
C SER A 1684 56.24 15.65 4.61
N ASN A 1685 55.87 14.46 5.10
CA ASN A 1685 54.64 13.78 4.70
C ASN A 1685 54.57 13.70 3.18
N SER A 1686 55.70 13.38 2.56
CA SER A 1686 55.85 13.42 1.11
C SER A 1686 56.03 12.02 0.56
N LEU A 1687 55.17 11.65 -0.39
CA LEU A 1687 55.25 10.38 -1.09
C LEU A 1687 56.03 10.61 -2.38
N ILE A 1688 57.23 10.04 -2.46
CA ILE A 1688 58.11 10.29 -3.61
C ILE A 1688 57.80 9.35 -4.76
N SER A 1689 57.85 8.04 -4.51
CA SER A 1689 57.57 7.06 -5.55
C SER A 1689 56.74 5.92 -4.96
N ILE A 1690 56.03 5.23 -5.85
CA ILE A 1690 55.10 4.19 -5.43
C ILE A 1690 54.83 3.29 -6.63
N LYS A 1691 54.59 2.02 -6.36
CA LYS A 1691 54.26 1.07 -7.42
C LYS A 1691 53.40 -0.06 -6.89
N ARG A 1692 52.31 -0.36 -7.60
CA ARG A 1692 51.46 -1.50 -7.31
C ARG A 1692 51.88 -2.68 -8.16
N LEU A 1693 51.88 -3.87 -7.56
CA LEU A 1693 52.38 -5.06 -8.22
C LEU A 1693 51.53 -6.27 -7.86
N THR A 1694 51.60 -7.27 -8.72
CA THR A 1694 51.03 -8.60 -8.48
C THR A 1694 52.18 -9.58 -8.38
N LEU A 1695 52.25 -10.32 -7.27
CA LEU A 1695 53.41 -11.12 -6.91
C LEU A 1695 53.12 -12.61 -7.10
N GLN A 1696 54.03 -13.30 -7.77
CA GLN A 1696 54.03 -14.76 -7.85
C GLN A 1696 55.45 -15.21 -7.49
N GLN A 1697 55.67 -15.49 -6.20
CA GLN A 1697 56.96 -15.92 -5.68
C GLN A 1697 58.05 -14.87 -5.88
N LYS A 1698 58.47 -14.65 -7.11
CA LYS A 1698 59.61 -13.79 -7.42
C LYS A 1698 59.14 -12.41 -7.88
N ALA A 1699 59.79 -11.37 -7.37
CA ALA A 1699 59.46 -10.00 -7.78
C ALA A 1699 60.71 -9.23 -8.17
N LYS A 1700 60.53 -8.21 -9.00
CA LYS A 1700 61.60 -7.29 -9.40
C LYS A 1700 60.96 -5.93 -9.65
N VAL A 1701 61.21 -4.96 -8.76
CA VAL A 1701 60.56 -3.66 -8.81
C VAL A 1701 61.63 -2.58 -8.85
N LYS A 1702 61.36 -1.51 -9.60
CA LYS A 1702 62.24 -0.37 -9.74
C LYS A 1702 61.50 0.89 -9.34
N LEU A 1703 62.20 1.82 -8.70
CA LEU A 1703 61.60 3.09 -8.28
C LEU A 1703 62.61 4.21 -8.55
N ASP A 1704 62.28 5.09 -9.49
CA ASP A 1704 63.14 6.20 -9.87
C ASP A 1704 62.54 7.51 -9.37
N PHE A 1705 63.36 8.33 -8.71
CA PHE A 1705 62.92 9.62 -8.21
C PHE A 1705 64.12 10.54 -8.08
N VAL A 1706 63.92 11.83 -8.38
CA VAL A 1706 64.99 12.82 -8.33
C VAL A 1706 65.41 13.05 -6.89
N ALA A 1707 66.48 13.82 -6.69
CA ALA A 1707 66.97 14.06 -5.35
C ALA A 1707 67.04 15.56 -5.05
N PRO A 1708 66.88 15.96 -3.80
CA PRO A 1708 67.07 17.36 -3.44
C PRO A 1708 68.50 17.68 -3.03
N ALA A 1709 68.72 18.79 -2.33
CA ALA A 1709 70.06 19.19 -1.94
C ALA A 1709 70.58 18.27 -0.84
N THR A 1710 71.85 18.47 -0.49
CA THR A 1710 72.50 17.62 0.51
C THR A 1710 71.96 17.93 1.91
N GLY A 1711 71.56 16.89 2.63
CA GLY A 1711 71.05 17.06 3.97
C GLY A 1711 70.72 15.71 4.58
N ALA A 1712 70.18 15.76 5.80
CA ALA A 1712 69.78 14.56 6.53
C ALA A 1712 68.48 14.03 5.92
N HIS A 1713 68.62 13.34 4.79
CA HIS A 1713 67.47 12.83 4.04
C HIS A 1713 67.20 11.40 4.46
N ASN A 1714 66.53 11.25 5.60
CA ASN A 1714 66.13 9.94 6.12
C ASN A 1714 64.79 9.57 5.52
N TYR A 1715 64.77 8.50 4.72
CA TYR A 1715 63.57 8.05 4.03
C TYR A 1715 63.07 6.76 4.66
N THR A 1716 61.82 6.42 4.34
CA THR A 1716 61.19 5.18 4.76
C THR A 1716 60.67 4.46 3.51
N LEU A 1717 60.80 3.14 3.53
CA LEU A 1717 60.31 2.25 2.48
C LEU A 1717 59.18 1.43 3.06
N TYR A 1718 58.00 1.53 2.45
CA TYR A 1718 56.78 0.89 2.93
C TYR A 1718 56.37 -0.22 1.99
N PHE A 1719 55.99 -1.35 2.57
CA PHE A 1719 55.43 -2.50 1.84
C PHE A 1719 54.03 -2.73 2.39
N MET A 1720 53.01 -2.33 1.64
CA MET A 1720 51.63 -2.42 2.08
C MET A 1720 50.86 -3.42 1.24
N SER A 1721 49.81 -3.97 1.82
CA SER A 1721 48.93 -4.91 1.14
C SER A 1721 47.56 -4.28 0.93
N ASP A 1722 46.85 -4.79 -0.08
CA ASP A 1722 45.47 -4.40 -0.32
C ASP A 1722 44.49 -5.46 0.14
N ALA A 1723 44.95 -6.46 0.89
CA ALA A 1723 44.11 -7.59 1.24
C ALA A 1723 44.17 -7.94 2.72
N TYR A 1724 45.36 -8.22 3.24
CA TYR A 1724 45.50 -8.72 4.60
C TYR A 1724 46.06 -7.65 5.52
N MET A 1725 45.80 -7.82 6.82
CA MET A 1725 46.24 -6.90 7.87
C MET A 1725 47.40 -7.53 8.62
N GLY A 1726 48.52 -6.82 8.72
CA GLY A 1726 49.65 -7.26 9.51
C GLY A 1726 50.81 -7.82 8.73
N CYS A 1727 50.71 -7.95 7.41
CA CYS A 1727 51.82 -8.40 6.57
C CYS A 1727 52.47 -7.23 5.84
N ASP A 1728 52.55 -6.07 6.49
CA ASP A 1728 53.12 -4.86 5.92
C ASP A 1728 54.41 -4.51 6.64
N GLN A 1729 55.39 -4.02 5.88
CA GLN A 1729 56.72 -3.78 6.40
C GLN A 1729 57.11 -2.31 6.27
N GLU A 1730 57.98 -1.86 7.16
CA GLU A 1730 58.44 -0.48 7.21
C GLU A 1730 59.94 -0.48 7.49
N TYR A 1731 60.74 -0.03 6.53
CA TYR A 1731 62.20 -0.06 6.64
C TYR A 1731 62.75 1.34 6.47
N LYS A 1732 63.45 1.83 7.50
CA LYS A 1732 64.08 3.14 7.43
C LYS A 1732 65.46 3.03 6.78
N PHE A 1733 65.83 4.05 6.01
CA PHE A 1733 67.15 4.10 5.41
C PHE A 1733 67.49 5.57 5.15
N SER A 1734 68.70 5.80 4.62
CA SER A 1734 69.19 7.15 4.40
C SER A 1734 70.00 7.21 3.12
N VAL A 1735 69.90 8.34 2.42
CA VAL A 1735 70.63 8.58 1.17
C VAL A 1735 70.98 10.06 1.10
N ASP A 1736 72.24 10.34 0.76
CA ASP A 1736 72.69 11.73 0.61
C ASP A 1736 73.46 11.93 -0.68
#